data_1AOT
# 
_entry.id   1AOT 
# 
_audit_conform.dict_name       mmcif_pdbx.dic 
_audit_conform.dict_version    5.397 
_audit_conform.dict_location   http://mmcif.pdb.org/dictionaries/ascii/mmcif_pdbx.dic 
# 
loop_
_database_2.database_id 
_database_2.database_code 
_database_2.pdbx_database_accession 
_database_2.pdbx_DOI 
PDB   1AOT         pdb_00001aot 10.2210/pdb1aot/pdb 
WWPDB D_1000171074 ?            ?                   
# 
loop_
_pdbx_audit_revision_history.ordinal 
_pdbx_audit_revision_history.data_content_type 
_pdbx_audit_revision_history.major_revision 
_pdbx_audit_revision_history.minor_revision 
_pdbx_audit_revision_history.revision_date 
1 'Structure model' 1 0 1998-01-14 
2 'Structure model' 1 1 2008-03-24 
3 'Structure model' 1 2 2011-07-13 
4 'Structure model' 1 3 2021-11-03 
5 'Structure model' 1 4 2024-10-23 
# 
_pdbx_audit_revision_details.ordinal             1 
_pdbx_audit_revision_details.revision_ordinal    1 
_pdbx_audit_revision_details.data_content_type   'Structure model' 
_pdbx_audit_revision_details.provider            repository 
_pdbx_audit_revision_details.type                'Initial release' 
_pdbx_audit_revision_details.description         ? 
_pdbx_audit_revision_details.details             ? 
# 
loop_
_pdbx_audit_revision_group.ordinal 
_pdbx_audit_revision_group.revision_ordinal 
_pdbx_audit_revision_group.data_content_type 
_pdbx_audit_revision_group.group 
1 2 'Structure model' 'Version format compliance' 
2 3 'Structure model' 'Version format compliance' 
3 4 'Structure model' 'Database references'       
4 4 'Structure model' 'Derived calculations'      
5 4 'Structure model' Other                       
6 5 'Structure model' 'Data collection'           
7 5 'Structure model' 'Structure summary'         
# 
loop_
_pdbx_audit_revision_category.ordinal 
_pdbx_audit_revision_category.revision_ordinal 
_pdbx_audit_revision_category.data_content_type 
_pdbx_audit_revision_category.category 
1  4 'Structure model' database_2                
2  4 'Structure model' pdbx_database_related     
3  4 'Structure model' pdbx_database_status      
4  4 'Structure model' pdbx_struct_assembly      
5  4 'Structure model' pdbx_struct_oper_list     
6  4 'Structure model' struct_conn               
7  4 'Structure model' struct_ref_seq_dif        
8  5 'Structure model' chem_comp_atom            
9  5 'Structure model' chem_comp_bond            
10 5 'Structure model' pdbx_entry_details        
11 5 'Structure model' pdbx_modification_feature 
# 
loop_
_pdbx_audit_revision_item.ordinal 
_pdbx_audit_revision_item.revision_ordinal 
_pdbx_audit_revision_item.data_content_type 
_pdbx_audit_revision_item.item 
1  4 'Structure model' '_database_2.pdbx_DOI'                
2  4 'Structure model' '_database_2.pdbx_database_accession' 
3  4 'Structure model' '_pdbx_database_related.content_type' 
4  4 'Structure model' '_pdbx_database_related.details'      
5  4 'Structure model' '_pdbx_database_status.process_site'  
6  4 'Structure model' '_struct_conn.pdbx_leaving_atom_flag' 
7  4 'Structure model' '_struct_conn.ptnr1_auth_comp_id'     
8  4 'Structure model' '_struct_conn.ptnr1_auth_seq_id'      
9  4 'Structure model' '_struct_conn.ptnr1_label_atom_id'    
10 4 'Structure model' '_struct_conn.ptnr1_label_comp_id'    
11 4 'Structure model' '_struct_conn.ptnr1_label_seq_id'     
12 4 'Structure model' '_struct_conn.ptnr2_auth_comp_id'     
13 4 'Structure model' '_struct_conn.ptnr2_auth_seq_id'      
14 4 'Structure model' '_struct_conn.ptnr2_label_atom_id'    
15 4 'Structure model' '_struct_conn.ptnr2_label_comp_id'    
16 4 'Structure model' '_struct_conn.ptnr2_label_seq_id'     
17 4 'Structure model' '_struct_ref_seq_dif.details'         
# 
_pdbx_database_status.status_code                     REL 
_pdbx_database_status.entry_id                        1AOT 
_pdbx_database_status.recvd_initial_deposition_date   1997-07-10 
_pdbx_database_status.deposit_site                    ? 
_pdbx_database_status.process_site                    BNL 
_pdbx_database_status.status_code_sf                  ? 
_pdbx_database_status.status_code_mr                  REL 
_pdbx_database_status.SG_entry                        ? 
_pdbx_database_status.pdb_format_compatible           Y 
_pdbx_database_status.status_code_cs                  ? 
_pdbx_database_status.methods_development_category    ? 
_pdbx_database_status.status_code_nmr_data            ? 
# 
_pdbx_database_related.db_name        PDB 
_pdbx_database_related.db_id          1AOU 
_pdbx_database_related.details        ensemble 
_pdbx_database_related.content_type   unspecified 
# 
loop_
_audit_author.name 
_audit_author.pdbx_ordinal 
'Mulhern, T.D.'  1 
'Shaw, G.L.'     2 
'Morton, C.J.'   3 
'Day, A.J.'      4 
'Campbell, I.D.' 5 
# 
loop_
_citation.id 
_citation.title 
_citation.journal_abbrev 
_citation.journal_volume 
_citation.page_first 
_citation.page_last 
_citation.year 
_citation.journal_id_ASTM 
_citation.country 
_citation.journal_id_ISSN 
_citation.journal_id_CSD 
_citation.book_publisher 
_citation.pdbx_database_id_PubMed 
_citation.pdbx_database_id_DOI 
primary 
;The SH2 domain from the tyrosine kinase Fyn in complex with a phosphotyrosyl peptide reveals insights into domain stability and binding specificity.
;
Structure      5  1313 1323 1997 STRUE6 UK 0969-2126 2005 ? 9351806 '10.1016/S0969-2126(97)00283-9' 
1       
'Solution Studies of the Sh2 Domain from the Fyn Tyrosine Kinase: Secondary Structure, Backbone Dynamics and Protein Association' 
Eur.Biophys.J. 24 371  ?    1996 EBJOE8 GW 0175-7571 0997 ? ?       ?                               
# 
loop_
_citation_author.citation_id 
_citation_author.name 
_citation_author.ordinal 
_citation_author.identifier_ORCID 
primary 'Mulhern, T.D.'  1  ? 
primary 'Shaw, G.L.'     2  ? 
primary 'Morton, C.J.'   3  ? 
primary 'Day, A.J.'      4  ? 
primary 'Campbell, I.D.' 5  ? 
1       'Pintar, A.'     6  ? 
1       'Hensmann, M.'   7  ? 
1       'Jumel, K.'      8  ? 
1       'Pitkeathly, M.' 9  ? 
1       'Harding, S.E.'  10 ? 
1       'Campbell, I.D.' 11 ? 
# 
loop_
_entity.id 
_entity.type 
_entity.src_method 
_entity.pdbx_description 
_entity.formula_weight 
_entity.pdbx_number_of_molecules 
_entity.pdbx_ec 
_entity.pdbx_mutation 
_entity.pdbx_fragment 
_entity.details 
1 polymer man 'FYN PROTEIN-TYROSINE KINASE' 12299.815 1 2.7.1.112 'C97S, C98S, C104S' 'SH2 DOMAIN' ? 
2 polymer nat 'PHOSPHOTYROSYL PEPTIDE'      1473.515  1 ?         ?                   ?            ? 
# 
_entity_name_com.entity_id   1 
_entity_name_com.name        'SRC HOMOLOGY 2 DOMAIN' 
# 
loop_
_entity_poly.entity_id 
_entity_poly.type 
_entity_poly.nstd_linkage 
_entity_poly.nstd_monomer 
_entity_poly.pdbx_seq_one_letter_code 
_entity_poly.pdbx_seq_one_letter_code_can 
_entity_poly.pdbx_strand_id 
_entity_poly.pdbx_target_identifier 
1 'polypeptide(L)' no no  
;SIQAEEWYFGKLGRKDAERQLLSFGNPRGTFLIRESETTKGAYSLSIRDWDDMKGDHVKHYKIRKLDNGGYYITTRAQFE
TLQQLVQHYSERAAGLSSRLVVPSHK
;
;SIQAEEWYFGKLGRKDAERQLLSFGNPRGTFLIRESETTKGAYSLSIRDWDDMKGDHVKHYKIRKLDNGGYYITTRAQFE
TLQQLVQHYSERAAGLSSRLVVPSHK
;
F ? 
2 'polypeptide(L)' no yes 'EPQ(PTR)EEIPIYL' EPQYEEIPIYL P ? 
# 
loop_
_entity_poly_seq.entity_id 
_entity_poly_seq.num 
_entity_poly_seq.mon_id 
_entity_poly_seq.hetero 
1 1   SER n 
1 2   ILE n 
1 3   GLN n 
1 4   ALA n 
1 5   GLU n 
1 6   GLU n 
1 7   TRP n 
1 8   TYR n 
1 9   PHE n 
1 10  GLY n 
1 11  LYS n 
1 12  LEU n 
1 13  GLY n 
1 14  ARG n 
1 15  LYS n 
1 16  ASP n 
1 17  ALA n 
1 18  GLU n 
1 19  ARG n 
1 20  GLN n 
1 21  LEU n 
1 22  LEU n 
1 23  SER n 
1 24  PHE n 
1 25  GLY n 
1 26  ASN n 
1 27  PRO n 
1 28  ARG n 
1 29  GLY n 
1 30  THR n 
1 31  PHE n 
1 32  LEU n 
1 33  ILE n 
1 34  ARG n 
1 35  GLU n 
1 36  SER n 
1 37  GLU n 
1 38  THR n 
1 39  THR n 
1 40  LYS n 
1 41  GLY n 
1 42  ALA n 
1 43  TYR n 
1 44  SER n 
1 45  LEU n 
1 46  SER n 
1 47  ILE n 
1 48  ARG n 
1 49  ASP n 
1 50  TRP n 
1 51  ASP n 
1 52  ASP n 
1 53  MET n 
1 54  LYS n 
1 55  GLY n 
1 56  ASP n 
1 57  HIS n 
1 58  VAL n 
1 59  LYS n 
1 60  HIS n 
1 61  TYR n 
1 62  LYS n 
1 63  ILE n 
1 64  ARG n 
1 65  LYS n 
1 66  LEU n 
1 67  ASP n 
1 68  ASN n 
1 69  GLY n 
1 70  GLY n 
1 71  TYR n 
1 72  TYR n 
1 73  ILE n 
1 74  THR n 
1 75  THR n 
1 76  ARG n 
1 77  ALA n 
1 78  GLN n 
1 79  PHE n 
1 80  GLU n 
1 81  THR n 
1 82  LEU n 
1 83  GLN n 
1 84  GLN n 
1 85  LEU n 
1 86  VAL n 
1 87  GLN n 
1 88  HIS n 
1 89  TYR n 
1 90  SER n 
1 91  GLU n 
1 92  ARG n 
1 93  ALA n 
1 94  ALA n 
1 95  GLY n 
1 96  LEU n 
1 97  SER n 
1 98  SER n 
1 99  ARG n 
1 100 LEU n 
1 101 VAL n 
1 102 VAL n 
1 103 PRO n 
1 104 SER n 
1 105 HIS n 
1 106 LYS n 
2 1   GLU n 
2 2   PRO n 
2 3   GLN n 
2 4   PTR n 
2 5   GLU n 
2 6   GLU n 
2 7   ILE n 
2 8   PRO n 
2 9   ILE n 
2 10  TYR n 
2 11  LEU n 
# 
_entity_src_gen.entity_id                          1 
_entity_src_gen.pdbx_src_id                        1 
_entity_src_gen.pdbx_alt_source_flag               sample 
_entity_src_gen.pdbx_seq_type                      ? 
_entity_src_gen.pdbx_beg_seq_num                   ? 
_entity_src_gen.pdbx_end_seq_num                   ? 
_entity_src_gen.gene_src_common_name               human 
_entity_src_gen.gene_src_genus                     Homo 
_entity_src_gen.pdbx_gene_src_gene                 LYSS 
_entity_src_gen.gene_src_species                   ? 
_entity_src_gen.gene_src_strain                    ? 
_entity_src_gen.gene_src_tissue                    ? 
_entity_src_gen.gene_src_tissue_fraction           ? 
_entity_src_gen.gene_src_details                   ? 
_entity_src_gen.pdbx_gene_src_fragment             ? 
_entity_src_gen.pdbx_gene_src_scientific_name      'Homo sapiens' 
_entity_src_gen.pdbx_gene_src_ncbi_taxonomy_id     9606 
_entity_src_gen.pdbx_gene_src_variant              ? 
_entity_src_gen.pdbx_gene_src_cell_line            BL21 
_entity_src_gen.pdbx_gene_src_atcc                 ? 
_entity_src_gen.pdbx_gene_src_organ                ? 
_entity_src_gen.pdbx_gene_src_organelle            ? 
_entity_src_gen.pdbx_gene_src_cell                 ? 
_entity_src_gen.pdbx_gene_src_cellular_location    ? 
_entity_src_gen.host_org_common_name               ? 
_entity_src_gen.pdbx_host_org_scientific_name      'Escherichia coli BL21(DE3)' 
_entity_src_gen.pdbx_host_org_ncbi_taxonomy_id     469008 
_entity_src_gen.host_org_genus                     Escherichia 
_entity_src_gen.pdbx_host_org_gene                 LYSS 
_entity_src_gen.pdbx_host_org_organ                ? 
_entity_src_gen.host_org_species                   'Escherichia coli' 
_entity_src_gen.pdbx_host_org_tissue               ? 
_entity_src_gen.pdbx_host_org_tissue_fraction      ? 
_entity_src_gen.pdbx_host_org_strain               'BL21 (DE3)' 
_entity_src_gen.pdbx_host_org_variant              ? 
_entity_src_gen.pdbx_host_org_cell_line            ? 
_entity_src_gen.pdbx_host_org_atcc                 ? 
_entity_src_gen.pdbx_host_org_culture_collection   ? 
_entity_src_gen.pdbx_host_org_cell                 ? 
_entity_src_gen.pdbx_host_org_organelle            ? 
_entity_src_gen.pdbx_host_org_cellular_location    CYTOPLASM 
_entity_src_gen.pdbx_host_org_vector_type          ? 
_entity_src_gen.pdbx_host_org_vector               ? 
_entity_src_gen.host_org_details                   ? 
_entity_src_gen.expression_system_id               ? 
_entity_src_gen.plasmid_name                       PRK172 
_entity_src_gen.plasmid_details                    ? 
_entity_src_gen.pdbx_description                   ? 
# 
_entity_src_nat.entity_id                  2 
_entity_src_nat.pdbx_src_id                1 
_entity_src_nat.pdbx_alt_source_flag       sample 
_entity_src_nat.pdbx_beg_seq_num           ? 
_entity_src_nat.pdbx_end_seq_num           ? 
_entity_src_nat.common_name                ? 
_entity_src_nat.pdbx_organism_scientific   'Hamster polyomavirus' 
_entity_src_nat.pdbx_ncbi_taxonomy_id      10626 
_entity_src_nat.genus                      Polyomavirus 
_entity_src_nat.species                    ? 
_entity_src_nat.strain                     ? 
_entity_src_nat.tissue                     ? 
_entity_src_nat.tissue_fraction            ? 
_entity_src_nat.pdbx_secretion             ? 
_entity_src_nat.pdbx_fragment              ? 
_entity_src_nat.pdbx_variant               ? 
_entity_src_nat.pdbx_cell_line             ? 
_entity_src_nat.pdbx_atcc                  ? 
_entity_src_nat.pdbx_cellular_location     ? 
_entity_src_nat.pdbx_organ                 ? 
_entity_src_nat.pdbx_organelle             ? 
_entity_src_nat.pdbx_cell                  ? 
_entity_src_nat.pdbx_plasmid_name          ? 
_entity_src_nat.pdbx_plasmid_details       ? 
_entity_src_nat.details                    ? 
# 
loop_
_chem_comp.id 
_chem_comp.type 
_chem_comp.mon_nstd_flag 
_chem_comp.name 
_chem_comp.pdbx_synonyms 
_chem_comp.formula 
_chem_comp.formula_weight 
ALA 'L-peptide linking' y ALANINE           ?                 'C3 H7 N O2'     89.093  
ARG 'L-peptide linking' y ARGININE          ?                 'C6 H15 N4 O2 1' 175.209 
ASN 'L-peptide linking' y ASPARAGINE        ?                 'C4 H8 N2 O3'    132.118 
ASP 'L-peptide linking' y 'ASPARTIC ACID'   ?                 'C4 H7 N O4'     133.103 
CYS 'L-peptide linking' y CYSTEINE          ?                 'C3 H7 N O2 S'   121.158 
GLN 'L-peptide linking' y GLUTAMINE         ?                 'C5 H10 N2 O3'   146.144 
GLU 'L-peptide linking' y 'GLUTAMIC ACID'   ?                 'C5 H9 N O4'     147.129 
GLY 'peptide linking'   y GLYCINE           ?                 'C2 H5 N O2'     75.067  
HIS 'L-peptide linking' y HISTIDINE         ?                 'C6 H10 N3 O2 1' 156.162 
ILE 'L-peptide linking' y ISOLEUCINE        ?                 'C6 H13 N O2'    131.173 
LEU 'L-peptide linking' y LEUCINE           ?                 'C6 H13 N O2'    131.173 
LYS 'L-peptide linking' y LYSINE            ?                 'C6 H15 N2 O2 1' 147.195 
MET 'L-peptide linking' y METHIONINE        ?                 'C5 H11 N O2 S'  149.211 
PHE 'L-peptide linking' y PHENYLALANINE     ?                 'C9 H11 N O2'    165.189 
PRO 'L-peptide linking' y PROLINE           ?                 'C5 H9 N O2'     115.130 
PTR 'L-peptide linking' n O-PHOSPHOTYROSINE PHOSPHONOTYROSINE 'C9 H12 N O6 P'  261.168 
SER 'L-peptide linking' y SERINE            ?                 'C3 H7 N O3'     105.093 
THR 'L-peptide linking' y THREONINE         ?                 'C4 H9 N O3'     119.119 
TRP 'L-peptide linking' y TRYPTOPHAN        ?                 'C11 H12 N2 O2'  204.225 
TYR 'L-peptide linking' y TYROSINE          ?                 'C9 H11 N O3'    181.189 
VAL 'L-peptide linking' y VALINE            ?                 'C5 H11 N O2'    117.146 
# 
loop_
_pdbx_poly_seq_scheme.asym_id 
_pdbx_poly_seq_scheme.entity_id 
_pdbx_poly_seq_scheme.seq_id 
_pdbx_poly_seq_scheme.mon_id 
_pdbx_poly_seq_scheme.ndb_seq_num 
_pdbx_poly_seq_scheme.pdb_seq_num 
_pdbx_poly_seq_scheme.auth_seq_num 
_pdbx_poly_seq_scheme.pdb_mon_id 
_pdbx_poly_seq_scheme.auth_mon_id 
_pdbx_poly_seq_scheme.pdb_strand_id 
_pdbx_poly_seq_scheme.pdb_ins_code 
_pdbx_poly_seq_scheme.hetero 
A 1 1   SER 1   1   1   SER SER F . n 
A 1 2   ILE 2   2   2   ILE ILE F . n 
A 1 3   GLN 3   3   3   GLN GLN F . n 
A 1 4   ALA 4   4   4   ALA ALA F . n 
A 1 5   GLU 5   5   5   GLU GLU F . n 
A 1 6   GLU 6   6   6   GLU GLU F . n 
A 1 7   TRP 7   7   7   TRP TRP F . n 
A 1 8   TYR 8   8   8   TYR TYR F . n 
A 1 9   PHE 9   9   9   PHE PHE F . n 
A 1 10  GLY 10  10  10  GLY GLY F . n 
A 1 11  LYS 11  11  11  LYS LYS F . n 
A 1 12  LEU 12  12  12  LEU LEU F . n 
A 1 13  GLY 13  13  13  GLY GLY F . n 
A 1 14  ARG 14  14  14  ARG ARG F . n 
A 1 15  LYS 15  15  15  LYS LYS F . n 
A 1 16  ASP 16  16  16  ASP ASP F . n 
A 1 17  ALA 17  17  17  ALA ALA F . n 
A 1 18  GLU 18  18  18  GLU GLU F . n 
A 1 19  ARG 19  19  19  ARG ARG F . n 
A 1 20  GLN 20  20  20  GLN GLN F . n 
A 1 21  LEU 21  21  21  LEU LEU F . n 
A 1 22  LEU 22  22  22  LEU LEU F . n 
A 1 23  SER 23  23  23  SER SER F . n 
A 1 24  PHE 24  24  24  PHE PHE F . n 
A 1 25  GLY 25  25  25  GLY GLY F . n 
A 1 26  ASN 26  26  26  ASN ASN F . n 
A 1 27  PRO 27  27  27  PRO PRO F . n 
A 1 28  ARG 28  28  28  ARG ARG F . n 
A 1 29  GLY 29  29  29  GLY GLY F . n 
A 1 30  THR 30  30  30  THR THR F . n 
A 1 31  PHE 31  31  31  PHE PHE F . n 
A 1 32  LEU 32  32  32  LEU LEU F . n 
A 1 33  ILE 33  33  33  ILE ILE F . n 
A 1 34  ARG 34  34  34  ARG ARG F . n 
A 1 35  GLU 35  35  35  GLU GLU F . n 
A 1 36  SER 36  36  36  SER SER F . n 
A 1 37  GLU 37  37  37  GLU GLU F . n 
A 1 38  THR 38  38  38  THR THR F . n 
A 1 39  THR 39  39  39  THR THR F . n 
A 1 40  LYS 40  40  40  LYS LYS F . n 
A 1 41  GLY 41  41  41  GLY GLY F . n 
A 1 42  ALA 42  42  42  ALA ALA F . n 
A 1 43  TYR 43  43  43  TYR TYR F . n 
A 1 44  SER 44  44  44  SER SER F . n 
A 1 45  LEU 45  45  45  LEU LEU F . n 
A 1 46  SER 46  46  46  SER SER F . n 
A 1 47  ILE 47  47  47  ILE ILE F . n 
A 1 48  ARG 48  48  48  ARG ARG F . n 
A 1 49  ASP 49  49  49  ASP ASP F . n 
A 1 50  TRP 50  50  50  TRP TRP F . n 
A 1 51  ASP 51  51  51  ASP ASP F . n 
A 1 52  ASP 52  52  52  ASP ASP F . n 
A 1 53  MET 53  53  53  MET MET F . n 
A 1 54  LYS 54  54  54  LYS LYS F . n 
A 1 55  GLY 55  55  55  GLY GLY F . n 
A 1 56  ASP 56  56  56  ASP ASP F . n 
A 1 57  HIS 57  57  57  HIS HIS F . n 
A 1 58  VAL 58  58  58  VAL VAL F . n 
A 1 59  LYS 59  59  59  LYS LYS F . n 
A 1 60  HIS 60  60  60  HIS HIS F . n 
A 1 61  TYR 61  61  61  TYR TYR F . n 
A 1 62  LYS 62  62  62  LYS LYS F . n 
A 1 63  ILE 63  63  63  ILE ILE F . n 
A 1 64  ARG 64  64  64  ARG ARG F . n 
A 1 65  LYS 65  65  65  LYS LYS F . n 
A 1 66  LEU 66  66  66  LEU LEU F . n 
A 1 67  ASP 67  67  67  ASP ASP F . n 
A 1 68  ASN 68  68  68  ASN ASN F . n 
A 1 69  GLY 69  69  69  GLY GLY F . n 
A 1 70  GLY 70  70  70  GLY GLY F . n 
A 1 71  TYR 71  71  71  TYR TYR F . n 
A 1 72  TYR 72  72  72  TYR TYR F . n 
A 1 73  ILE 73  73  73  ILE ILE F . n 
A 1 74  THR 74  74  74  THR THR F . n 
A 1 75  THR 75  75  75  THR THR F . n 
A 1 76  ARG 76  76  76  ARG ARG F . n 
A 1 77  ALA 77  77  77  ALA ALA F . n 
A 1 78  GLN 78  78  78  GLN GLN F . n 
A 1 79  PHE 79  79  79  PHE PHE F . n 
A 1 80  GLU 80  80  80  GLU GLU F . n 
A 1 81  THR 81  81  81  THR THR F . n 
A 1 82  LEU 82  82  82  LEU LEU F . n 
A 1 83  GLN 83  83  83  GLN GLN F . n 
A 1 84  GLN 84  84  84  GLN GLN F . n 
A 1 85  LEU 85  85  85  LEU LEU F . n 
A 1 86  VAL 86  86  86  VAL VAL F . n 
A 1 87  GLN 87  87  87  GLN GLN F . n 
A 1 88  HIS 88  88  88  HIS HIS F . n 
A 1 89  TYR 89  89  89  TYR TYR F . n 
A 1 90  SER 90  90  90  SER SER F . n 
A 1 91  GLU 91  91  91  GLU GLU F . n 
A 1 92  ARG 92  92  92  ARG ARG F . n 
A 1 93  ALA 93  93  93  ALA ALA F . n 
A 1 94  ALA 94  94  94  ALA ALA F . n 
A 1 95  GLY 95  95  95  GLY GLY F . n 
A 1 96  LEU 96  96  96  LEU LEU F . n 
A 1 97  SER 97  97  97  SER SER F . n 
A 1 98  SER 98  98  98  SER SER F . n 
A 1 99  ARG 99  99  99  ARG ARG F . n 
A 1 100 LEU 100 100 100 LEU LEU F . n 
A 1 101 VAL 101 101 101 VAL VAL F . n 
A 1 102 VAL 102 102 102 VAL VAL F . n 
A 1 103 PRO 103 103 103 PRO PRO F . n 
A 1 104 SER 104 104 104 SER SER F . n 
A 1 105 HIS 105 105 105 HIS HIS F . n 
A 1 106 LYS 106 106 106 LYS LYS F . n 
B 2 1   GLU 1   201 201 GLU GLU P . n 
B 2 2   PRO 2   202 202 PRO PRO P . n 
B 2 3   GLN 3   203 203 GLN GLN P . n 
B 2 4   PTR 4   204 204 PTR PTR P . n 
B 2 5   GLU 5   205 205 GLU GLU P . n 
B 2 6   GLU 6   206 206 GLU GLU P . n 
B 2 7   ILE 7   207 207 ILE ILE P . n 
B 2 8   PRO 8   208 208 PRO PRO P . n 
B 2 9   ILE 9   209 209 ILE ILE P . n 
B 2 10  TYR 10  210 210 TYR TYR P . n 
B 2 11  LEU 11  211 211 LEU LEU P . n 
# 
loop_
_software.name 
_software.classification 
_software.version 
_software.citation_id 
_software.pdbx_ordinal 
X-PLOR 'model building' 3.1 ? 1 
X-PLOR refinement       3.1 ? 2 
X-PLOR phasing          3.1 ? 3 
# 
_cell.entry_id           1AOT 
_cell.length_a           1.000 
_cell.length_b           1.000 
_cell.length_c           1.000 
_cell.angle_alpha        90.00 
_cell.angle_beta         90.00 
_cell.angle_gamma        90.00 
_cell.Z_PDB              1 
_cell.pdbx_unique_axis   ? 
# 
_symmetry.entry_id                         1AOT 
_symmetry.space_group_name_H-M             'P 1' 
_symmetry.pdbx_full_space_group_name_H-M   ? 
_symmetry.cell_setting                     ? 
_symmetry.Int_Tables_number                1 
# 
_exptl.entry_id          1AOT 
_exptl.method            'SOLUTION NMR' 
_exptl.crystals_number   ? 
# 
_struct.entry_id                  1AOT 
_struct.title                     
'NMR STRUCTURE OF THE FYN SH2 DOMAIN COMPLEXED WITH A PHOSPHOTYROSYL PEPTIDE, MINIMIZED AVERAGE STRUCTURE' 
_struct.pdbx_model_details        ? 
_struct.pdbx_CASP_flag            ? 
_struct.pdbx_model_type_details   ? 
# 
_struct_keywords.entry_id        1AOT 
_struct_keywords.pdbx_keywords   'COMPLEX (PROTO-ONCOGENE/EARLY PROTEIN)' 
_struct_keywords.text            
;SH2 DOMAIN, SIGNAL TRANSDUCTION, PEPTIDE COMPLEX, COMPLEX (PROTO-ONCOGENE-EARLY PROTEIN), COMPLEX (PROTO-ONCOGENE-EARLY PROTEIN) complex
;
# 
loop_
_struct_asym.id 
_struct_asym.pdbx_blank_PDB_chainid_flag 
_struct_asym.pdbx_modified 
_struct_asym.entity_id 
_struct_asym.details 
A N N 1 ? 
B N N 2 ? 
# 
loop_
_struct_ref.id 
_struct_ref.db_name 
_struct_ref.db_code 
_struct_ref.pdbx_db_accession 
_struct_ref.entity_id 
_struct_ref.pdbx_align_begin 
_struct_ref.pdbx_db_isoform 
_struct_ref.pdbx_seq_one_letter_code 
1 UNP FYN_HUMAN  P06241 1 142 ? ? 
2 UNP TAMI_POVHA P03079 2 321 ? ? 
# 
loop_
_struct_ref_seq.align_id 
_struct_ref_seq.ref_id 
_struct_ref_seq.pdbx_PDB_id_code 
_struct_ref_seq.pdbx_strand_id 
_struct_ref_seq.seq_align_beg 
_struct_ref_seq.pdbx_seq_align_beg_ins_code 
_struct_ref_seq.seq_align_end 
_struct_ref_seq.pdbx_seq_align_end_ins_code 
_struct_ref_seq.pdbx_db_accession 
_struct_ref_seq.db_align_beg 
_struct_ref_seq.pdbx_db_align_beg_ins_code 
_struct_ref_seq.db_align_end 
_struct_ref_seq.pdbx_db_align_end_ins_code 
_struct_ref_seq.pdbx_auth_seq_align_beg 
_struct_ref_seq.pdbx_auth_seq_align_end 
1 1 1AOT F 1 ? 106 ? P06241 142 ? 247 ? 1   106 
2 2 1AOT P 1 ? 11  ? P03079 321 ? 331 ? 201 211 
# 
loop_
_struct_ref_seq_dif.align_id 
_struct_ref_seq_dif.pdbx_pdb_id_code 
_struct_ref_seq_dif.mon_id 
_struct_ref_seq_dif.pdbx_pdb_strand_id 
_struct_ref_seq_dif.seq_num 
_struct_ref_seq_dif.pdbx_pdb_ins_code 
_struct_ref_seq_dif.pdbx_seq_db_name 
_struct_ref_seq_dif.pdbx_seq_db_accession_code 
_struct_ref_seq_dif.db_mon_id 
_struct_ref_seq_dif.pdbx_seq_db_seq_num 
_struct_ref_seq_dif.details 
_struct_ref_seq_dif.pdbx_auth_seq_num 
_struct_ref_seq_dif.pdbx_ordinal 
1 1AOT SER F 97  ? UNP P06241 CYS 238 'engineered mutation' 97  1 
1 1AOT SER F 98  ? UNP P06241 CYS 239 'engineered mutation' 98  2 
1 1AOT SER F 104 ? UNP P06241 CYS 245 'engineered mutation' 104 3 
# 
_pdbx_struct_assembly.id                   1 
_pdbx_struct_assembly.details              author_defined_assembly 
_pdbx_struct_assembly.method_details       ? 
_pdbx_struct_assembly.oligomeric_details   dimeric 
_pdbx_struct_assembly.oligomeric_count     2 
# 
_pdbx_struct_assembly_gen.assembly_id       1 
_pdbx_struct_assembly_gen.oper_expression   1 
_pdbx_struct_assembly_gen.asym_id_list      A,B 
# 
_pdbx_struct_oper_list.id                   1 
_pdbx_struct_oper_list.type                 'identity operation' 
_pdbx_struct_oper_list.name                 1_555 
_pdbx_struct_oper_list.symmetry_operation   ? 
_pdbx_struct_oper_list.matrix[1][1]         1.0000000000 
_pdbx_struct_oper_list.matrix[1][2]         0.0000000000 
_pdbx_struct_oper_list.matrix[1][3]         0.0000000000 
_pdbx_struct_oper_list.vector[1]            0.0000000000 
_pdbx_struct_oper_list.matrix[2][1]         0.0000000000 
_pdbx_struct_oper_list.matrix[2][2]         1.0000000000 
_pdbx_struct_oper_list.matrix[2][3]         0.0000000000 
_pdbx_struct_oper_list.vector[2]            0.0000000000 
_pdbx_struct_oper_list.matrix[3][1]         0.0000000000 
_pdbx_struct_oper_list.matrix[3][2]         0.0000000000 
_pdbx_struct_oper_list.matrix[3][3]         1.0000000000 
_pdbx_struct_oper_list.vector[3]            0.0000000000 
# 
loop_
_struct_conf.conf_type_id 
_struct_conf.id 
_struct_conf.pdbx_PDB_helix_id 
_struct_conf.beg_label_comp_id 
_struct_conf.beg_label_asym_id 
_struct_conf.beg_label_seq_id 
_struct_conf.pdbx_beg_PDB_ins_code 
_struct_conf.end_label_comp_id 
_struct_conf.end_label_asym_id 
_struct_conf.end_label_seq_id 
_struct_conf.pdbx_end_PDB_ins_code 
_struct_conf.beg_auth_comp_id 
_struct_conf.beg_auth_asym_id 
_struct_conf.beg_auth_seq_id 
_struct_conf.end_auth_comp_id 
_struct_conf.end_auth_asym_id 
_struct_conf.end_auth_seq_id 
_struct_conf.pdbx_PDB_helix_class 
_struct_conf.details 
_struct_conf.pdbx_PDB_helix_length 
HELX_P HELX_P1 1 ARG A 14 ? LEU A 22 ? ARG F 14 LEU F 22 1 ? 9 
HELX_P HELX_P2 2 LEU A 82 ? TYR A 89 ? LEU F 82 TYR F 89 1 ? 8 
# 
_struct_conf_type.id          HELX_P 
_struct_conf_type.criteria    ? 
_struct_conf_type.reference   ? 
# 
loop_
_struct_conn.id 
_struct_conn.conn_type_id 
_struct_conn.pdbx_leaving_atom_flag 
_struct_conn.pdbx_PDB_id 
_struct_conn.ptnr1_label_asym_id 
_struct_conn.ptnr1_label_comp_id 
_struct_conn.ptnr1_label_seq_id 
_struct_conn.ptnr1_label_atom_id 
_struct_conn.pdbx_ptnr1_label_alt_id 
_struct_conn.pdbx_ptnr1_PDB_ins_code 
_struct_conn.pdbx_ptnr1_standard_comp_id 
_struct_conn.ptnr1_symmetry 
_struct_conn.ptnr2_label_asym_id 
_struct_conn.ptnr2_label_comp_id 
_struct_conn.ptnr2_label_seq_id 
_struct_conn.ptnr2_label_atom_id 
_struct_conn.pdbx_ptnr2_label_alt_id 
_struct_conn.pdbx_ptnr2_PDB_ins_code 
_struct_conn.ptnr1_auth_asym_id 
_struct_conn.ptnr1_auth_comp_id 
_struct_conn.ptnr1_auth_seq_id 
_struct_conn.ptnr2_auth_asym_id 
_struct_conn.ptnr2_auth_comp_id 
_struct_conn.ptnr2_auth_seq_id 
_struct_conn.ptnr2_symmetry 
_struct_conn.pdbx_ptnr3_label_atom_id 
_struct_conn.pdbx_ptnr3_label_seq_id 
_struct_conn.pdbx_ptnr3_label_comp_id 
_struct_conn.pdbx_ptnr3_label_asym_id 
_struct_conn.pdbx_ptnr3_label_alt_id 
_struct_conn.pdbx_ptnr3_PDB_ins_code 
_struct_conn.details 
_struct_conn.pdbx_dist_value 
_struct_conn.pdbx_value_order 
_struct_conn.pdbx_role 
covale1 covale both ? B GLN 3 C ? ? ? 1_555 B PTR 4 N ? ? P GLN 203 P PTR 204 1_555 ? ? ? ? ? ? ? 1.305 ? ? 
covale2 covale both ? B PTR 4 C ? ? ? 1_555 B GLU 5 N ? ? P PTR 204 P GLU 205 1_555 ? ? ? ? ? ? ? 1.305 ? ? 
# 
_struct_conn_type.id          covale 
_struct_conn_type.criteria    ? 
_struct_conn_type.reference   ? 
# 
_pdbx_modification_feature.ordinal                            1 
_pdbx_modification_feature.label_comp_id                      PTR 
_pdbx_modification_feature.label_asym_id                      B 
_pdbx_modification_feature.label_seq_id                       4 
_pdbx_modification_feature.label_alt_id                       ? 
_pdbx_modification_feature.modified_residue_label_comp_id     . 
_pdbx_modification_feature.modified_residue_label_asym_id     . 
_pdbx_modification_feature.modified_residue_label_seq_id      . 
_pdbx_modification_feature.modified_residue_label_alt_id      . 
_pdbx_modification_feature.auth_comp_id                       PTR 
_pdbx_modification_feature.auth_asym_id                       P 
_pdbx_modification_feature.auth_seq_id                        204 
_pdbx_modification_feature.PDB_ins_code                       ? 
_pdbx_modification_feature.symmetry                           1_555 
_pdbx_modification_feature.modified_residue_auth_comp_id      . 
_pdbx_modification_feature.modified_residue_auth_asym_id      . 
_pdbx_modification_feature.modified_residue_auth_seq_id       . 
_pdbx_modification_feature.modified_residue_PDB_ins_code      . 
_pdbx_modification_feature.modified_residue_symmetry          . 
_pdbx_modification_feature.comp_id_linking_atom               . 
_pdbx_modification_feature.modified_residue_id_linking_atom   . 
_pdbx_modification_feature.modified_residue_id                TYR 
_pdbx_modification_feature.ref_pcm_id                         1 
_pdbx_modification_feature.ref_comp_id                        PTR 
_pdbx_modification_feature.type                               Phosphorylation 
_pdbx_modification_feature.category                           'Named protein modification' 
# 
loop_
_struct_sheet.id 
_struct_sheet.type 
_struct_sheet.number_strands 
_struct_sheet.details 
A ? 2 ? 
B ? 2 ? 
# 
loop_
_struct_sheet_order.sheet_id 
_struct_sheet_order.range_id_1 
_struct_sheet_order.range_id_2 
_struct_sheet_order.offset 
_struct_sheet_order.sense 
A 1 2 ? anti-parallel 
B 1 2 ? anti-parallel 
# 
loop_
_struct_sheet_range.sheet_id 
_struct_sheet_range.id 
_struct_sheet_range.beg_label_comp_id 
_struct_sheet_range.beg_label_asym_id 
_struct_sheet_range.beg_label_seq_id 
_struct_sheet_range.pdbx_beg_PDB_ins_code 
_struct_sheet_range.end_label_comp_id 
_struct_sheet_range.end_label_asym_id 
_struct_sheet_range.end_label_seq_id 
_struct_sheet_range.pdbx_end_PDB_ins_code 
_struct_sheet_range.beg_auth_comp_id 
_struct_sheet_range.beg_auth_asym_id 
_struct_sheet_range.beg_auth_seq_id 
_struct_sheet_range.end_auth_comp_id 
_struct_sheet_range.end_auth_asym_id 
_struct_sheet_range.end_auth_seq_id 
A 1 SER A 46 ? ARG A 48 ? SER F 46 ARG F 48 
A 2 VAL A 58 ? HIS A 60 ? VAL F 58 HIS F 60 
B 1 ARG A 64 ? LEU A 66 ? ARG F 64 LEU F 66 
B 2 GLY A 70 ? TYR A 72 ? GLY F 70 TYR F 72 
# 
loop_
_pdbx_struct_sheet_hbond.sheet_id 
_pdbx_struct_sheet_hbond.range_id_1 
_pdbx_struct_sheet_hbond.range_id_2 
_pdbx_struct_sheet_hbond.range_1_label_atom_id 
_pdbx_struct_sheet_hbond.range_1_label_comp_id 
_pdbx_struct_sheet_hbond.range_1_label_asym_id 
_pdbx_struct_sheet_hbond.range_1_label_seq_id 
_pdbx_struct_sheet_hbond.range_1_PDB_ins_code 
_pdbx_struct_sheet_hbond.range_1_auth_atom_id 
_pdbx_struct_sheet_hbond.range_1_auth_comp_id 
_pdbx_struct_sheet_hbond.range_1_auth_asym_id 
_pdbx_struct_sheet_hbond.range_1_auth_seq_id 
_pdbx_struct_sheet_hbond.range_2_label_atom_id 
_pdbx_struct_sheet_hbond.range_2_label_comp_id 
_pdbx_struct_sheet_hbond.range_2_label_asym_id 
_pdbx_struct_sheet_hbond.range_2_label_seq_id 
_pdbx_struct_sheet_hbond.range_2_PDB_ins_code 
_pdbx_struct_sheet_hbond.range_2_auth_atom_id 
_pdbx_struct_sheet_hbond.range_2_auth_comp_id 
_pdbx_struct_sheet_hbond.range_2_auth_asym_id 
_pdbx_struct_sheet_hbond.range_2_auth_seq_id 
A 1 2 O ILE A 47 ? O ILE F 47 N LYS A 59 ? N LYS F 59 
B 1 2 O ARG A 64 ? O ARG F 64 N TYR A 72 ? N TYR F 72 
# 
loop_
_struct_site.id 
_struct_site.pdbx_evidence_code 
_struct_site.pdbx_auth_asym_id 
_struct_site.pdbx_auth_comp_id 
_struct_site.pdbx_auth_seq_id 
_struct_site.pdbx_auth_ins_code 
_struct_site.pdbx_num_residues 
_struct_site.details 
PTR Unknown ? ? ? ? 7 'PHOSPHOTYROSINE BINDING SITE.' 
3IB Unknown ? ? ? ? 5 '+3 ILE BINDING SITE.'          
# 
loop_
_struct_site_gen.id 
_struct_site_gen.site_id 
_struct_site_gen.pdbx_num_res 
_struct_site_gen.label_comp_id 
_struct_site_gen.label_asym_id 
_struct_site_gen.label_seq_id 
_struct_site_gen.pdbx_auth_ins_code 
_struct_site_gen.auth_comp_id 
_struct_site_gen.auth_asym_id 
_struct_site_gen.auth_seq_id 
_struct_site_gen.label_atom_id 
_struct_site_gen.label_alt_id 
_struct_site_gen.symmetry 
_struct_site_gen.details 
1  PTR 7 ARG A 34 ? ARG F 34 . ? 1_555 ? 
2  PTR 7 SER A 36 ? SER F 36 . ? 1_555 ? 
3  PTR 7 THR A 38 ? THR F 38 . ? 1_555 ? 
4  PTR 7 SER A 44 ? SER F 44 . ? 1_555 ? 
5  PTR 7 HIS A 60 ? HIS F 60 . ? 1_555 ? 
6  PTR 7 TYR A 61 ? TYR F 61 . ? 1_555 ? 
7  PTR 7 LYS A 62 ? LYS F 62 . ? 1_555 ? 
8  3IB 5 TYR A 61 ? TYR F 61 . ? 1_555 ? 
9  3IB 5 ILE A 73 ? ILE F 73 . ? 1_555 ? 
10 3IB 5 THR A 74 ? THR F 74 . ? 1_555 ? 
11 3IB 5 GLY A 95 ? GLY F 95 . ? 1_555 ? 
12 3IB 5 LEU A 96 ? LEU F 96 . ? 1_555 ? 
# 
_pdbx_entry_details.entry_id                   1AOT 
_pdbx_entry_details.compound_details           ? 
_pdbx_entry_details.source_details             ? 
_pdbx_entry_details.nonpolymer_details         ? 
_pdbx_entry_details.sequence_details           ? 
_pdbx_entry_details.has_ligand_of_interest     ? 
_pdbx_entry_details.has_protein_modification   Y 
# 
loop_
_pdbx_validate_torsion.id 
_pdbx_validate_torsion.PDB_model_num 
_pdbx_validate_torsion.auth_comp_id 
_pdbx_validate_torsion.auth_asym_id 
_pdbx_validate_torsion.auth_seq_id 
_pdbx_validate_torsion.PDB_ins_code 
_pdbx_validate_torsion.label_alt_id 
_pdbx_validate_torsion.phi 
_pdbx_validate_torsion.psi 
1  1 ILE F 2   ? ? -54.56  -167.89 
2  1 ALA F 4   ? ? 44.55   26.97   
3  1 GLU F 5   ? ? -179.53 41.13   
4  1 GLU F 6   ? ? -162.31 -69.08  
5  1 LYS F 11  ? ? -105.44 69.30   
6  1 PHE F 24  ? ? 57.68   110.71  
7  1 PRO F 27  ? ? -78.14  -159.14 
8  1 ARG F 34  ? ? 177.58  158.71  
9  1 ASP F 52  ? ? -85.10  44.22   
10 1 MET F 53  ? ? -161.80 20.41   
11 1 LYS F 54  ? ? -174.73 -29.63  
12 1 LYS F 59  ? ? -104.22 -166.62 
13 1 ALA F 94  ? ? 93.19   -20.16  
14 1 LEU F 100 ? ? -49.02  -175.23 
15 1 PRO F 103 ? ? -78.03  -159.92 
16 1 PRO P 208 ? ? -78.20  -169.97 
17 1 ILE P 209 ? ? -175.48 31.16   
# 
loop_
_pdbx_validate_planes.id 
_pdbx_validate_planes.PDB_model_num 
_pdbx_validate_planes.auth_comp_id 
_pdbx_validate_planes.auth_asym_id 
_pdbx_validate_planes.auth_seq_id 
_pdbx_validate_planes.PDB_ins_code 
_pdbx_validate_planes.label_alt_id 
_pdbx_validate_planes.rmsd 
_pdbx_validate_planes.type 
1 1 ARG F 19 ? ? 0.087 'SIDE CHAIN' 
2 1 ARG F 28 ? ? 0.221 'SIDE CHAIN' 
3 1 ARG F 34 ? ? 0.145 'SIDE CHAIN' 
4 1 ARG F 48 ? ? 0.128 'SIDE CHAIN' 
5 1 ARG F 76 ? ? 0.307 'SIDE CHAIN' 
6 1 ARG F 92 ? ? 0.288 'SIDE CHAIN' 
7 1 ARG F 99 ? ? 0.202 'SIDE CHAIN' 
# 
_pdbx_struct_mod_residue.id               1 
_pdbx_struct_mod_residue.label_asym_id    B 
_pdbx_struct_mod_residue.label_comp_id    PTR 
_pdbx_struct_mod_residue.label_seq_id     4 
_pdbx_struct_mod_residue.auth_asym_id     P 
_pdbx_struct_mod_residue.auth_comp_id     PTR 
_pdbx_struct_mod_residue.auth_seq_id      204 
_pdbx_struct_mod_residue.PDB_ins_code     ? 
_pdbx_struct_mod_residue.parent_comp_id   TYR 
_pdbx_struct_mod_residue.details          O-PHOSPHOTYROSINE 
# 
_pdbx_nmr_ensemble.entry_id                             1AOT 
_pdbx_nmr_ensemble.conformers_calculated_total_number   200 
_pdbx_nmr_ensemble.conformers_submitted_total_number    1 
_pdbx_nmr_ensemble.conformer_selection_criteria         'LEAST VIOLATIONS' 
# 
_pdbx_nmr_exptl_sample_conditions.conditions_id       1 
_pdbx_nmr_exptl_sample_conditions.temperature         293 
_pdbx_nmr_exptl_sample_conditions.pressure            ? 
_pdbx_nmr_exptl_sample_conditions.pH                  6.0 
_pdbx_nmr_exptl_sample_conditions.ionic_strength      ? 
_pdbx_nmr_exptl_sample_conditions.pressure_units      . 
_pdbx_nmr_exptl_sample_conditions.temperature_units   K 
# 
loop_
_pdbx_nmr_exptl.experiment_id 
_pdbx_nmr_exptl.conditions_id 
_pdbx_nmr_exptl.type 
_pdbx_nmr_exptl.solution_id 
1  1 NOESY        1 
2  1 DQF-COSY     1 
3  1 TOCSY        1 
4  1 HSQC         1 
5  1 NOESY-HSQC   1 
6  1 TOCSY-HSQC   1 
7  1 'CBCA(CO)NH' 1 
8  1 HCCH-TOCSY   1 
9  1 XF-NOESY     1 
10 1 XF-TOCSY     1 
# 
_pdbx_nmr_refine.entry_id           1AOT 
_pdbx_nmr_refine.method             'DYNAMICAL SIMULATED ANNEALING' 
_pdbx_nmr_refine.details            'REFINEMENT DETAILS CAN BE FOUND IN THE JRNL CITATION ABOVE.' 
_pdbx_nmr_refine.software_ordinal   1 
# 
loop_
_pdbx_nmr_software.classification 
_pdbx_nmr_software.name 
_pdbx_nmr_software.version 
_pdbx_nmr_software.authors 
_pdbx_nmr_software.ordinal 
refinement           X-PLOR 3.1 BRUNGER 1 
'structure solution' X-PLOR ?   ?       2 
# 
loop_
_chem_comp_atom.comp_id 
_chem_comp_atom.atom_id 
_chem_comp_atom.type_symbol 
_chem_comp_atom.pdbx_aromatic_flag 
_chem_comp_atom.pdbx_stereo_config 
_chem_comp_atom.pdbx_ordinal 
ALA N    N N N 1   
ALA CA   C N S 2   
ALA C    C N N 3   
ALA O    O N N 4   
ALA CB   C N N 5   
ALA OXT  O N N 6   
ALA H    H N N 7   
ALA H2   H N N 8   
ALA HA   H N N 9   
ALA HB1  H N N 10  
ALA HB2  H N N 11  
ALA HB3  H N N 12  
ALA HXT  H N N 13  
ARG N    N N N 14  
ARG CA   C N S 15  
ARG C    C N N 16  
ARG O    O N N 17  
ARG CB   C N N 18  
ARG CG   C N N 19  
ARG CD   C N N 20  
ARG NE   N N N 21  
ARG CZ   C N N 22  
ARG NH1  N N N 23  
ARG NH2  N N N 24  
ARG OXT  O N N 25  
ARG H    H N N 26  
ARG H2   H N N 27  
ARG HA   H N N 28  
ARG HB2  H N N 29  
ARG HB3  H N N 30  
ARG HG2  H N N 31  
ARG HG3  H N N 32  
ARG HD2  H N N 33  
ARG HD3  H N N 34  
ARG HE   H N N 35  
ARG HH11 H N N 36  
ARG HH12 H N N 37  
ARG HH21 H N N 38  
ARG HH22 H N N 39  
ARG HXT  H N N 40  
ASN N    N N N 41  
ASN CA   C N S 42  
ASN C    C N N 43  
ASN O    O N N 44  
ASN CB   C N N 45  
ASN CG   C N N 46  
ASN OD1  O N N 47  
ASN ND2  N N N 48  
ASN OXT  O N N 49  
ASN H    H N N 50  
ASN H2   H N N 51  
ASN HA   H N N 52  
ASN HB2  H N N 53  
ASN HB3  H N N 54  
ASN HD21 H N N 55  
ASN HD22 H N N 56  
ASN HXT  H N N 57  
ASP N    N N N 58  
ASP CA   C N S 59  
ASP C    C N N 60  
ASP O    O N N 61  
ASP CB   C N N 62  
ASP CG   C N N 63  
ASP OD1  O N N 64  
ASP OD2  O N N 65  
ASP OXT  O N N 66  
ASP H    H N N 67  
ASP H2   H N N 68  
ASP HA   H N N 69  
ASP HB2  H N N 70  
ASP HB3  H N N 71  
ASP HD2  H N N 72  
ASP HXT  H N N 73  
CYS N    N N N 74  
CYS CA   C N R 75  
CYS C    C N N 76  
CYS O    O N N 77  
CYS CB   C N N 78  
CYS SG   S N N 79  
CYS OXT  O N N 80  
CYS H    H N N 81  
CYS H2   H N N 82  
CYS HA   H N N 83  
CYS HB2  H N N 84  
CYS HB3  H N N 85  
CYS HG   H N N 86  
CYS HXT  H N N 87  
GLN N    N N N 88  
GLN CA   C N S 89  
GLN C    C N N 90  
GLN O    O N N 91  
GLN CB   C N N 92  
GLN CG   C N N 93  
GLN CD   C N N 94  
GLN OE1  O N N 95  
GLN NE2  N N N 96  
GLN OXT  O N N 97  
GLN H    H N N 98  
GLN H2   H N N 99  
GLN HA   H N N 100 
GLN HB2  H N N 101 
GLN HB3  H N N 102 
GLN HG2  H N N 103 
GLN HG3  H N N 104 
GLN HE21 H N N 105 
GLN HE22 H N N 106 
GLN HXT  H N N 107 
GLU N    N N N 108 
GLU CA   C N S 109 
GLU C    C N N 110 
GLU O    O N N 111 
GLU CB   C N N 112 
GLU CG   C N N 113 
GLU CD   C N N 114 
GLU OE1  O N N 115 
GLU OE2  O N N 116 
GLU OXT  O N N 117 
GLU H    H N N 118 
GLU H2   H N N 119 
GLU HA   H N N 120 
GLU HB2  H N N 121 
GLU HB3  H N N 122 
GLU HG2  H N N 123 
GLU HG3  H N N 124 
GLU HE2  H N N 125 
GLU HXT  H N N 126 
GLY N    N N N 127 
GLY CA   C N N 128 
GLY C    C N N 129 
GLY O    O N N 130 
GLY OXT  O N N 131 
GLY H    H N N 132 
GLY H2   H N N 133 
GLY HA2  H N N 134 
GLY HA3  H N N 135 
GLY HXT  H N N 136 
HIS N    N N N 137 
HIS CA   C N S 138 
HIS C    C N N 139 
HIS O    O N N 140 
HIS CB   C N N 141 
HIS CG   C Y N 142 
HIS ND1  N Y N 143 
HIS CD2  C Y N 144 
HIS CE1  C Y N 145 
HIS NE2  N Y N 146 
HIS OXT  O N N 147 
HIS H    H N N 148 
HIS H2   H N N 149 
HIS HA   H N N 150 
HIS HB2  H N N 151 
HIS HB3  H N N 152 
HIS HD1  H N N 153 
HIS HD2  H N N 154 
HIS HE1  H N N 155 
HIS HE2  H N N 156 
HIS HXT  H N N 157 
ILE N    N N N 158 
ILE CA   C N S 159 
ILE C    C N N 160 
ILE O    O N N 161 
ILE CB   C N S 162 
ILE CG1  C N N 163 
ILE CG2  C N N 164 
ILE CD1  C N N 165 
ILE OXT  O N N 166 
ILE H    H N N 167 
ILE H2   H N N 168 
ILE HA   H N N 169 
ILE HB   H N N 170 
ILE HG12 H N N 171 
ILE HG13 H N N 172 
ILE HG21 H N N 173 
ILE HG22 H N N 174 
ILE HG23 H N N 175 
ILE HD11 H N N 176 
ILE HD12 H N N 177 
ILE HD13 H N N 178 
ILE HXT  H N N 179 
LEU N    N N N 180 
LEU CA   C N S 181 
LEU C    C N N 182 
LEU O    O N N 183 
LEU CB   C N N 184 
LEU CG   C N N 185 
LEU CD1  C N N 186 
LEU CD2  C N N 187 
LEU OXT  O N N 188 
LEU H    H N N 189 
LEU H2   H N N 190 
LEU HA   H N N 191 
LEU HB2  H N N 192 
LEU HB3  H N N 193 
LEU HG   H N N 194 
LEU HD11 H N N 195 
LEU HD12 H N N 196 
LEU HD13 H N N 197 
LEU HD21 H N N 198 
LEU HD22 H N N 199 
LEU HD23 H N N 200 
LEU HXT  H N N 201 
LYS N    N N N 202 
LYS CA   C N S 203 
LYS C    C N N 204 
LYS O    O N N 205 
LYS CB   C N N 206 
LYS CG   C N N 207 
LYS CD   C N N 208 
LYS CE   C N N 209 
LYS NZ   N N N 210 
LYS OXT  O N N 211 
LYS H    H N N 212 
LYS H2   H N N 213 
LYS HA   H N N 214 
LYS HB2  H N N 215 
LYS HB3  H N N 216 
LYS HG2  H N N 217 
LYS HG3  H N N 218 
LYS HD2  H N N 219 
LYS HD3  H N N 220 
LYS HE2  H N N 221 
LYS HE3  H N N 222 
LYS HZ1  H N N 223 
LYS HZ2  H N N 224 
LYS HZ3  H N N 225 
LYS HXT  H N N 226 
MET N    N N N 227 
MET CA   C N S 228 
MET C    C N N 229 
MET O    O N N 230 
MET CB   C N N 231 
MET CG   C N N 232 
MET SD   S N N 233 
MET CE   C N N 234 
MET OXT  O N N 235 
MET H    H N N 236 
MET H2   H N N 237 
MET HA   H N N 238 
MET HB2  H N N 239 
MET HB3  H N N 240 
MET HG2  H N N 241 
MET HG3  H N N 242 
MET HE1  H N N 243 
MET HE2  H N N 244 
MET HE3  H N N 245 
MET HXT  H N N 246 
PHE N    N N N 247 
PHE CA   C N S 248 
PHE C    C N N 249 
PHE O    O N N 250 
PHE CB   C N N 251 
PHE CG   C Y N 252 
PHE CD1  C Y N 253 
PHE CD2  C Y N 254 
PHE CE1  C Y N 255 
PHE CE2  C Y N 256 
PHE CZ   C Y N 257 
PHE OXT  O N N 258 
PHE H    H N N 259 
PHE H2   H N N 260 
PHE HA   H N N 261 
PHE HB2  H N N 262 
PHE HB3  H N N 263 
PHE HD1  H N N 264 
PHE HD2  H N N 265 
PHE HE1  H N N 266 
PHE HE2  H N N 267 
PHE HZ   H N N 268 
PHE HXT  H N N 269 
PRO N    N N N 270 
PRO CA   C N S 271 
PRO C    C N N 272 
PRO O    O N N 273 
PRO CB   C N N 274 
PRO CG   C N N 275 
PRO CD   C N N 276 
PRO OXT  O N N 277 
PRO H    H N N 278 
PRO HA   H N N 279 
PRO HB2  H N N 280 
PRO HB3  H N N 281 
PRO HG2  H N N 282 
PRO HG3  H N N 283 
PRO HD2  H N N 284 
PRO HD3  H N N 285 
PRO HXT  H N N 286 
PTR N    N N N 287 
PTR CA   C N S 288 
PTR C    C N N 289 
PTR O    O N N 290 
PTR OXT  O N N 291 
PTR CB   C N N 292 
PTR CG   C Y N 293 
PTR CD1  C Y N 294 
PTR CD2  C Y N 295 
PTR CE1  C Y N 296 
PTR CE2  C Y N 297 
PTR CZ   C Y N 298 
PTR OH   O N N 299 
PTR P    P N N 300 
PTR O1P  O N N 301 
PTR O2P  O N N 302 
PTR O3P  O N N 303 
PTR H    H N N 304 
PTR H2   H N N 305 
PTR HA   H N N 306 
PTR HXT  H N N 307 
PTR HB2  H N N 308 
PTR HB3  H N N 309 
PTR HD1  H N N 310 
PTR HD2  H N N 311 
PTR HE1  H N N 312 
PTR HE2  H N N 313 
PTR HO2P H N N 314 
PTR HO3P H N N 315 
SER N    N N N 316 
SER CA   C N S 317 
SER C    C N N 318 
SER O    O N N 319 
SER CB   C N N 320 
SER OG   O N N 321 
SER OXT  O N N 322 
SER H    H N N 323 
SER H2   H N N 324 
SER HA   H N N 325 
SER HB2  H N N 326 
SER HB3  H N N 327 
SER HG   H N N 328 
SER HXT  H N N 329 
THR N    N N N 330 
THR CA   C N S 331 
THR C    C N N 332 
THR O    O N N 333 
THR CB   C N R 334 
THR OG1  O N N 335 
THR CG2  C N N 336 
THR OXT  O N N 337 
THR H    H N N 338 
THR H2   H N N 339 
THR HA   H N N 340 
THR HB   H N N 341 
THR HG1  H N N 342 
THR HG21 H N N 343 
THR HG22 H N N 344 
THR HG23 H N N 345 
THR HXT  H N N 346 
TRP N    N N N 347 
TRP CA   C N S 348 
TRP C    C N N 349 
TRP O    O N N 350 
TRP CB   C N N 351 
TRP CG   C Y N 352 
TRP CD1  C Y N 353 
TRP CD2  C Y N 354 
TRP NE1  N Y N 355 
TRP CE2  C Y N 356 
TRP CE3  C Y N 357 
TRP CZ2  C Y N 358 
TRP CZ3  C Y N 359 
TRP CH2  C Y N 360 
TRP OXT  O N N 361 
TRP H    H N N 362 
TRP H2   H N N 363 
TRP HA   H N N 364 
TRP HB2  H N N 365 
TRP HB3  H N N 366 
TRP HD1  H N N 367 
TRP HE1  H N N 368 
TRP HE3  H N N 369 
TRP HZ2  H N N 370 
TRP HZ3  H N N 371 
TRP HH2  H N N 372 
TRP HXT  H N N 373 
TYR N    N N N 374 
TYR CA   C N S 375 
TYR C    C N N 376 
TYR O    O N N 377 
TYR CB   C N N 378 
TYR CG   C Y N 379 
TYR CD1  C Y N 380 
TYR CD2  C Y N 381 
TYR CE1  C Y N 382 
TYR CE2  C Y N 383 
TYR CZ   C Y N 384 
TYR OH   O N N 385 
TYR OXT  O N N 386 
TYR H    H N N 387 
TYR H2   H N N 388 
TYR HA   H N N 389 
TYR HB2  H N N 390 
TYR HB3  H N N 391 
TYR HD1  H N N 392 
TYR HD2  H N N 393 
TYR HE1  H N N 394 
TYR HE2  H N N 395 
TYR HH   H N N 396 
TYR HXT  H N N 397 
VAL N    N N N 398 
VAL CA   C N S 399 
VAL C    C N N 400 
VAL O    O N N 401 
VAL CB   C N N 402 
VAL CG1  C N N 403 
VAL CG2  C N N 404 
VAL OXT  O N N 405 
VAL H    H N N 406 
VAL H2   H N N 407 
VAL HA   H N N 408 
VAL HB   H N N 409 
VAL HG11 H N N 410 
VAL HG12 H N N 411 
VAL HG13 H N N 412 
VAL HG21 H N N 413 
VAL HG22 H N N 414 
VAL HG23 H N N 415 
VAL HXT  H N N 416 
# 
loop_
_chem_comp_bond.comp_id 
_chem_comp_bond.atom_id_1 
_chem_comp_bond.atom_id_2 
_chem_comp_bond.value_order 
_chem_comp_bond.pdbx_aromatic_flag 
_chem_comp_bond.pdbx_stereo_config 
_chem_comp_bond.pdbx_ordinal 
ALA N   CA   sing N N 1   
ALA N   H    sing N N 2   
ALA N   H2   sing N N 3   
ALA CA  C    sing N N 4   
ALA CA  CB   sing N N 5   
ALA CA  HA   sing N N 6   
ALA C   O    doub N N 7   
ALA C   OXT  sing N N 8   
ALA CB  HB1  sing N N 9   
ALA CB  HB2  sing N N 10  
ALA CB  HB3  sing N N 11  
ALA OXT HXT  sing N N 12  
ARG N   CA   sing N N 13  
ARG N   H    sing N N 14  
ARG N   H2   sing N N 15  
ARG CA  C    sing N N 16  
ARG CA  CB   sing N N 17  
ARG CA  HA   sing N N 18  
ARG C   O    doub N N 19  
ARG C   OXT  sing N N 20  
ARG CB  CG   sing N N 21  
ARG CB  HB2  sing N N 22  
ARG CB  HB3  sing N N 23  
ARG CG  CD   sing N N 24  
ARG CG  HG2  sing N N 25  
ARG CG  HG3  sing N N 26  
ARG CD  NE   sing N N 27  
ARG CD  HD2  sing N N 28  
ARG CD  HD3  sing N N 29  
ARG NE  CZ   sing N N 30  
ARG NE  HE   sing N N 31  
ARG CZ  NH1  sing N N 32  
ARG CZ  NH2  doub N N 33  
ARG NH1 HH11 sing N N 34  
ARG NH1 HH12 sing N N 35  
ARG NH2 HH21 sing N N 36  
ARG NH2 HH22 sing N N 37  
ARG OXT HXT  sing N N 38  
ASN N   CA   sing N N 39  
ASN N   H    sing N N 40  
ASN N   H2   sing N N 41  
ASN CA  C    sing N N 42  
ASN CA  CB   sing N N 43  
ASN CA  HA   sing N N 44  
ASN C   O    doub N N 45  
ASN C   OXT  sing N N 46  
ASN CB  CG   sing N N 47  
ASN CB  HB2  sing N N 48  
ASN CB  HB3  sing N N 49  
ASN CG  OD1  doub N N 50  
ASN CG  ND2  sing N N 51  
ASN ND2 HD21 sing N N 52  
ASN ND2 HD22 sing N N 53  
ASN OXT HXT  sing N N 54  
ASP N   CA   sing N N 55  
ASP N   H    sing N N 56  
ASP N   H2   sing N N 57  
ASP CA  C    sing N N 58  
ASP CA  CB   sing N N 59  
ASP CA  HA   sing N N 60  
ASP C   O    doub N N 61  
ASP C   OXT  sing N N 62  
ASP CB  CG   sing N N 63  
ASP CB  HB2  sing N N 64  
ASP CB  HB3  sing N N 65  
ASP CG  OD1  doub N N 66  
ASP CG  OD2  sing N N 67  
ASP OD2 HD2  sing N N 68  
ASP OXT HXT  sing N N 69  
CYS N   CA   sing N N 70  
CYS N   H    sing N N 71  
CYS N   H2   sing N N 72  
CYS CA  C    sing N N 73  
CYS CA  CB   sing N N 74  
CYS CA  HA   sing N N 75  
CYS C   O    doub N N 76  
CYS C   OXT  sing N N 77  
CYS CB  SG   sing N N 78  
CYS CB  HB2  sing N N 79  
CYS CB  HB3  sing N N 80  
CYS SG  HG   sing N N 81  
CYS OXT HXT  sing N N 82  
GLN N   CA   sing N N 83  
GLN N   H    sing N N 84  
GLN N   H2   sing N N 85  
GLN CA  C    sing N N 86  
GLN CA  CB   sing N N 87  
GLN CA  HA   sing N N 88  
GLN C   O    doub N N 89  
GLN C   OXT  sing N N 90  
GLN CB  CG   sing N N 91  
GLN CB  HB2  sing N N 92  
GLN CB  HB3  sing N N 93  
GLN CG  CD   sing N N 94  
GLN CG  HG2  sing N N 95  
GLN CG  HG3  sing N N 96  
GLN CD  OE1  doub N N 97  
GLN CD  NE2  sing N N 98  
GLN NE2 HE21 sing N N 99  
GLN NE2 HE22 sing N N 100 
GLN OXT HXT  sing N N 101 
GLU N   CA   sing N N 102 
GLU N   H    sing N N 103 
GLU N   H2   sing N N 104 
GLU CA  C    sing N N 105 
GLU CA  CB   sing N N 106 
GLU CA  HA   sing N N 107 
GLU C   O    doub N N 108 
GLU C   OXT  sing N N 109 
GLU CB  CG   sing N N 110 
GLU CB  HB2  sing N N 111 
GLU CB  HB3  sing N N 112 
GLU CG  CD   sing N N 113 
GLU CG  HG2  sing N N 114 
GLU CG  HG3  sing N N 115 
GLU CD  OE1  doub N N 116 
GLU CD  OE2  sing N N 117 
GLU OE2 HE2  sing N N 118 
GLU OXT HXT  sing N N 119 
GLY N   CA   sing N N 120 
GLY N   H    sing N N 121 
GLY N   H2   sing N N 122 
GLY CA  C    sing N N 123 
GLY CA  HA2  sing N N 124 
GLY CA  HA3  sing N N 125 
GLY C   O    doub N N 126 
GLY C   OXT  sing N N 127 
GLY OXT HXT  sing N N 128 
HIS N   CA   sing N N 129 
HIS N   H    sing N N 130 
HIS N   H2   sing N N 131 
HIS CA  C    sing N N 132 
HIS CA  CB   sing N N 133 
HIS CA  HA   sing N N 134 
HIS C   O    doub N N 135 
HIS C   OXT  sing N N 136 
HIS CB  CG   sing N N 137 
HIS CB  HB2  sing N N 138 
HIS CB  HB3  sing N N 139 
HIS CG  ND1  sing Y N 140 
HIS CG  CD2  doub Y N 141 
HIS ND1 CE1  doub Y N 142 
HIS ND1 HD1  sing N N 143 
HIS CD2 NE2  sing Y N 144 
HIS CD2 HD2  sing N N 145 
HIS CE1 NE2  sing Y N 146 
HIS CE1 HE1  sing N N 147 
HIS NE2 HE2  sing N N 148 
HIS OXT HXT  sing N N 149 
ILE N   CA   sing N N 150 
ILE N   H    sing N N 151 
ILE N   H2   sing N N 152 
ILE CA  C    sing N N 153 
ILE CA  CB   sing N N 154 
ILE CA  HA   sing N N 155 
ILE C   O    doub N N 156 
ILE C   OXT  sing N N 157 
ILE CB  CG1  sing N N 158 
ILE CB  CG2  sing N N 159 
ILE CB  HB   sing N N 160 
ILE CG1 CD1  sing N N 161 
ILE CG1 HG12 sing N N 162 
ILE CG1 HG13 sing N N 163 
ILE CG2 HG21 sing N N 164 
ILE CG2 HG22 sing N N 165 
ILE CG2 HG23 sing N N 166 
ILE CD1 HD11 sing N N 167 
ILE CD1 HD12 sing N N 168 
ILE CD1 HD13 sing N N 169 
ILE OXT HXT  sing N N 170 
LEU N   CA   sing N N 171 
LEU N   H    sing N N 172 
LEU N   H2   sing N N 173 
LEU CA  C    sing N N 174 
LEU CA  CB   sing N N 175 
LEU CA  HA   sing N N 176 
LEU C   O    doub N N 177 
LEU C   OXT  sing N N 178 
LEU CB  CG   sing N N 179 
LEU CB  HB2  sing N N 180 
LEU CB  HB3  sing N N 181 
LEU CG  CD1  sing N N 182 
LEU CG  CD2  sing N N 183 
LEU CG  HG   sing N N 184 
LEU CD1 HD11 sing N N 185 
LEU CD1 HD12 sing N N 186 
LEU CD1 HD13 sing N N 187 
LEU CD2 HD21 sing N N 188 
LEU CD2 HD22 sing N N 189 
LEU CD2 HD23 sing N N 190 
LEU OXT HXT  sing N N 191 
LYS N   CA   sing N N 192 
LYS N   H    sing N N 193 
LYS N   H2   sing N N 194 
LYS CA  C    sing N N 195 
LYS CA  CB   sing N N 196 
LYS CA  HA   sing N N 197 
LYS C   O    doub N N 198 
LYS C   OXT  sing N N 199 
LYS CB  CG   sing N N 200 
LYS CB  HB2  sing N N 201 
LYS CB  HB3  sing N N 202 
LYS CG  CD   sing N N 203 
LYS CG  HG2  sing N N 204 
LYS CG  HG3  sing N N 205 
LYS CD  CE   sing N N 206 
LYS CD  HD2  sing N N 207 
LYS CD  HD3  sing N N 208 
LYS CE  NZ   sing N N 209 
LYS CE  HE2  sing N N 210 
LYS CE  HE3  sing N N 211 
LYS NZ  HZ1  sing N N 212 
LYS NZ  HZ2  sing N N 213 
LYS NZ  HZ3  sing N N 214 
LYS OXT HXT  sing N N 215 
MET N   CA   sing N N 216 
MET N   H    sing N N 217 
MET N   H2   sing N N 218 
MET CA  C    sing N N 219 
MET CA  CB   sing N N 220 
MET CA  HA   sing N N 221 
MET C   O    doub N N 222 
MET C   OXT  sing N N 223 
MET CB  CG   sing N N 224 
MET CB  HB2  sing N N 225 
MET CB  HB3  sing N N 226 
MET CG  SD   sing N N 227 
MET CG  HG2  sing N N 228 
MET CG  HG3  sing N N 229 
MET SD  CE   sing N N 230 
MET CE  HE1  sing N N 231 
MET CE  HE2  sing N N 232 
MET CE  HE3  sing N N 233 
MET OXT HXT  sing N N 234 
PHE N   CA   sing N N 235 
PHE N   H    sing N N 236 
PHE N   H2   sing N N 237 
PHE CA  C    sing N N 238 
PHE CA  CB   sing N N 239 
PHE CA  HA   sing N N 240 
PHE C   O    doub N N 241 
PHE C   OXT  sing N N 242 
PHE CB  CG   sing N N 243 
PHE CB  HB2  sing N N 244 
PHE CB  HB3  sing N N 245 
PHE CG  CD1  doub Y N 246 
PHE CG  CD2  sing Y N 247 
PHE CD1 CE1  sing Y N 248 
PHE CD1 HD1  sing N N 249 
PHE CD2 CE2  doub Y N 250 
PHE CD2 HD2  sing N N 251 
PHE CE1 CZ   doub Y N 252 
PHE CE1 HE1  sing N N 253 
PHE CE2 CZ   sing Y N 254 
PHE CE2 HE2  sing N N 255 
PHE CZ  HZ   sing N N 256 
PHE OXT HXT  sing N N 257 
PRO N   CA   sing N N 258 
PRO N   CD   sing N N 259 
PRO N   H    sing N N 260 
PRO CA  C    sing N N 261 
PRO CA  CB   sing N N 262 
PRO CA  HA   sing N N 263 
PRO C   O    doub N N 264 
PRO C   OXT  sing N N 265 
PRO CB  CG   sing N N 266 
PRO CB  HB2  sing N N 267 
PRO CB  HB3  sing N N 268 
PRO CG  CD   sing N N 269 
PRO CG  HG2  sing N N 270 
PRO CG  HG3  sing N N 271 
PRO CD  HD2  sing N N 272 
PRO CD  HD3  sing N N 273 
PRO OXT HXT  sing N N 274 
PTR N   CA   sing N N 275 
PTR N   H    sing N N 276 
PTR N   H2   sing N N 277 
PTR CA  C    sing N N 278 
PTR CA  CB   sing N N 279 
PTR CA  HA   sing N N 280 
PTR C   O    doub N N 281 
PTR C   OXT  sing N N 282 
PTR OXT HXT  sing N N 283 
PTR CB  CG   sing N N 284 
PTR CB  HB2  sing N N 285 
PTR CB  HB3  sing N N 286 
PTR CG  CD1  doub Y N 287 
PTR CG  CD2  sing Y N 288 
PTR CD1 CE1  sing Y N 289 
PTR CD1 HD1  sing N N 290 
PTR CD2 CE2  doub Y N 291 
PTR CD2 HD2  sing N N 292 
PTR CE1 CZ   doub Y N 293 
PTR CE1 HE1  sing N N 294 
PTR CE2 CZ   sing Y N 295 
PTR CE2 HE2  sing N N 296 
PTR CZ  OH   sing N N 297 
PTR OH  P    sing N N 298 
PTR P   O1P  doub N N 299 
PTR P   O2P  sing N N 300 
PTR P   O3P  sing N N 301 
PTR O2P HO2P sing N N 302 
PTR O3P HO3P sing N N 303 
SER N   CA   sing N N 304 
SER N   H    sing N N 305 
SER N   H2   sing N N 306 
SER CA  C    sing N N 307 
SER CA  CB   sing N N 308 
SER CA  HA   sing N N 309 
SER C   O    doub N N 310 
SER C   OXT  sing N N 311 
SER CB  OG   sing N N 312 
SER CB  HB2  sing N N 313 
SER CB  HB3  sing N N 314 
SER OG  HG   sing N N 315 
SER OXT HXT  sing N N 316 
THR N   CA   sing N N 317 
THR N   H    sing N N 318 
THR N   H2   sing N N 319 
THR CA  C    sing N N 320 
THR CA  CB   sing N N 321 
THR CA  HA   sing N N 322 
THR C   O    doub N N 323 
THR C   OXT  sing N N 324 
THR CB  OG1  sing N N 325 
THR CB  CG2  sing N N 326 
THR CB  HB   sing N N 327 
THR OG1 HG1  sing N N 328 
THR CG2 HG21 sing N N 329 
THR CG2 HG22 sing N N 330 
THR CG2 HG23 sing N N 331 
THR OXT HXT  sing N N 332 
TRP N   CA   sing N N 333 
TRP N   H    sing N N 334 
TRP N   H2   sing N N 335 
TRP CA  C    sing N N 336 
TRP CA  CB   sing N N 337 
TRP CA  HA   sing N N 338 
TRP C   O    doub N N 339 
TRP C   OXT  sing N N 340 
TRP CB  CG   sing N N 341 
TRP CB  HB2  sing N N 342 
TRP CB  HB3  sing N N 343 
TRP CG  CD1  doub Y N 344 
TRP CG  CD2  sing Y N 345 
TRP CD1 NE1  sing Y N 346 
TRP CD1 HD1  sing N N 347 
TRP CD2 CE2  doub Y N 348 
TRP CD2 CE3  sing Y N 349 
TRP NE1 CE2  sing Y N 350 
TRP NE1 HE1  sing N N 351 
TRP CE2 CZ2  sing Y N 352 
TRP CE3 CZ3  doub Y N 353 
TRP CE3 HE3  sing N N 354 
TRP CZ2 CH2  doub Y N 355 
TRP CZ2 HZ2  sing N N 356 
TRP CZ3 CH2  sing Y N 357 
TRP CZ3 HZ3  sing N N 358 
TRP CH2 HH2  sing N N 359 
TRP OXT HXT  sing N N 360 
TYR N   CA   sing N N 361 
TYR N   H    sing N N 362 
TYR N   H2   sing N N 363 
TYR CA  C    sing N N 364 
TYR CA  CB   sing N N 365 
TYR CA  HA   sing N N 366 
TYR C   O    doub N N 367 
TYR C   OXT  sing N N 368 
TYR CB  CG   sing N N 369 
TYR CB  HB2  sing N N 370 
TYR CB  HB3  sing N N 371 
TYR CG  CD1  doub Y N 372 
TYR CG  CD2  sing Y N 373 
TYR CD1 CE1  sing Y N 374 
TYR CD1 HD1  sing N N 375 
TYR CD2 CE2  doub Y N 376 
TYR CD2 HD2  sing N N 377 
TYR CE1 CZ   doub Y N 378 
TYR CE1 HE1  sing N N 379 
TYR CE2 CZ   sing Y N 380 
TYR CE2 HE2  sing N N 381 
TYR CZ  OH   sing N N 382 
TYR OH  HH   sing N N 383 
TYR OXT HXT  sing N N 384 
VAL N   CA   sing N N 385 
VAL N   H    sing N N 386 
VAL N   H2   sing N N 387 
VAL CA  C    sing N N 388 
VAL CA  CB   sing N N 389 
VAL CA  HA   sing N N 390 
VAL C   O    doub N N 391 
VAL C   OXT  sing N N 392 
VAL CB  CG1  sing N N 393 
VAL CB  CG2  sing N N 394 
VAL CB  HB   sing N N 395 
VAL CG1 HG11 sing N N 396 
VAL CG1 HG12 sing N N 397 
VAL CG1 HG13 sing N N 398 
VAL CG2 HG21 sing N N 399 
VAL CG2 HG22 sing N N 400 
VAL CG2 HG23 sing N N 401 
VAL OXT HXT  sing N N 402 
# 
loop_
_pdbx_nmr_spectrometer.spectrometer_id 
_pdbx_nmr_spectrometer.model 
_pdbx_nmr_spectrometer.manufacturer 
_pdbx_nmr_spectrometer.field_strength 
1 OMEGA Home-built 500 
2 OMEGA Home-built 600 
3 OMEGA Home-built 750 
# 
_atom_sites.entry_id                    1AOT 
_atom_sites.fract_transf_matrix[1][1]   1.000000 
_atom_sites.fract_transf_matrix[1][2]   0.000000 
_atom_sites.fract_transf_matrix[1][3]   0.000000 
_atom_sites.fract_transf_matrix[2][1]   0.000000 
_atom_sites.fract_transf_matrix[2][2]   1.000000 
_atom_sites.fract_transf_matrix[2][3]   0.000000 
_atom_sites.fract_transf_matrix[3][1]   0.000000 
_atom_sites.fract_transf_matrix[3][2]   0.000000 
_atom_sites.fract_transf_matrix[3][3]   1.000000 
_atom_sites.fract_transf_vector[1]      0.00000 
_atom_sites.fract_transf_vector[2]      0.00000 
_atom_sites.fract_transf_vector[3]      0.00000 
# 
loop_
_atom_type.symbol 
C 
H 
N 
O 
P 
S 
# 
loop_
_atom_site.group_PDB 
_atom_site.id 
_atom_site.type_symbol 
_atom_site.label_atom_id 
_atom_site.label_alt_id 
_atom_site.label_comp_id 
_atom_site.label_asym_id 
_atom_site.label_entity_id 
_atom_site.label_seq_id 
_atom_site.pdbx_PDB_ins_code 
_atom_site.Cartn_x 
_atom_site.Cartn_y 
_atom_site.Cartn_z 
_atom_site.occupancy 
_atom_site.B_iso_or_equiv 
_atom_site.pdbx_formal_charge 
_atom_site.auth_seq_id 
_atom_site.auth_comp_id 
_atom_site.auth_asym_id 
_atom_site.auth_atom_id 
_atom_site.pdbx_PDB_model_num 
ATOM   1    N N    . SER A 1 1   ? 1.582   -5.032  -16.470 1.00 2.97 ? 1   SER F N    1 
ATOM   2    C CA   . SER A 1 1   ? 2.126   -6.082  -15.564 1.00 2.56 ? 1   SER F CA   1 
ATOM   3    C C    . SER A 1 1   ? 3.156   -5.456  -14.621 1.00 1.88 ? 1   SER F C    1 
ATOM   4    O O    . SER A 1 1   ? 4.335   -5.743  -14.695 1.00 1.84 ? 1   SER F O    1 
ATOM   5    C CB   . SER A 1 1   ? 2.796   -7.178  -16.395 1.00 3.07 ? 1   SER F CB   1 
ATOM   6    O OG   . SER A 1 1   ? 1.987   -7.477  -17.522 1.00 3.60 ? 1   SER F OG   1 
ATOM   7    H H1   . SER A 1 1   ? 1.879   -4.095  -16.135 1.00 3.23 ? 1   SER F H1   1 
ATOM   8    H H2   . SER A 1 1   ? 1.942   -5.188  -17.435 1.00 3.16 ? 1   SER F H2   1 
ATOM   9    H H3   . SER A 1 1   ? 0.544   -5.082  -16.476 1.00 3.32 ? 1   SER F H3   1 
ATOM   10   H HA   . SER A 1 1   ? 1.321   -6.510  -14.985 1.00 2.89 ? 1   SER F HA   1 
ATOM   11   H HB2  . SER A 1 1   ? 3.765   -6.835  -16.727 1.00 3.39 ? 1   SER F HB2  1 
ATOM   12   H HB3  . SER A 1 1   ? 2.915   -8.066  -15.791 1.00 3.35 ? 1   SER F HB3  1 
ATOM   13   H HG   . SER A 1 1   ? 2.448   -7.174  -18.308 1.00 3.92 ? 1   SER F HG   1 
ATOM   14   N N    . ILE A 1 2   ? 2.722   -4.600  -13.736 1.00 1.50 ? 2   ILE F N    1 
ATOM   15   C CA   . ILE A 1 2   ? 3.678   -3.956  -12.792 1.00 1.02 ? 2   ILE F CA   1 
ATOM   16   C C    . ILE A 1 2   ? 4.473   -5.035  -12.048 1.00 0.85 ? 2   ILE F C    1 
ATOM   17   O O    . ILE A 1 2   ? 4.453   -6.194  -12.412 1.00 1.06 ? 2   ILE F O    1 
ATOM   18   C CB   . ILE A 1 2   ? 2.910   -3.093  -11.784 1.00 0.84 ? 2   ILE F CB   1 
ATOM   19   C CG1  . ILE A 1 2   ? 1.748   -3.896  -11.190 1.00 0.90 ? 2   ILE F CG1  1 
ATOM   20   C CG2  . ILE A 1 2   ? 2.360   -1.854  -12.492 1.00 1.32 ? 2   ILE F CG2  1 
ATOM   21   C CD1  . ILE A 1 2   ? 0.945   -3.004  -10.236 1.00 0.90 ? 2   ILE F CD1  1 
ATOM   22   H H    . ILE A 1 2   ? 1.768   -4.381  -13.695 1.00 1.69 ? 2   ILE F H    1 
ATOM   23   H HA   . ILE A 1 2   ? 4.361   -3.331  -13.349 1.00 1.36 ? 2   ILE F HA   1 
ATOM   24   H HB   . ILE A 1 2   ? 3.578   -2.787  -10.995 1.00 1.19 ? 2   ILE F HB   1 
ATOM   25   H HG12 . ILE A 1 2   ? 1.104   -4.242  -11.984 1.00 1.42 ? 2   ILE F HG12 1 
ATOM   26   H HG13 . ILE A 1 2   ? 2.138   -4.744  -10.648 1.00 1.45 ? 2   ILE F HG13 1 
ATOM   27   H HG21 . ILE A 1 2   ? 1.915   -2.143  -13.433 1.00 1.87 ? 2   ILE F HG21 1 
ATOM   28   H HG22 . ILE A 1 2   ? 1.611   -1.386  -11.870 1.00 1.81 ? 2   ILE F HG22 1 
ATOM   29   H HG23 . ILE A 1 2   ? 3.163   -1.156  -12.673 1.00 1.76 ? 2   ILE F HG23 1 
ATOM   30   H HD11 . ILE A 1 2   ? 0.871   -2.008  -10.649 1.00 1.44 ? 2   ILE F HD11 1 
ATOM   31   H HD12 . ILE A 1 2   ? -0.047  -3.413  -10.107 1.00 1.27 ? 2   ILE F HD12 1 
ATOM   32   H HD13 . ILE A 1 2   ? 1.443   -2.961  -9.280  1.00 1.40 ? 2   ILE F HD13 1 
ATOM   33   N N    . GLN A 1 3   ? 5.180   -4.662  -11.014 1.00 0.95 ? 3   GLN F N    1 
ATOM   34   C CA   . GLN A 1 3   ? 5.984   -5.666  -10.254 1.00 0.95 ? 3   GLN F CA   1 
ATOM   35   C C    . GLN A 1 3   ? 5.166   -6.942  -10.061 1.00 1.07 ? 3   GLN F C    1 
ATOM   36   O O    . GLN A 1 3   ? 5.683   -8.040  -10.121 1.00 1.69 ? 3   GLN F O    1 
ATOM   37   C CB   . GLN A 1 3   ? 6.359   -5.090  -8.888  1.00 1.11 ? 3   GLN F CB   1 
ATOM   38   C CG   . GLN A 1 3   ? 7.880   -4.963  -8.786  1.00 1.40 ? 3   GLN F CG   1 
ATOM   39   C CD   . GLN A 1 3   ? 8.424   -4.292  -10.048 1.00 1.70 ? 3   GLN F CD   1 
ATOM   40   O OE1  . GLN A 1 3   ? 7.698   -3.618  -10.753 1.00 2.32 ? 3   GLN F OE1  1 
ATOM   41   N NE2  . GLN A 1 3   ? 9.680   -4.446  -10.365 1.00 2.24 ? 3   GLN F NE2  1 
ATOM   42   H H    . GLN A 1 3   ? 5.187   -3.720  -10.741 1.00 1.28 ? 3   GLN F H    1 
ATOM   43   H HA   . GLN A 1 3   ? 6.880   -5.897  -10.805 1.00 1.11 ? 3   GLN F HA   1 
ATOM   44   H HB2  . GLN A 1 3   ? 5.907   -4.117  -8.773  1.00 1.30 ? 3   GLN F HB2  1 
ATOM   45   H HB3  . GLN A 1 3   ? 5.999   -5.748  -8.110  1.00 1.39 ? 3   GLN F HB3  1 
ATOM   46   H HG2  . GLN A 1 3   ? 8.133   -4.366  -7.922  1.00 1.93 ? 3   GLN F HG2  1 
ATOM   47   H HG3  . GLN A 1 3   ? 8.317   -5.946  -8.684  1.00 1.96 ? 3   GLN F HG3  1 
ATOM   48   H HE21 . GLN A 1 3   ? 10.265  -4.989  -9.798  1.00 2.56 ? 3   GLN F HE21 1 
ATOM   49   H HE22 . GLN A 1 3   ? 10.038  -4.020  -11.172 1.00 2.74 ? 3   GLN F HE22 1 
ATOM   50   N N    . ALA A 1 4   ? 3.892   -6.805  -9.836  1.00 1.22 ? 4   ALA F N    1 
ATOM   51   C CA   . ALA A 1 4   ? 3.033   -8.006  -9.645  1.00 1.51 ? 4   ALA F CA   1 
ATOM   52   C C    . ALA A 1 4   ? 3.724   -9.003  -8.715  1.00 1.15 ? 4   ALA F C    1 
ATOM   53   O O    . ALA A 1 4   ? 3.489   -10.192 -8.784  1.00 1.37 ? 4   ALA F O    1 
ATOM   54   C CB   . ALA A 1 4   ? 2.794   -8.666  -10.999 1.00 2.26 ? 4   ALA F CB   1 
ATOM   55   H H    . ALA A 1 4   ? 3.499   -5.911  -9.799  1.00 1.61 ? 4   ALA F H    1 
ATOM   56   H HA   . ALA A 1 4   ? 2.086   -7.712  -9.219  1.00 1.92 ? 4   ALA F HA   1 
ATOM   57   H HB1  . ALA A 1 4   ? 2.823   -7.914  -11.773 1.00 2.62 ? 4   ALA F HB1  1 
ATOM   58   H HB2  . ALA A 1 4   ? 3.563   -9.401  -11.180 1.00 2.64 ? 4   ALA F HB2  1 
ATOM   59   H HB3  . ALA A 1 4   ? 1.827   -9.147  -11.000 1.00 2.72 ? 4   ALA F HB3  1 
ATOM   60   N N    . GLU A 1 5   ? 4.575   -8.536  -7.843  1.00 1.18 ? 5   GLU F N    1 
ATOM   61   C CA   . GLU A 1 5   ? 5.268   -9.480  -6.919  1.00 1.40 ? 5   GLU F CA   1 
ATOM   62   C C    . GLU A 1 5   ? 6.208   -8.721  -5.976  1.00 1.39 ? 5   GLU F C    1 
ATOM   63   O O    . GLU A 1 5   ? 7.306   -9.162  -5.703  1.00 2.16 ? 5   GLU F O    1 
ATOM   64   C CB   . GLU A 1 5   ? 6.079   -10.486 -7.740  1.00 1.95 ? 5   GLU F CB   1 
ATOM   65   C CG   . GLU A 1 5   ? 7.252   -9.767  -8.409  1.00 2.20 ? 5   GLU F CG   1 
ATOM   66   C CD   . GLU A 1 5   ? 7.526   -10.401 -9.774  1.00 2.65 ? 5   GLU F CD   1 
ATOM   67   O OE1  . GLU A 1 5   ? 8.223   -11.401 -9.813  1.00 3.01 ? 5   GLU F OE1  1 
ATOM   68   O OE2  . GLU A 1 5   ? 7.034   -9.874  -10.759 1.00 3.07 ? 5   GLU F OE2  1 
ATOM   69   H H    . GLU A 1 5   ? 4.755   -7.575  -7.799  1.00 1.45 ? 5   GLU F H    1 
ATOM   70   H HA   . GLU A 1 5   ? 4.531   -10.012 -6.335  1.00 1.67 ? 5   GLU F HA   1 
ATOM   71   H HB2  . GLU A 1 5   ? 6.455   -11.261 -7.089  1.00 2.45 ? 5   GLU F HB2  1 
ATOM   72   H HB3  . GLU A 1 5   ? 5.446   -10.926 -8.496  1.00 2.37 ? 5   GLU F HB3  1 
ATOM   73   H HG2  . GLU A 1 5   ? 7.008   -8.723  -8.539  1.00 2.27 ? 5   GLU F HG2  1 
ATOM   74   H HG3  . GLU A 1 5   ? 8.131   -9.857  -7.787  1.00 2.68 ? 5   GLU F HG3  1 
ATOM   75   N N    . GLU A 1 6   ? 5.793   -7.592  -5.470  1.00 0.87 ? 6   GLU F N    1 
ATOM   76   C CA   . GLU A 1 6   ? 6.677   -6.831  -4.542  1.00 1.01 ? 6   GLU F CA   1 
ATOM   77   C C    . GLU A 1 6   ? 5.845   -5.818  -3.757  1.00 0.99 ? 6   GLU F C    1 
ATOM   78   O O    . GLU A 1 6   ? 5.650   -5.944  -2.566  1.00 1.54 ? 6   GLU F O    1 
ATOM   79   C CB   . GLU A 1 6   ? 7.748   -6.094  -5.349  1.00 1.24 ? 6   GLU F CB   1 
ATOM   80   C CG   . GLU A 1 6   ? 8.827   -7.085  -5.789  1.00 1.37 ? 6   GLU F CG   1 
ATOM   81   C CD   . GLU A 1 6   ? 10.086  -6.320  -6.200  1.00 1.96 ? 6   GLU F CD   1 
ATOM   82   O OE1  . GLU A 1 6   ? 10.245  -5.196  -5.750  1.00 2.43 ? 6   GLU F OE1  1 
ATOM   83   O OE2  . GLU A 1 6   ? 10.868  -6.869  -6.959  1.00 2.47 ? 6   GLU F OE2  1 
ATOM   84   H H    . GLU A 1 6   ? 4.904   -7.246  -5.693  1.00 0.97 ? 6   GLU F H    1 
ATOM   85   H HA   . GLU A 1 6   ? 7.150   -7.513  -3.856  1.00 1.21 ? 6   GLU F HA   1 
ATOM   86   H HB2  . GLU A 1 6   ? 7.296   -5.643  -6.221  1.00 1.33 ? 6   GLU F HB2  1 
ATOM   87   H HB3  . GLU A 1 6   ? 8.194   -5.325  -4.736  1.00 1.53 ? 6   GLU F HB3  1 
ATOM   88   H HG2  . GLU A 1 6   ? 9.061   -7.750  -4.971  1.00 1.58 ? 6   GLU F HG2  1 
ATOM   89   H HG3  . GLU A 1 6   ? 8.465   -7.661  -6.628  1.00 1.60 ? 6   GLU F HG3  1 
ATOM   90   N N    . TRP A 1 7   ? 5.357   -4.815  -4.423  1.00 0.48 ? 7   TRP F N    1 
ATOM   91   C CA   . TRP A 1 7   ? 4.538   -3.777  -3.739  1.00 0.50 ? 7   TRP F CA   1 
ATOM   92   C C    . TRP A 1 7   ? 3.102   -3.846  -4.255  1.00 0.43 ? 7   TRP F C    1 
ATOM   93   O O    . TRP A 1 7   ? 2.258   -3.069  -3.864  1.00 0.45 ? 7   TRP F O    1 
ATOM   94   C CB   . TRP A 1 7   ? 5.115   -2.404  -4.064  1.00 0.55 ? 7   TRP F CB   1 
ATOM   95   C CG   . TRP A 1 7   ? 5.405   -2.346  -5.527  1.00 0.51 ? 7   TRP F CG   1 
ATOM   96   C CD1  . TRP A 1 7   ? 6.603   -2.613  -6.094  1.00 0.59 ? 7   TRP F CD1  1 
ATOM   97   C CD2  . TRP A 1 7   ? 4.497   -2.023  -6.617  1.00 0.46 ? 7   TRP F CD2  1 
ATOM   98   N NE1  . TRP A 1 7   ? 6.492   -2.458  -7.464  1.00 0.60 ? 7   TRP F NE1  1 
ATOM   99   C CE2  . TRP A 1 7   ? 5.212   -2.097  -7.836  1.00 0.53 ? 7   TRP F CE2  1 
ATOM   100  C CE3  . TRP A 1 7   ? 3.136   -1.672  -6.666  1.00 0.43 ? 7   TRP F CE3  1 
ATOM   101  C CZ2  . TRP A 1 7   ? 4.599   -1.831  -9.061  1.00 0.55 ? 7   TRP F CZ2  1 
ATOM   102  C CZ3  . TRP A 1 7   ? 2.515   -1.405  -7.897  1.00 0.44 ? 7   TRP F CZ3  1 
ATOM   103  C CH2  . TRP A 1 7   ? 3.245   -1.484  -9.092  1.00 0.50 ? 7   TRP F CH2  1 
ATOM   104  H H    . TRP A 1 7   ? 5.530   -4.742  -5.380  1.00 0.48 ? 7   TRP F H    1 
ATOM   105  H HA   . TRP A 1 7   ? 4.556   -3.939  -2.672  1.00 0.59 ? 7   TRP F HA   1 
ATOM   106  H HB2  . TRP A 1 7   ? 4.398   -1.639  -3.805  1.00 0.58 ? 7   TRP F HB2  1 
ATOM   107  H HB3  . TRP A 1 7   ? 6.027   -2.250  -3.507  1.00 0.63 ? 7   TRP F HB3  1 
ATOM   108  H HD1  . TRP A 1 7   ? 7.498   -2.896  -5.563  1.00 0.66 ? 7   TRP F HD1  1 
ATOM   109  H HE1  . TRP A 1 7   ? 7.219   -2.586  -8.108  1.00 0.69 ? 7   TRP F HE1  1 
ATOM   110  H HE3  . TRP A 1 7   ? 2.566   -1.609  -5.752  1.00 0.46 ? 7   TRP F HE3  1 
ATOM   111  H HZ2  . TRP A 1 7   ? 5.166   -1.893  -9.978  1.00 0.64 ? 7   TRP F HZ2  1 
ATOM   112  H HZ3  . TRP A 1 7   ? 1.470   -1.139  -7.923  1.00 0.47 ? 7   TRP F HZ3  1 
ATOM   113  H HH2  . TRP A 1 7   ? 2.762   -1.279  -10.034 1.00 0.54 ? 7   TRP F HH2  1 
ATOM   114  N N    . TYR A 1 8   ? 2.826   -4.759  -5.146  1.00 0.42 ? 8   TYR F N    1 
ATOM   115  C CA   . TYR A 1 8   ? 1.458   -4.879  -5.704  1.00 0.37 ? 8   TYR F CA   1 
ATOM   116  C C    . TYR A 1 8   ? 1.170   -6.354  -6.007  1.00 0.37 ? 8   TYR F C    1 
ATOM   117  O O    . TYR A 1 8   ? 1.943   -7.032  -6.654  1.00 0.49 ? 8   TYR F O    1 
ATOM   118  C CB   . TYR A 1 8   ? 1.374   -4.012  -6.968  1.00 0.37 ? 8   TYR F CB   1 
ATOM   119  C CG   . TYR A 1 8   ? 0.444   -4.622  -7.990  1.00 0.41 ? 8   TYR F CG   1 
ATOM   120  C CD1  . TYR A 1 8   ? 0.923   -5.611  -8.852  1.00 1.23 ? 8   TYR F CD1  1 
ATOM   121  C CD2  . TYR A 1 8   ? -0.886  -4.200  -8.075  1.00 1.10 ? 8   TYR F CD2  1 
ATOM   122  C CE1  . TYR A 1 8   ? 0.074   -6.183  -9.803  1.00 1.27 ? 8   TYR F CE1  1 
ATOM   123  C CE2  . TYR A 1 8   ? -1.738  -4.773  -9.025  1.00 1.16 ? 8   TYR F CE2  1 
ATOM   124  C CZ   . TYR A 1 8   ? -1.258  -5.767  -9.888  1.00 0.63 ? 8   TYR F CZ   1 
ATOM   125  O OH   . TYR A 1 8   ? -2.099  -6.330  -10.826 1.00 0.77 ? 8   TYR F OH   1 
ATOM   126  H H    . TYR A 1 8   ? 3.525   -5.358  -5.460  1.00 0.49 ? 8   TYR F H    1 
ATOM   127  H HA   . TYR A 1 8   ? 0.744   -4.528  -4.977  1.00 0.37 ? 8   TYR F HA   1 
ATOM   128  H HB2  . TYR A 1 8   ? 1.013   -3.036  -6.696  1.00 0.38 ? 8   TYR F HB2  1 
ATOM   129  H HB3  . TYR A 1 8   ? 2.360   -3.917  -7.399  1.00 0.43 ? 8   TYR F HB3  1 
ATOM   130  H HD1  . TYR A 1 8   ? 1.950   -5.932  -8.782  1.00 2.02 ? 8   TYR F HD1  1 
ATOM   131  H HD2  . TYR A 1 8   ? -1.256  -3.427  -7.415  1.00 1.89 ? 8   TYR F HD2  1 
ATOM   132  H HE1  . TYR A 1 8   ? 0.444   -6.948  -10.469 1.00 2.06 ? 8   TYR F HE1  1 
ATOM   133  H HE2  . TYR A 1 8   ? -2.766  -4.459  -9.084  1.00 1.95 ? 8   TYR F HE2  1 
ATOM   134  H HH   . TYR A 1 8   ? -1.556  -6.704  -11.524 1.00 1.05 ? 8   TYR F HH   1 
ATOM   135  N N    . PHE A 1 9   ? 0.070   -6.852  -5.515  1.00 0.39 ? 9   PHE F N    1 
ATOM   136  C CA   . PHE A 1 9   ? -0.277  -8.283  -5.733  1.00 0.41 ? 9   PHE F CA   1 
ATOM   137  C C    . PHE A 1 9   ? -1.267  -8.420  -6.892  1.00 0.41 ? 9   PHE F C    1 
ATOM   138  O O    . PHE A 1 9   ? -1.176  -9.330  -7.691  1.00 0.47 ? 9   PHE F O    1 
ATOM   139  C CB   . PHE A 1 9   ? -0.908  -8.832  -4.450  1.00 0.42 ? 9   PHE F CB   1 
ATOM   140  C CG   . PHE A 1 9   ? 0.183   -9.221  -3.474  1.00 0.44 ? 9   PHE F CG   1 
ATOM   141  C CD1  . PHE A 1 9   ? 1.444   -8.606  -3.544  1.00 0.44 ? 9   PHE F CD1  1 
ATOM   142  C CD2  . PHE A 1 9   ? -0.065  -10.195 -2.496  1.00 0.50 ? 9   PHE F CD2  1 
ATOM   143  C CE1  . PHE A 1 9   ? 2.450   -8.968  -2.639  1.00 0.47 ? 9   PHE F CE1  1 
ATOM   144  C CE2  . PHE A 1 9   ? 0.943   -10.554 -1.593  1.00 0.54 ? 9   PHE F CE2  1 
ATOM   145  C CZ   . PHE A 1 9   ? 2.200   -9.941  -1.665  1.00 0.52 ? 9   PHE F CZ   1 
ATOM   146  H H    . PHE A 1 9   ? -0.523  -6.286  -4.983  1.00 0.49 ? 9   PHE F H    1 
ATOM   147  H HA   . PHE A 1 9   ? 0.617   -8.839  -5.958  1.00 0.43 ? 9   PHE F HA   1 
ATOM   148  H HB2  . PHE A 1 9   ? -1.531  -8.070  -4.005  1.00 0.43 ? 9   PHE F HB2  1 
ATOM   149  H HB3  . PHE A 1 9   ? -1.513  -9.695  -4.685  1.00 0.44 ? 9   PHE F HB3  1 
ATOM   150  H HD1  . PHE A 1 9   ? 1.642   -7.853  -4.294  1.00 0.43 ? 9   PHE F HD1  1 
ATOM   151  H HD2  . PHE A 1 9   ? -1.034  -10.668 -2.436  1.00 0.53 ? 9   PHE F HD2  1 
ATOM   152  H HE1  . PHE A 1 9   ? 3.419   -8.496  -2.694  1.00 0.48 ? 9   PHE F HE1  1 
ATOM   153  H HE2  . PHE A 1 9   ? 0.751   -11.304 -0.841  1.00 0.61 ? 9   PHE F HE2  1 
ATOM   154  H HZ   . PHE A 1 9   ? 2.976   -10.219 -0.968  1.00 0.56 ? 9   PHE F HZ   1 
ATOM   155  N N    . GLY A 1 10  ? -2.217  -7.533  -6.988  1.00 0.37 ? 10  GLY F N    1 
ATOM   156  C CA   . GLY A 1 10  ? -3.212  -7.626  -8.091  1.00 0.40 ? 10  GLY F CA   1 
ATOM   157  C C    . GLY A 1 10  ? -4.552  -7.082  -7.609  1.00 0.37 ? 10  GLY F C    1 
ATOM   158  O O    . GLY A 1 10  ? -4.659  -5.952  -7.176  1.00 0.46 ? 10  GLY F O    1 
ATOM   159  H H    . GLY A 1 10  ? -2.279  -6.810  -6.333  1.00 0.35 ? 10  GLY F H    1 
ATOM   160  H HA2  . GLY A 1 10  ? -2.876  -7.049  -8.934  1.00 0.42 ? 10  GLY F HA2  1 
ATOM   161  H HA3  . GLY A 1 10  ? -3.328  -8.658  -8.386  1.00 0.43 ? 10  GLY F HA3  1 
ATOM   162  N N    . LYS A 1 11  ? -5.574  -7.882  -7.674  1.00 0.32 ? 11  LYS F N    1 
ATOM   163  C CA   . LYS A 1 11  ? -6.908  -7.424  -7.215  1.00 0.31 ? 11  LYS F CA   1 
ATOM   164  C C    . LYS A 1 11  ? -7.202  -8.086  -5.875  1.00 0.31 ? 11  LYS F C    1 
ATOM   165  O O    . LYS A 1 11  ? -8.042  -8.957  -5.763  1.00 0.42 ? 11  LYS F O    1 
ATOM   166  C CB   . LYS A 1 11  ? -7.964  -7.820  -8.245  1.00 0.46 ? 11  LYS F CB   1 
ATOM   167  C CG   . LYS A 1 11  ? -7.433  -7.510  -9.647  1.00 0.60 ? 11  LYS F CG   1 
ATOM   168  C CD   . LYS A 1 11  ? -7.584  -8.747  -10.534 1.00 1.07 ? 11  LYS F CD   1 
ATOM   169  C CE   . LYS A 1 11  ? -6.942  -8.479  -11.896 1.00 1.67 ? 11  LYS F CE   1 
ATOM   170  N NZ   . LYS A 1 11  ? -7.659  -9.258  -12.946 1.00 2.10 ? 11  LYS F NZ   1 
ATOM   171  H H    . LYS A 1 11  ? -5.462  -8.789  -8.019  1.00 0.35 ? 11  LYS F H    1 
ATOM   172  H HA   . LYS A 1 11  ? -6.898  -6.352  -7.095  1.00 0.36 ? 11  LYS F HA   1 
ATOM   173  H HB2  . LYS A 1 11  ? -8.172  -8.876  -8.162  1.00 0.56 ? 11  LYS F HB2  1 
ATOM   174  H HB3  . LYS A 1 11  ? -8.870  -7.259  -8.070  1.00 0.52 ? 11  LYS F HB3  1 
ATOM   175  H HG2  . LYS A 1 11  ? -7.994  -6.691  -10.071 1.00 0.92 ? 11  LYS F HG2  1 
ATOM   176  H HG3  . LYS A 1 11  ? -6.388  -7.237  -9.584  1.00 1.00 ? 11  LYS F HG3  1 
ATOM   177  H HD2  . LYS A 1 11  ? -7.097  -9.589  -10.066 1.00 1.67 ? 11  LYS F HD2  1 
ATOM   178  H HD3  . LYS A 1 11  ? -8.634  -8.969  -10.668 1.00 1.60 ? 11  LYS F HD3  1 
ATOM   179  H HE2  . LYS A 1 11  ? -7.005  -7.425  -12.124 1.00 2.17 ? 11  LYS F HE2  1 
ATOM   180  H HE3  . LYS A 1 11  ? -5.905  -8.781  -11.870 1.00 2.23 ? 11  LYS F HE3  1 
ATOM   181  H HZ1  . LYS A 1 11  ? -8.553  -9.623  -12.556 1.00 2.54 ? 11  LYS F HZ1  1 
ATOM   182  H HZ2  . LYS A 1 11  ? -7.860  -8.641  -13.759 1.00 2.28 ? 11  LYS F HZ2  1 
ATOM   183  H HZ3  . LYS A 1 11  ? -7.065  -10.052 -13.256 1.00 2.59 ? 11  LYS F HZ3  1 
ATOM   184  N N    . LEU A 1 12  ? -6.485  -7.693  -4.864  1.00 0.37 ? 12  LEU F N    1 
ATOM   185  C CA   . LEU A 1 12  ? -6.676  -8.307  -3.523  1.00 0.55 ? 12  LEU F CA   1 
ATOM   186  C C    . LEU A 1 12  ? -7.446  -7.356  -2.606  1.00 0.57 ? 12  LEU F C    1 
ATOM   187  O O    . LEU A 1 12  ? -7.657  -6.202  -2.923  1.00 0.60 ? 12  LEU F O    1 
ATOM   188  C CB   . LEU A 1 12  ? -5.301  -8.597  -2.920  1.00 0.76 ? 12  LEU F CB   1 
ATOM   189  C CG   . LEU A 1 12  ? -5.448  -9.516  -1.711  1.00 0.35 ? 12  LEU F CG   1 
ATOM   190  C CD1  . LEU A 1 12  ? -6.326  -10.715 -2.079  1.00 1.13 ? 12  LEU F CD1  1 
ATOM   191  C CD2  . LEU A 1 12  ? -4.066  -10.008 -1.279  1.00 1.34 ? 12  LEU F CD2  1 
ATOM   192  H H    . LEU A 1 12  ? -5.800  -7.003  -4.993  1.00 0.40 ? 12  LEU F H    1 
ATOM   193  H HA   . LEU A 1 12  ? -7.226  -9.228  -3.627  1.00 0.61 ? 12  LEU F HA   1 
ATOM   194  H HB2  . LEU A 1 12  ? -4.679  -9.077  -3.662  1.00 1.23 ? 12  LEU F HB2  1 
ATOM   195  H HB3  . LEU A 1 12  ? -4.842  -7.671  -2.612  1.00 1.19 ? 12  LEU F HB3  1 
ATOM   196  H HG   . LEU A 1 12  ? -5.901  -8.972  -0.898  1.00 0.79 ? 12  LEU F HG   1 
ATOM   197  H HD11 . LEU A 1 12  ? -6.402  -10.793 -3.153  1.00 1.77 ? 12  LEU F HD11 1 
ATOM   198  H HD12 . LEU A 1 12  ? -5.884  -11.616 -1.683  1.00 1.72 ? 12  LEU F HD12 1 
ATOM   199  H HD13 . LEU A 1 12  ? -7.311  -10.580 -1.653  1.00 1.67 ? 12  LEU F HD13 1 
ATOM   200  H HD21 . LEU A 1 12  ? -3.346  -9.782  -2.052  1.00 1.82 ? 12  LEU F HD21 1 
ATOM   201  H HD22 . LEU A 1 12  ? -3.780  -9.513  -0.363  1.00 1.87 ? 12  LEU F HD22 1 
ATOM   202  H HD23 . LEU A 1 12  ? -4.098  -11.075 -1.117  1.00 2.00 ? 12  LEU F HD23 1 
ATOM   203  N N    . GLY A 1 13  ? -7.869  -7.836  -1.466  1.00 0.62 ? 13  GLY F N    1 
ATOM   204  C CA   . GLY A 1 13  ? -8.624  -6.967  -0.522  1.00 0.67 ? 13  GLY F CA   1 
ATOM   205  C C    . GLY A 1 13  ? -7.772  -6.704  0.720   1.00 0.57 ? 13  GLY F C    1 
ATOM   206  O O    . GLY A 1 13  ? -6.571  -6.883  0.712   1.00 0.74 ? 13  GLY F O    1 
ATOM   207  H H    . GLY A 1 13  ? -7.688  -8.771  -1.229  1.00 0.66 ? 13  GLY F H    1 
ATOM   208  H HA2  . GLY A 1 13  ? -8.856  -6.029  -1.006  1.00 0.76 ? 13  GLY F HA2  1 
ATOM   209  H HA3  . GLY A 1 13  ? -9.541  -7.460  -0.233  1.00 0.73 ? 13  GLY F HA3  1 
ATOM   210  N N    . ARG A 1 14  ? -8.385  -6.275  1.787   1.00 0.50 ? 14  ARG F N    1 
ATOM   211  C CA   . ARG A 1 14  ? -7.616  -5.992  3.033   1.00 0.56 ? 14  ARG F CA   1 
ATOM   212  C C    . ARG A 1 14  ? -7.551  -7.246  3.907   1.00 0.51 ? 14  ARG F C    1 
ATOM   213  O O    . ARG A 1 14  ? -6.708  -7.367  4.775   1.00 0.58 ? 14  ARG F O    1 
ATOM   214  C CB   . ARG A 1 14  ? -8.312  -4.880  3.813   1.00 0.67 ? 14  ARG F CB   1 
ATOM   215  C CG   . ARG A 1 14  ? -9.802  -5.201  3.941   1.00 0.91 ? 14  ARG F CG   1 
ATOM   216  C CD   . ARG A 1 14  ? -10.201 -5.192  5.419   1.00 1.46 ? 14  ARG F CD   1 
ATOM   217  N NE   . ARG A 1 14  ? -11.236 -4.147  5.647   1.00 1.67 ? 14  ARG F NE   1 
ATOM   218  C CZ   . ARG A 1 14  ? -12.084 -4.271  6.633   1.00 2.11 ? 14  ARG F CZ   1 
ATOM   219  N NH1  . ARG A 1 14  ? -11.873 -5.157  7.567   1.00 2.74 ? 14  ARG F NH1  1 
ATOM   220  N NH2  . ARG A 1 14  ? -13.143 -3.510  6.683   1.00 2.56 ? 14  ARG F NH2  1 
ATOM   221  H H    . ARG A 1 14  ? -9.356  -6.133  1.769   1.00 0.58 ? 14  ARG F H    1 
ATOM   222  H HA   . ARG A 1 14  ? -6.614  -5.679  2.776   1.00 0.62 ? 14  ARG F HA   1 
ATOM   223  H HB2  . ARG A 1 14  ? -7.876  -4.807  4.796   1.00 1.01 ? 14  ARG F HB2  1 
ATOM   224  H HB3  . ARG A 1 14  ? -8.189  -3.943  3.292   1.00 0.87 ? 14  ARG F HB3  1 
ATOM   225  H HG2  . ARG A 1 14  ? -10.379 -4.460  3.408   1.00 1.45 ? 14  ARG F HG2  1 
ATOM   226  H HG3  . ARG A 1 14  ? -9.997  -6.178  3.522   1.00 1.44 ? 14  ARG F HG3  1 
ATOM   227  H HD2  . ARG A 1 14  ? -10.598 -6.159  5.690   1.00 2.03 ? 14  ARG F HD2  1 
ATOM   228  H HD3  . ARG A 1 14  ? -9.333  -4.978  6.024   1.00 2.05 ? 14  ARG F HD3  1 
ATOM   229  H HE   . ARG A 1 14  ? -11.283 -3.365  5.058   1.00 2.01 ? 14  ARG F HE   1 
ATOM   230  H HH11 . ARG A 1 14  ? -11.062 -5.741  7.529   1.00 2.92 ? 14  ARG F HH11 1 
ATOM   231  H HH12 . ARG A 1 14  ? -12.522 -5.252  8.322   1.00 3.33 ? 14  ARG F HH12 1 
ATOM   232  H HH21 . ARG A 1 14  ? -13.305 -2.831  5.966   1.00 2.74 ? 14  ARG F HH21 1 
ATOM   233  H HH22 . ARG A 1 14  ? -13.791 -3.605  7.437   1.00 3.06 ? 14  ARG F HH22 1 
ATOM   234  N N    . LYS A 1 15  ? -8.442  -8.171  3.697   1.00 0.46 ? 15  LYS F N    1 
ATOM   235  C CA   . LYS A 1 15  ? -8.446  -9.400  4.519   1.00 0.50 ? 15  LYS F CA   1 
ATOM   236  C C    . LYS A 1 15  ? -7.368  -10.351 4.019   1.00 0.41 ? 15  LYS F C    1 
ATOM   237  O O    . LYS A 1 15  ? -6.678  -10.990 4.792   1.00 0.42 ? 15  LYS F O    1 
ATOM   238  C CB   . LYS A 1 15  ? -9.813  -10.079 4.421   1.00 0.58 ? 15  LYS F CB   1 
ATOM   239  C CG   . LYS A 1 15  ? -10.247 -10.554 5.808   1.00 1.06 ? 15  LYS F CG   1 
ATOM   240  C CD   . LYS A 1 15  ? -11.651 -11.154 5.727   1.00 1.25 ? 15  LYS F CD   1 
ATOM   241  C CE   . LYS A 1 15  ? -11.956 -11.914 7.020   1.00 1.88 ? 15  LYS F CE   1 
ATOM   242  N NZ   . LYS A 1 15  ? -13.306 -12.538 6.922   1.00 2.43 ? 15  LYS F NZ   1 
ATOM   243  H H    . LYS A 1 15  ? -9.109  -8.053  3.007   1.00 0.45 ? 15  LYS F H    1 
ATOM   244  H HA   . LYS A 1 15  ? -8.251  -9.138  5.538   1.00 0.59 ? 15  LYS F HA   1 
ATOM   245  H HB2  . LYS A 1 15  ? -10.538 -9.375  4.039   1.00 0.95 ? 15  LYS F HB2  1 
ATOM   246  H HB3  . LYS A 1 15  ? -9.748  -10.926 3.754   1.00 0.92 ? 15  LYS F HB3  1 
ATOM   247  H HG2  . LYS A 1 15  ? -9.555  -11.303 6.165   1.00 1.53 ? 15  LYS F HG2  1 
ATOM   248  H HG3  . LYS A 1 15  ? -10.252 -9.716  6.490   1.00 1.65 ? 15  LYS F HG3  1 
ATOM   249  H HD2  . LYS A 1 15  ? -12.374 -10.363 5.596   1.00 1.78 ? 15  LYS F HD2  1 
ATOM   250  H HD3  . LYS A 1 15  ? -11.704 -11.833 4.889   1.00 1.67 ? 15  LYS F HD3  1 
ATOM   251  H HE2  . LYS A 1 15  ? -11.214 -12.684 7.169   1.00 2.40 ? 15  LYS F HE2  1 
ATOM   252  H HE3  . LYS A 1 15  ? -11.936 -11.228 7.853   1.00 2.34 ? 15  LYS F HE3  1 
ATOM   253  H HZ1  . LYS A 1 15  ? -13.920 -11.947 6.327   1.00 2.93 ? 15  LYS F HZ1  1 
ATOM   254  H HZ2  . LYS A 1 15  ? -13.221 -13.483 6.498   1.00 2.72 ? 15  LYS F HZ2  1 
ATOM   255  H HZ3  . LYS A 1 15  ? -13.719 -12.620 7.873   1.00 2.72 ? 15  LYS F HZ3  1 
ATOM   256  N N    . ASP A 1 16  ? -7.211  -10.453 2.732   1.00 0.37 ? 16  ASP F N    1 
ATOM   257  C CA   . ASP A 1 16  ? -6.188  -11.354 2.189   1.00 0.37 ? 16  ASP F CA   1 
ATOM   258  C C    . ASP A 1 16  ? -4.822  -10.714 2.376   1.00 0.37 ? 16  ASP F C    1 
ATOM   259  O O    . ASP A 1 16  ? -3.826  -11.381 2.550   1.00 0.51 ? 16  ASP F O    1 
ATOM   260  C CB   . ASP A 1 16  ? -6.450  -11.549 0.710   1.00 0.39 ? 16  ASP F CB   1 
ATOM   261  C CG   . ASP A 1 16  ? -5.907  -12.908 0.263   1.00 0.57 ? 16  ASP F CG   1 
ATOM   262  O OD1  . ASP A 1 16  ? -4.907  -13.335 0.815   1.00 1.13 ? 16  ASP F OD1  1 
ATOM   263  O OD2  . ASP A 1 16  ? -6.502  -13.498 -0.625  1.00 0.78 ? 16  ASP F OD2  1 
ATOM   264  H H    . ASP A 1 16  ? -7.763  -9.936  2.120   1.00 0.37 ? 16  ASP F H    1 
ATOM   265  H HA   . ASP A 1 16  ? -6.237  -12.292 2.698   1.00 0.42 ? 16  ASP F HA   1 
ATOM   266  H HB2  . ASP A 1 16  ? -7.509  -11.499 0.526   1.00 0.47 ? 16  ASP F HB2  1 
ATOM   267  H HB3  . ASP A 1 16  ? -5.957  -10.763 0.170   1.00 0.37 ? 16  ASP F HB3  1 
ATOM   268  N N    . ALA A 1 17  ? -4.778  -9.415  2.325   1.00 0.34 ? 17  ALA F N    1 
ATOM   269  C CA   . ALA A 1 17  ? -3.483  -8.702  2.490   1.00 0.40 ? 17  ALA F CA   1 
ATOM   270  C C    . ALA A 1 17  ? -2.966  -8.897  3.915   1.00 0.38 ? 17  ALA F C    1 
ATOM   271  O O    . ALA A 1 17  ? -1.792  -9.116  4.134   1.00 0.43 ? 17  ALA F O    1 
ATOM   272  C CB   . ALA A 1 17  ? -3.682  -7.211  2.213   1.00 0.49 ? 17  ALA F CB   1 
ATOM   273  H H    . ALA A 1 17  ? -5.603  -8.908  2.171   1.00 0.37 ? 17  ALA F H    1 
ATOM   274  H HA   . ALA A 1 17  ? -2.768  -9.103  1.794   1.00 0.46 ? 17  ALA F HA   1 
ATOM   275  H HB1  . ALA A 1 17  ? -4.541  -6.855  2.762   1.00 1.07 ? 17  ALA F HB1  1 
ATOM   276  H HB2  . ALA A 1 17  ? -2.803  -6.667  2.527   1.00 1.18 ? 17  ALA F HB2  1 
ATOM   277  H HB3  . ALA A 1 17  ? -3.841  -7.060  1.156   1.00 1.17 ? 17  ALA F HB3  1 
ATOM   278  N N    . GLU A 1 18  ? -3.833  -8.819  4.884   1.00 0.35 ? 18  GLU F N    1 
ATOM   279  C CA   . GLU A 1 18  ? -3.385  -9.002  6.293   1.00 0.37 ? 18  GLU F CA   1 
ATOM   280  C C    . GLU A 1 18  ? -2.916  -10.443 6.496   1.00 0.38 ? 18  GLU F C    1 
ATOM   281  O O    . GLU A 1 18  ? -1.920  -10.696 7.142   1.00 0.46 ? 18  GLU F O    1 
ATOM   282  C CB   . GLU A 1 18  ? -4.545  -8.704  7.244   1.00 0.40 ? 18  GLU F CB   1 
ATOM   283  C CG   . GLU A 1 18  ? -5.758  -9.554  6.857   1.00 0.82 ? 18  GLU F CG   1 
ATOM   284  C CD   . GLU A 1 18  ? -6.889  -9.314  7.857   1.00 1.31 ? 18  GLU F CD   1 
ATOM   285  O OE1  . GLU A 1 18  ? -6.755  -8.414  8.670   1.00 1.63 ? 18  GLU F OE1  1 
ATOM   286  O OE2  . GLU A 1 18  ? -7.872  -10.034 7.796   1.00 1.93 ? 18  GLU F OE2  1 
ATOM   287  H H    . GLU A 1 18  ? -4.775  -8.642  4.686   1.00 0.36 ? 18  GLU F H    1 
ATOM   288  H HA   . GLU A 1 18  ? -2.568  -8.327  6.501   1.00 0.40 ? 18  GLU F HA   1 
ATOM   289  H HB2  . GLU A 1 18  ? -4.249  -8.940  8.256   1.00 0.61 ? 18  GLU F HB2  1 
ATOM   290  H HB3  . GLU A 1 18  ? -4.804  -7.658  7.180   1.00 0.66 ? 18  GLU F HB3  1 
ATOM   291  H HG2  . GLU A 1 18  ? -6.088  -9.280  5.866   1.00 1.18 ? 18  GLU F HG2  1 
ATOM   292  H HG3  . GLU A 1 18  ? -5.483  -10.599 6.869   1.00 1.07 ? 18  GLU F HG3  1 
ATOM   293  N N    . ARG A 1 19  ? -3.626  -11.392 5.951   1.00 0.39 ? 19  ARG F N    1 
ATOM   294  C CA   . ARG A 1 19  ? -3.216  -12.816 6.118   1.00 0.46 ? 19  ARG F CA   1 
ATOM   295  C C    . ARG A 1 19  ? -2.194  -13.188 5.039   1.00 0.45 ? 19  ARG F C    1 
ATOM   296  O O    . ARG A 1 19  ? -1.595  -14.244 5.077   1.00 0.75 ? 19  ARG F O    1 
ATOM   297  C CB   . ARG A 1 19  ? -4.443  -13.718 5.990   1.00 0.62 ? 19  ARG F CB   1 
ATOM   298  C CG   . ARG A 1 19  ? -4.355  -14.850 7.015   1.00 1.00 ? 19  ARG F CG   1 
ATOM   299  C CD   . ARG A 1 19  ? -4.138  -16.179 6.290   1.00 1.24 ? 19  ARG F CD   1 
ATOM   300  N NE   . ARG A 1 19  ? -4.725  -17.287 7.097   1.00 1.90 ? 19  ARG F NE   1 
ATOM   301  C CZ   . ARG A 1 19  ? -6.015  -17.344 7.288   1.00 2.52 ? 19  ARG F CZ   1 
ATOM   302  N NH1  . ARG A 1 19  ? -6.817  -16.645 6.532   1.00 3.06 ? 19  ARG F NH1  1 
ATOM   303  N NH2  . ARG A 1 19  ? -6.501  -18.099 8.233   1.00 3.19 ? 19  ARG F NH2  1 
ATOM   304  H H    . ARG A 1 19  ? -4.429  -11.170 5.432   1.00 0.41 ? 19  ARG F H    1 
ATOM   305  H HA   . ARG A 1 19  ? -2.772  -12.949 7.094   1.00 0.52 ? 19  ARG F HA   1 
ATOM   306  H HB2  . ARG A 1 19  ? -5.337  -13.139 6.169   1.00 0.83 ? 19  ARG F HB2  1 
ATOM   307  H HB3  . ARG A 1 19  ? -4.481  -14.137 4.995   1.00 0.71 ? 19  ARG F HB3  1 
ATOM   308  H HG2  . ARG A 1 19  ? -3.527  -14.665 7.685   1.00 1.59 ? 19  ARG F HG2  1 
ATOM   309  H HG3  . ARG A 1 19  ? -5.273  -14.894 7.583   1.00 1.67 ? 19  ARG F HG3  1 
ATOM   310  H HD2  . ARG A 1 19  ? -4.619  -16.145 5.324   1.00 1.81 ? 19  ARG F HD2  1 
ATOM   311  H HD3  . ARG A 1 19  ? -3.080  -16.351 6.160   1.00 1.65 ? 19  ARG F HD3  1 
ATOM   312  H HE   . ARG A 1 19  ? -4.141  -17.973 7.485   1.00 2.38 ? 19  ARG F HE   1 
ATOM   313  H HH11 . ARG A 1 19  ? -6.444  -16.066 5.807   1.00 3.08 ? 19  ARG F HH11 1 
ATOM   314  H HH12 . ARG A 1 19  ? -7.805  -16.688 6.679   1.00 3.79 ? 19  ARG F HH12 1 
ATOM   315  H HH21 . ARG A 1 19  ? -5.886  -18.635 8.812   1.00 3.38 ? 19  ARG F HH21 1 
ATOM   316  H HH22 . ARG A 1 19  ? -7.490  -18.143 8.380   1.00 3.80 ? 19  ARG F HH22 1 
ATOM   317  N N    . GLN A 1 20  ? -1.986  -12.326 4.081   1.00 0.49 ? 20  GLN F N    1 
ATOM   318  C CA   . GLN A 1 20  ? -1.001  -12.631 3.004   1.00 0.47 ? 20  GLN F CA   1 
ATOM   319  C C    . GLN A 1 20  ? 0.388   -12.191 3.459   1.00 0.42 ? 20  GLN F C    1 
ATOM   320  O O    . GLN A 1 20  ? 1.391   -12.745 3.055   1.00 0.64 ? 20  GLN F O    1 
ATOM   321  C CB   . GLN A 1 20  ? -1.387  -11.881 1.724   1.00 0.54 ? 20  GLN F CB   1 
ATOM   322  C CG   . GLN A 1 20  ? -2.372  -12.729 0.915   1.00 1.02 ? 20  GLN F CG   1 
ATOM   323  C CD   . GLN A 1 20  ? -1.606  -13.548 -0.125  1.00 1.27 ? 20  GLN F CD   1 
ATOM   324  O OE1  . GLN A 1 20  ? -0.616  -13.095 -0.664  1.00 1.92 ? 20  GLN F OE1  1 
ATOM   325  N NE2  . GLN A 1 20  ? -2.026  -14.745 -0.434  1.00 1.91 ? 20  GLN F NE2  1 
ATOM   326  H H    . GLN A 1 20  ? -2.472  -11.477 4.076   1.00 0.77 ? 20  GLN F H    1 
ATOM   327  H HA   . GLN A 1 20  ? -0.997  -13.695 2.811   1.00 0.52 ? 20  GLN F HA   1 
ATOM   328  H HB2  . GLN A 1 20  ? -1.849  -10.940 1.982   1.00 0.76 ? 20  GLN F HB2  1 
ATOM   329  H HB3  . GLN A 1 20  ? -0.502  -11.697 1.131   1.00 0.59 ? 20  GLN F HB3  1 
ATOM   330  H HG2  . GLN A 1 20  ? -2.903  -13.395 1.578   1.00 1.71 ? 20  GLN F HG2  1 
ATOM   331  H HG3  . GLN A 1 20  ? -3.078  -12.081 0.414   1.00 1.66 ? 20  GLN F HG3  1 
ATOM   332  H HE21 . GLN A 1 20  ? -2.825  -15.111 0.000   1.00 2.27 ? 20  GLN F HE21 1 
ATOM   333  H HE22 . GLN A 1 20  ? -1.543  -15.278 -1.099  1.00 2.45 ? 20  GLN F HE22 1 
ATOM   334  N N    . LEU A 1 21  ? 0.451   -11.201 4.305   1.00 0.44 ? 21  LEU F N    1 
ATOM   335  C CA   . LEU A 1 21  ? 1.770   -10.726 4.798   1.00 0.50 ? 21  LEU F CA   1 
ATOM   336  C C    . LEU A 1 21  ? 2.124   -11.481 6.079   1.00 0.51 ? 21  LEU F C    1 
ATOM   337  O O    . LEU A 1 21  ? 3.231   -11.950 6.252   1.00 0.60 ? 21  LEU F O    1 
ATOM   338  C CB   . LEU A 1 21  ? 1.694   -9.227  5.088   1.00 0.57 ? 21  LEU F CB   1 
ATOM   339  C CG   . LEU A 1 21  ? 2.526   -8.464  4.055   1.00 0.65 ? 21  LEU F CG   1 
ATOM   340  C CD1  . LEU A 1 21  ? 2.180   -8.964  2.651   1.00 1.21 ? 21  LEU F CD1  1 
ATOM   341  C CD2  . LEU A 1 21  ? 2.214   -6.969  4.153   1.00 1.40 ? 21  LEU F CD2  1 
ATOM   342  H H    . LEU A 1 21  ? -0.372  -10.775 4.620   1.00 0.62 ? 21  LEU F H    1 
ATOM   343  H HA   . LEU A 1 21  ? 2.524   -10.913 4.051   1.00 0.57 ? 21  LEU F HA   1 
ATOM   344  H HB2  . LEU A 1 21  ? 0.666   -8.902  5.033   1.00 0.75 ? 21  LEU F HB2  1 
ATOM   345  H HB3  . LEU A 1 21  ? 2.081   -9.032  6.076   1.00 0.81 ? 21  LEU F HB3  1 
ATOM   346  H HG   . LEU A 1 21  ? 3.577   -8.626  4.246   1.00 1.40 ? 21  LEU F HG   1 
ATOM   347  H HD11 . LEU A 1 21  ? 1.357   -9.661  2.709   1.00 1.64 ? 21  LEU F HD11 1 
ATOM   348  H HD12 . LEU A 1 21  ? 1.901   -8.127  2.030   1.00 1.73 ? 21  LEU F HD12 1 
ATOM   349  H HD13 . LEU A 1 21  ? 3.040   -9.459  2.223   1.00 1.89 ? 21  LEU F HD13 1 
ATOM   350  H HD21 . LEU A 1 21  ? 2.147   -6.683  5.193   1.00 1.91 ? 21  LEU F HD21 1 
ATOM   351  H HD22 . LEU A 1 21  ? 3.000   -6.405  3.675   1.00 1.84 ? 21  LEU F HD22 1 
ATOM   352  H HD23 . LEU A 1 21  ? 1.274   -6.764  3.663   1.00 1.97 ? 21  LEU F HD23 1 
ATOM   353  N N    . LEU A 1 22  ? 1.187   -11.602 6.976   1.00 0.48 ? 22  LEU F N    1 
ATOM   354  C CA   . LEU A 1 22  ? 1.460   -12.329 8.246   1.00 0.55 ? 22  LEU F CA   1 
ATOM   355  C C    . LEU A 1 22  ? 1.588   -13.828 7.962   1.00 0.67 ? 22  LEU F C    1 
ATOM   356  O O    . LEU A 1 22  ? 2.437   -14.501 8.512   1.00 0.81 ? 22  LEU F O    1 
ATOM   357  C CB   . LEU A 1 22  ? 0.311   -12.090 9.230   1.00 0.54 ? 22  LEU F CB   1 
ATOM   358  C CG   . LEU A 1 22  ? 0.074   -10.586 9.390   1.00 0.49 ? 22  LEU F CG   1 
ATOM   359  C CD1  . LEU A 1 22  ? -0.803  -10.336 10.618  1.00 0.99 ? 22  LEU F CD1  1 
ATOM   360  C CD2  . LEU A 1 22  ? 1.415   -9.870  9.567   1.00 0.78 ? 22  LEU F CD2  1 
ATOM   361  H H    . LEU A 1 22  ? 0.302   -11.216 6.812   1.00 0.48 ? 22  LEU F H    1 
ATOM   362  H HA   . LEU A 1 22  ? 2.381   -11.966 8.676   1.00 0.61 ? 22  LEU F HA   1 
ATOM   363  H HB2  . LEU A 1 22  ? -0.588  -12.558 8.853   1.00 0.61 ? 22  LEU F HB2  1 
ATOM   364  H HB3  . LEU A 1 22  ? 0.563   -12.519 10.189  1.00 0.65 ? 22  LEU F HB3  1 
ATOM   365  H HG   . LEU A 1 22  ? -0.421  -10.204 8.510   1.00 0.69 ? 22  LEU F HG   1 
ATOM   366  H HD11 . LEU A 1 22  ? -1.632  -11.028 10.615  1.00 1.53 ? 22  LEU F HD11 1 
ATOM   367  H HD12 . LEU A 1 22  ? -0.218  -10.480 11.514  1.00 1.41 ? 22  LEU F HD12 1 
ATOM   368  H HD13 . LEU A 1 22  ? -1.179  -9.324  10.592  1.00 1.55 ? 22  LEU F HD13 1 
ATOM   369  H HD21 . LEU A 1 22  ? 2.099   -10.515 10.098  1.00 1.22 ? 22  LEU F HD21 1 
ATOM   370  H HD22 . LEU A 1 22  ? 1.825   -9.632  8.597   1.00 1.24 ? 22  LEU F HD22 1 
ATOM   371  H HD23 . LEU A 1 22  ? 1.267   -8.960  10.130  1.00 1.57 ? 22  LEU F HD23 1 
ATOM   372  N N    . SER A 1 23  ? 0.755   -14.361 7.107   1.00 0.82 ? 23  SER F N    1 
ATOM   373  C CA   . SER A 1 23  ? 0.842   -15.816 6.797   1.00 0.98 ? 23  SER F CA   1 
ATOM   374  C C    . SER A 1 23  ? 2.001   -16.060 5.829   1.00 1.21 ? 23  SER F C    1 
ATOM   375  O O    . SER A 1 23  ? 1.806   -16.224 4.640   1.00 2.10 ? 23  SER F O    1 
ATOM   376  C CB   . SER A 1 23  ? -0.466  -16.282 6.155   1.00 1.35 ? 23  SER F CB   1 
ATOM   377  O OG   . SER A 1 23  ? -0.603  -17.685 6.326   1.00 2.07 ? 23  SER F OG   1 
ATOM   378  H H    . SER A 1 23  ? 0.074   -13.805 6.670   1.00 0.93 ? 23  SER F H    1 
ATOM   379  H HA   . SER A 1 23  ? 1.013   -16.368 7.709   1.00 0.96 ? 23  SER F HA   1 
ATOM   380  H HB2  . SER A 1 23  ? -1.298  -15.779 6.625   1.00 1.59 ? 23  SER F HB2  1 
ATOM   381  H HB3  . SER A 1 23  ? -0.453  -16.048 5.100   1.00 1.80 ? 23  SER F HB3  1 
ATOM   382  H HG   . SER A 1 23  ? -1.530  -17.909 6.211   1.00 2.28 ? 23  SER F HG   1 
ATOM   383  N N    . PHE A 1 24  ? 3.207   -16.085 6.328   1.00 1.18 ? 24  PHE F N    1 
ATOM   384  C CA   . PHE A 1 24  ? 4.378   -16.318 5.436   1.00 1.49 ? 24  PHE F CA   1 
ATOM   385  C C    . PHE A 1 24  ? 4.406   -15.249 4.342   1.00 1.29 ? 24  PHE F C    1 
ATOM   386  O O    . PHE A 1 24  ? 3.567   -15.225 3.463   1.00 1.93 ? 24  PHE F O    1 
ATOM   387  C CB   . PHE A 1 24  ? 4.265   -17.703 4.794   1.00 2.47 ? 24  PHE F CB   1 
ATOM   388  C CG   . PHE A 1 24  ? 5.637   -18.182 4.384   1.00 3.10 ? 24  PHE F CG   1 
ATOM   389  C CD1  . PHE A 1 24  ? 6.717   -18.051 5.266   1.00 3.55 ? 24  PHE F CD1  1 
ATOM   390  C CD2  . PHE A 1 24  ? 5.830   -18.759 3.123   1.00 3.92 ? 24  PHE F CD2  1 
ATOM   391  C CE1  . PHE A 1 24  ? 7.989   -18.495 4.886   1.00 4.55 ? 24  PHE F CE1  1 
ATOM   392  C CE2  . PHE A 1 24  ? 7.102   -19.203 2.743   1.00 4.85 ? 24  PHE F CE2  1 
ATOM   393  C CZ   . PHE A 1 24  ? 8.181   -19.072 3.625   1.00 5.10 ? 24  PHE F CZ   1 
ATOM   394  H H    . PHE A 1 24  ? 3.342   -15.951 7.288   1.00 1.62 ? 24  PHE F H    1 
ATOM   395  H HA   . PHE A 1 24  ? 5.288   -16.263 6.015   1.00 2.05 ? 24  PHE F HA   1 
ATOM   396  H HB2  . PHE A 1 24  ? 3.840   -18.395 5.505   1.00 3.03 ? 24  PHE F HB2  1 
ATOM   397  H HB3  . PHE A 1 24  ? 3.629   -17.644 3.924   1.00 2.77 ? 24  PHE F HB3  1 
ATOM   398  H HD1  . PHE A 1 24  ? 6.570   -17.606 6.239   1.00 3.53 ? 24  PHE F HD1  1 
ATOM   399  H HD2  . PHE A 1 24  ? 4.996   -18.860 2.444   1.00 4.14 ? 24  PHE F HD2  1 
ATOM   400  H HE1  . PHE A 1 24  ? 8.822   -18.394 5.566   1.00 5.17 ? 24  PHE F HE1  1 
ATOM   401  H HE2  . PHE A 1 24  ? 7.249   -19.648 1.770   1.00 5.64 ? 24  PHE F HE2  1 
ATOM   402  H HZ   . PHE A 1 24  ? 9.162   -19.415 3.331   1.00 5.97 ? 24  PHE F HZ   1 
ATOM   403  N N    . GLY A 1 25  ? 5.364   -14.364 4.388   1.00 1.33 ? 25  GLY F N    1 
ATOM   404  C CA   . GLY A 1 25  ? 5.444   -13.298 3.351   1.00 2.09 ? 25  GLY F CA   1 
ATOM   405  C C    . GLY A 1 25  ? 6.682   -12.436 3.600   1.00 1.88 ? 25  GLY F C    1 
ATOM   406  O O    . GLY A 1 25  ? 7.710   -12.613 2.978   1.00 2.44 ? 25  GLY F O    1 
ATOM   407  H H    . GLY A 1 25  ? 6.030   -14.401 5.106   1.00 1.46 ? 25  GLY F H    1 
ATOM   408  H HA2  . GLY A 1 25  ? 5.511   -13.750 2.375   1.00 2.78 ? 25  GLY F HA2  1 
ATOM   409  H HA3  . GLY A 1 25  ? 4.559   -12.680 3.401   1.00 2.53 ? 25  GLY F HA3  1 
ATOM   410  N N    . ASN A 1 26  ? 6.589   -11.505 4.507   1.00 1.28 ? 26  ASN F N    1 
ATOM   411  C CA   . ASN A 1 26  ? 7.759   -10.628 4.797   1.00 1.26 ? 26  ASN F CA   1 
ATOM   412  C C    . ASN A 1 26  ? 7.595   -10.000 6.185   1.00 1.05 ? 26  ASN F C    1 
ATOM   413  O O    . ASN A 1 26  ? 6.544   -10.095 6.786   1.00 1.00 ? 26  ASN F O    1 
ATOM   414  C CB   . ASN A 1 26  ? 7.841   -9.522  3.745   1.00 1.46 ? 26  ASN F CB   1 
ATOM   415  C CG   . ASN A 1 26  ? 8.944   -9.856  2.739   1.00 1.81 ? 26  ASN F CG   1 
ATOM   416  O OD1  . ASN A 1 26  ? 10.064  -9.405  2.876   1.00 2.29 ? 26  ASN F OD1  1 
ATOM   417  N ND2  . ASN A 1 26  ? 8.674   -10.632 1.726   1.00 2.34 ? 26  ASN F ND2  1 
ATOM   418  H H    . ASN A 1 26  ? 5.750   -11.381 4.995   1.00 1.14 ? 26  ASN F H    1 
ATOM   419  H HA   . ASN A 1 26  ? 8.665   -11.217 4.774   1.00 1.45 ? 26  ASN F HA   1 
ATOM   420  H HB2  . ASN A 1 26  ? 6.895   -9.445  3.229   1.00 1.65 ? 26  ASN F HB2  1 
ATOM   421  H HB3  . ASN A 1 26  ? 8.066   -8.583  4.227   1.00 1.65 ? 26  ASN F HB3  1 
ATOM   422  H HD21 . ASN A 1 26  ? 7.770   -10.996 1.615   1.00 2.74 ? 26  ASN F HD21 1 
ATOM   423  H HD22 . ASN A 1 26  ? 9.374   -10.852 1.076   1.00 2.67 ? 26  ASN F HD22 1 
ATOM   424  N N    . PRO A 1 27  ? 8.646   -9.373  6.649   1.00 1.01 ? 27  PRO F N    1 
ATOM   425  C CA   . PRO A 1 27  ? 8.659   -8.712  7.964   1.00 0.91 ? 27  PRO F CA   1 
ATOM   426  C C    . PRO A 1 27  ? 7.935   -7.363  7.890   1.00 0.75 ? 27  PRO F C    1 
ATOM   427  O O    . PRO A 1 27  ? 7.140   -7.123  7.004   1.00 0.72 ? 27  PRO F O    1 
ATOM   428  C CB   . PRO A 1 27  ? 10.150  -8.517  8.254   1.00 1.07 ? 27  PRO F CB   1 
ATOM   429  C CG   . PRO A 1 27  ? 10.867  -8.548  6.882   1.00 1.19 ? 27  PRO F CG   1 
ATOM   430  C CD   . PRO A 1 27  ? 9.919   -9.267  5.904   1.00 1.17 ? 27  PRO F CD   1 
ATOM   431  H HA   . PRO A 1 27  ? 8.215   -9.344  8.717   1.00 0.95 ? 27  PRO F HA   1 
ATOM   432  H HB2  . PRO A 1 27  ? 10.313  -7.565  8.736   1.00 1.05 ? 27  PRO F HB2  1 
ATOM   433  H HB3  . PRO A 1 27  ? 10.513  -9.318  8.881   1.00 1.20 ? 27  PRO F HB3  1 
ATOM   434  H HG2  . PRO A 1 27  ? 11.057  -7.542  6.541   1.00 1.18 ? 27  PRO F HG2  1 
ATOM   435  H HG3  . PRO A 1 27  ? 11.797  -9.093  6.964   1.00 1.35 ? 27  PRO F HG3  1 
ATOM   436  H HD2  . PRO A 1 27  ? 9.784   -8.680  5.008   1.00 1.20 ? 27  PRO F HD2  1 
ATOM   437  H HD3  . PRO A 1 27  ? 10.297  -10.248 5.662   1.00 1.31 ? 27  PRO F HD3  1 
ATOM   438  N N    . ARG A 1 28  ? 8.205   -6.482  8.814   1.00 0.75 ? 28  ARG F N    1 
ATOM   439  C CA   . ARG A 1 28  ? 7.534   -5.153  8.795   1.00 0.67 ? 28  ARG F CA   1 
ATOM   440  C C    . ARG A 1 28  ? 8.189   -4.267  7.734   1.00 0.64 ? 28  ARG F C    1 
ATOM   441  O O    . ARG A 1 28  ? 9.244   -4.579  7.218   1.00 0.71 ? 28  ARG F O    1 
ATOM   442  C CB   . ARG A 1 28  ? 7.670   -4.491  10.168  1.00 0.76 ? 28  ARG F CB   1 
ATOM   443  C CG   . ARG A 1 28  ? 9.137   -4.139  10.421  1.00 1.33 ? 28  ARG F CG   1 
ATOM   444  C CD   . ARG A 1 28  ? 9.290   -3.577  11.836  1.00 1.58 ? 28  ARG F CD   1 
ATOM   445  N NE   . ARG A 1 28  ? 10.715  -3.676  12.258  1.00 2.31 ? 28  ARG F NE   1 
ATOM   446  C CZ   . ARG A 1 28  ? 11.247  -2.735  12.990  1.00 2.94 ? 28  ARG F CZ   1 
ATOM   447  N NH1  . ARG A 1 28  ? 10.595  -2.262  14.017  1.00 3.29 ? 28  ARG F NH1  1 
ATOM   448  N NH2  . ARG A 1 28  ? 12.429  -2.268  12.696  1.00 3.67 ? 28  ARG F NH2  1 
ATOM   449  H H    . ARG A 1 28  ? 8.851   -6.695  9.521   1.00 0.86 ? 28  ARG F H    1 
ATOM   450  H HA   . ARG A 1 28  ? 6.488   -5.282  8.560   1.00 0.66 ? 28  ARG F HA   1 
ATOM   451  H HB2  . ARG A 1 28  ? 7.073   -3.592  10.195  1.00 1.16 ? 28  ARG F HB2  1 
ATOM   452  H HB3  . ARG A 1 28  ? 7.326   -5.174  10.931  1.00 1.10 ? 28  ARG F HB3  1 
ATOM   453  H HG2  . ARG A 1 28  ? 9.743   -5.027  10.319  1.00 1.83 ? 28  ARG F HG2  1 
ATOM   454  H HG3  . ARG A 1 28  ? 9.458   -3.399  9.702   1.00 1.92 ? 28  ARG F HG3  1 
ATOM   455  H HD2  . ARG A 1 28  ? 8.983   -2.541  11.847  1.00 1.82 ? 28  ARG F HD2  1 
ATOM   456  H HD3  . ARG A 1 28  ? 8.672   -4.143  12.517  1.00 1.90 ? 28  ARG F HD3  1 
ATOM   457  H HE   . ARG A 1 28  ? 11.254  -4.448  11.986  1.00 2.72 ? 28  ARG F HE   1 
ATOM   458  H HH11 . ARG A 1 28  ? 9.689   -2.620  14.244  1.00 3.22 ? 28  ARG F HH11 1 
ATOM   459  H HH12 . ARG A 1 28  ? 11.002  -1.542  14.578  1.00 3.92 ? 28  ARG F HH12 1 
ATOM   460  H HH21 . ARG A 1 28  ? 12.928  -2.630  11.909  1.00 3.87 ? 28  ARG F HH21 1 
ATOM   461  H HH22 . ARG A 1 28  ? 12.835  -1.547  13.257  1.00 4.26 ? 28  ARG F HH22 1 
ATOM   462  N N    . GLY A 1 29  ? 7.573   -3.166  7.400   1.00 0.61 ? 29  GLY F N    1 
ATOM   463  C CA   . GLY A 1 29  ? 8.164   -2.266  6.371   1.00 0.67 ? 29  GLY F CA   1 
ATOM   464  C C    . GLY A 1 29  ? 7.822   -2.796  4.975   1.00 0.68 ? 29  GLY F C    1 
ATOM   465  O O    . GLY A 1 29  ? 8.303   -2.298  3.977   1.00 0.83 ? 29  GLY F O    1 
ATOM   466  H H    . GLY A 1 29  ? 6.721   -2.932  7.825   1.00 0.62 ? 29  GLY F H    1 
ATOM   467  H HA2  . GLY A 1 29  ? 7.759   -1.271  6.487   1.00 0.72 ? 29  GLY F HA2  1 
ATOM   468  H HA3  . GLY A 1 29  ? 9.237   -2.236  6.491   1.00 0.71 ? 29  GLY F HA3  1 
ATOM   469  N N    . THR A 1 30  ? 6.993   -3.802  4.900   1.00 0.59 ? 30  THR F N    1 
ATOM   470  C CA   . THR A 1 30  ? 6.619   -4.362  3.570   1.00 0.66 ? 30  THR F CA   1 
ATOM   471  C C    . THR A 1 30  ? 5.251   -3.816  3.160   1.00 0.64 ? 30  THR F C    1 
ATOM   472  O O    . THR A 1 30  ? 4.234   -4.177  3.717   1.00 0.95 ? 30  THR F O    1 
ATOM   473  C CB   . THR A 1 30  ? 6.561   -5.889  3.658   1.00 0.72 ? 30  THR F CB   1 
ATOM   474  O OG1  . THR A 1 30  ? 7.813   -6.387  4.114   1.00 0.79 ? 30  THR F OG1  1 
ATOM   475  C CG2  . THR A 1 30  ? 6.248   -6.472  2.279   1.00 0.91 ? 30  THR F CG2  1 
ATOM   476  H H    . THR A 1 30  ? 6.615   -4.188  5.718   1.00 0.53 ? 30  THR F H    1 
ATOM   477  H HA   . THR A 1 30  ? 7.357   -4.071  2.836   1.00 0.74 ? 30  THR F HA   1 
ATOM   478  H HB   . THR A 1 30  ? 5.785   -6.181  4.350   1.00 0.74 ? 30  THR F HB   1 
ATOM   479  H HG1  . THR A 1 30  ? 8.464   -5.685  4.028   1.00 0.84 ? 30  THR F HG1  1 
ATOM   480  H HG21 . THR A 1 30  ? 5.669   -5.759  1.710   1.00 1.33 ? 30  THR F HG21 1 
ATOM   481  H HG22 . THR A 1 30  ? 7.172   -6.680  1.759   1.00 1.30 ? 30  THR F HG22 1 
ATOM   482  H HG23 . THR A 1 30  ? 5.685   -7.386  2.392   1.00 1.51 ? 30  THR F HG23 1 
ATOM   483  N N    . PHE A 1 31  ? 5.219   -2.936  2.199   1.00 0.53 ? 31  PHE F N    1 
ATOM   484  C CA   . PHE A 1 31  ? 3.921   -2.352  1.764   1.00 0.54 ? 31  PHE F CA   1 
ATOM   485  C C    . PHE A 1 31  ? 3.542   -2.890  0.379   1.00 0.61 ? 31  PHE F C    1 
ATOM   486  O O    . PHE A 1 31  ? 4.135   -2.529  -0.618  1.00 1.12 ? 31  PHE F O    1 
ATOM   487  C CB   . PHE A 1 31  ? 4.058   -0.828  1.694   1.00 0.66 ? 31  PHE F CB   1 
ATOM   488  C CG   . PHE A 1 31  ? 4.045   -0.239  3.086   1.00 0.67 ? 31  PHE F CG   1 
ATOM   489  C CD1  . PHE A 1 31  ? 4.887   -0.754  4.080   1.00 0.97 ? 31  PHE F CD1  1 
ATOM   490  C CD2  . PHE A 1 31  ? 3.192   0.832   3.381   1.00 1.17 ? 31  PHE F CD2  1 
ATOM   491  C CE1  . PHE A 1 31  ? 4.876   -0.200  5.365   1.00 1.07 ? 31  PHE F CE1  1 
ATOM   492  C CE2  . PHE A 1 31  ? 3.180   1.385   4.666   1.00 1.46 ? 31  PHE F CE2  1 
ATOM   493  C CZ   . PHE A 1 31  ? 4.022   0.870   5.658   1.00 1.20 ? 31  PHE F CZ   1 
ATOM   494  H H    . PHE A 1 31  ? 6.051   -2.649  1.770   1.00 0.69 ? 31  PHE F H    1 
ATOM   495  H HA   . PHE A 1 31  ? 3.153   -2.612  2.475   1.00 0.53 ? 31  PHE F HA   1 
ATOM   496  H HB2  . PHE A 1 31  ? 4.990   -0.579  1.212   1.00 0.76 ? 31  PHE F HB2  1 
ATOM   497  H HB3  . PHE A 1 31  ? 3.237   -0.420  1.122   1.00 0.90 ? 31  PHE F HB3  1 
ATOM   498  H HD1  . PHE A 1 31  ? 5.546   -1.579  3.856   1.00 1.44 ? 31  PHE F HD1  1 
ATOM   499  H HD2  . PHE A 1 31  ? 2.541   1.230   2.616   1.00 1.56 ? 31  PHE F HD2  1 
ATOM   500  H HE1  . PHE A 1 31  ? 5.525   -0.597  6.131   1.00 1.43 ? 31  PHE F HE1  1 
ATOM   501  H HE2  . PHE A 1 31  ? 2.521   2.210   4.893   1.00 2.05 ? 31  PHE F HE2  1 
ATOM   502  H HZ   . PHE A 1 31  ? 4.013   1.298   6.650   1.00 1.47 ? 31  PHE F HZ   1 
ATOM   503  N N    . LEU A 1 32  ? 2.551   -3.739  0.306   1.00 0.36 ? 32  LEU F N    1 
ATOM   504  C CA   . LEU A 1 32  ? 2.132   -4.285  -1.017  1.00 0.45 ? 32  LEU F CA   1 
ATOM   505  C C    . LEU A 1 32  ? 0.957   -3.457  -1.546  1.00 0.38 ? 32  LEU F C    1 
ATOM   506  O O    . LEU A 1 32  ? 0.588   -2.460  -0.965  1.00 0.42 ? 32  LEU F O    1 
ATOM   507  C CB   . LEU A 1 32  ? 1.704   -5.745  -0.859  1.00 0.61 ? 32  LEU F CB   1 
ATOM   508  C CG   . LEU A 1 32  ? 0.400   -5.808  -0.066  1.00 0.65 ? 32  LEU F CG   1 
ATOM   509  C CD1  . LEU A 1 32  ? -0.783  -5.637  -1.019  1.00 1.19 ? 32  LEU F CD1  1 
ATOM   510  C CD2  . LEU A 1 32  ? 0.295   -7.162  0.638   1.00 1.36 ? 32  LEU F CD2  1 
ATOM   511  H H    . LEU A 1 32  ? 2.078   -4.013  1.119   1.00 0.57 ? 32  LEU F H    1 
ATOM   512  H HA   . LEU A 1 32  ? 2.958   -4.222  -1.711  1.00 0.56 ? 32  LEU F HA   1 
ATOM   513  H HB2  . LEU A 1 32  ? 1.555   -6.184  -1.835  1.00 1.00 ? 32  LEU F HB2  1 
ATOM   514  H HB3  . LEU A 1 32  ? 2.473   -6.290  -0.332  1.00 1.14 ? 32  LEU F HB3  1 
ATOM   515  H HG   . LEU A 1 32  ? 0.387   -5.017  0.669   1.00 1.48 ? 32  LEU F HG   1 
ATOM   516  H HD11 . LEU A 1 32  ? -0.513  -6.004  -1.998  1.00 1.78 ? 32  LEU F HD11 1 
ATOM   517  H HD12 . LEU A 1 32  ? -1.630  -6.194  -0.646  1.00 1.70 ? 32  LEU F HD12 1 
ATOM   518  H HD13 . LEU A 1 32  ? -1.041  -4.590  -1.086  1.00 1.70 ? 32  LEU F HD13 1 
ATOM   519  H HD21 . LEU A 1 32  ? 1.081   -7.813  0.285   1.00 1.92 ? 32  LEU F HD21 1 
ATOM   520  H HD22 . LEU A 1 32  ? 0.396   -7.021  1.705   1.00 1.85 ? 32  LEU F HD22 1 
ATOM   521  H HD23 . LEU A 1 32  ? -0.665  -7.607  0.424   1.00 1.88 ? 32  LEU F HD23 1 
ATOM   522  N N    . ILE A 1 33  ? 0.369   -3.855  -2.643  1.00 0.35 ? 33  ILE F N    1 
ATOM   523  C CA   . ILE A 1 33  ? -0.776  -3.075  -3.202  1.00 0.31 ? 33  ILE F CA   1 
ATOM   524  C C    . ILE A 1 33  ? -1.886  -4.045  -3.627  1.00 0.29 ? 33  ILE F C    1 
ATOM   525  O O    . ILE A 1 33  ? -1.701  -5.245  -3.646  1.00 0.33 ? 33  ILE F O    1 
ATOM   526  C CB   . ILE A 1 33  ? -0.284  -2.247  -4.409  1.00 0.34 ? 33  ILE F CB   1 
ATOM   527  C CG1  . ILE A 1 33  ? 0.308   -0.929  -3.902  1.00 0.39 ? 33  ILE F CG1  1 
ATOM   528  C CG2  . ILE A 1 33  ? -1.436  -1.951  -5.380  1.00 0.36 ? 33  ILE F CG2  1 
ATOM   529  C CD1  . ILE A 1 33  ? 0.507   0.034   -5.076  1.00 0.43 ? 33  ILE F CD1  1 
ATOM   530  H H    . ILE A 1 33  ? 0.683   -4.663  -3.102  1.00 0.41 ? 33  ILE F H    1 
ATOM   531  H HA   . ILE A 1 33  ? -1.158  -2.409  -2.442  1.00 0.31 ? 33  ILE F HA   1 
ATOM   532  H HB   . ILE A 1 33  ? 0.480   -2.797  -4.930  1.00 0.35 ? 33  ILE F HB   1 
ATOM   533  H HG12 . ILE A 1 33  ? -0.365  -0.486  -3.182  1.00 0.88 ? 33  ILE F HG12 1 
ATOM   534  H HG13 . ILE A 1 33  ? 1.260   -1.124  -3.432  1.00 1.03 ? 33  ILE F HG13 1 
ATOM   535  H HG21 . ILE A 1 33  ? -1.888  -2.879  -5.699  1.00 1.10 ? 33  ILE F HG21 1 
ATOM   536  H HG22 . ILE A 1 33  ? -2.175  -1.338  -4.889  1.00 1.10 ? 33  ILE F HG22 1 
ATOM   537  H HG23 . ILE A 1 33  ? -1.051  -1.426  -6.241  1.00 1.05 ? 33  ILE F HG23 1 
ATOM   538  H HD11 . ILE A 1 33  ? 0.672   -0.532  -5.981  1.00 1.20 ? 33  ILE F HD11 1 
ATOM   539  H HD12 . ILE A 1 33  ? -0.374  0.649   -5.190  1.00 1.09 ? 33  ILE F HD12 1 
ATOM   540  H HD13 . ILE A 1 33  ? 1.363   0.663   -4.884  1.00 1.00 ? 33  ILE F HD13 1 
ATOM   541  N N    . ARG A 1 34  ? -3.038  -3.534  -3.962  1.00 0.28 ? 34  ARG F N    1 
ATOM   542  C CA   . ARG A 1 34  ? -4.155  -4.425  -4.383  1.00 0.30 ? 34  ARG F CA   1 
ATOM   543  C C    . ARG A 1 34  ? -5.398  -3.578  -4.659  1.00 0.30 ? 34  ARG F C    1 
ATOM   544  O O    . ARG A 1 34  ? -5.516  -2.461  -4.199  1.00 0.36 ? 34  ARG F O    1 
ATOM   545  C CB   . ARG A 1 34  ? -4.457  -5.436  -3.274  1.00 0.34 ? 34  ARG F CB   1 
ATOM   546  C CG   . ARG A 1 34  ? -4.173  -4.806  -1.910  1.00 0.46 ? 34  ARG F CG   1 
ATOM   547  C CD   . ARG A 1 34  ? -5.181  -5.333  -0.887  1.00 0.81 ? 34  ARG F CD   1 
ATOM   548  N NE   . ARG A 1 34  ? -5.093  -4.525  0.361   1.00 1.00 ? 34  ARG F NE   1 
ATOM   549  C CZ   . ARG A 1 34  ? -6.067  -3.722  0.689   1.00 0.87 ? 34  ARG F CZ   1 
ATOM   550  N NH1  . ARG A 1 34  ? -6.822  -3.199  -0.239  1.00 1.19 ? 34  ARG F NH1  1 
ATOM   551  N NH2  . ARG A 1 34  ? -6.288  -3.443  1.944   1.00 1.59 ? 34  ARG F NH2  1 
ATOM   552  H H    . ARG A 1 34  ? -3.169  -2.565  -3.935  1.00 0.28 ? 34  ARG F H    1 
ATOM   553  H HA   . ARG A 1 34  ? -3.873  -4.952  -5.283  1.00 0.34 ? 34  ARG F HA   1 
ATOM   554  H HB2  . ARG A 1 34  ? -5.496  -5.726  -3.327  1.00 0.38 ? 34  ARG F HB2  1 
ATOM   555  H HB3  . ARG A 1 34  ? -3.833  -6.309  -3.405  1.00 0.38 ? 34  ARG F HB3  1 
ATOM   556  H HG2  . ARG A 1 34  ? -3.172  -5.064  -1.596  1.00 0.78 ? 34  ARG F HG2  1 
ATOM   557  H HG3  . ARG A 1 34  ? -4.261  -3.732  -1.983  1.00 0.73 ? 34  ARG F HG3  1 
ATOM   558  H HD2  . ARG A 1 34  ? -6.179  -5.260  -1.294  1.00 1.30 ? 34  ARG F HD2  1 
ATOM   559  H HD3  . ARG A 1 34  ? -4.959  -6.366  -0.663  1.00 1.44 ? 34  ARG F HD3  1 
ATOM   560  H HE   . ARG A 1 34  ? -4.303  -4.597  0.937   1.00 1.77 ? 34  ARG F HE   1 
ATOM   561  H HH11 . ARG A 1 34  ? -6.652  -3.413  -1.201  1.00 1.62 ? 34  ARG F HH11 1 
ATOM   562  H HH12 . ARG A 1 34  ? -7.568  -2.583  0.012   1.00 1.57 ? 34  ARG F HH12 1 
ATOM   563  H HH21 . ARG A 1 34  ? -5.711  -3.845  2.655   1.00 2.21 ? 34  ARG F HH21 1 
ATOM   564  H HH22 . ARG A 1 34  ? -7.035  -2.828  2.196   1.00 1.81 ? 34  ARG F HH22 1 
ATOM   565  N N    . GLU A 1 35  ? -6.320  -4.089  -5.421  1.00 0.30 ? 35  GLU F N    1 
ATOM   566  C CA   . GLU A 1 35  ? -7.542  -3.304  -5.737  1.00 0.30 ? 35  GLU F CA   1 
ATOM   567  C C    . GLU A 1 35  ? -8.453  -3.210  -4.513  1.00 0.30 ? 35  GLU F C    1 
ATOM   568  O O    . GLU A 1 35  ? -8.768  -4.199  -3.880  1.00 0.34 ? 35  GLU F O    1 
ATOM   569  C CB   . GLU A 1 35  ? -8.294  -3.990  -6.867  1.00 0.32 ? 35  GLU F CB   1 
ATOM   570  C CG   . GLU A 1 35  ? -7.778  -3.450  -8.193  1.00 1.41 ? 35  GLU F CG   1 
ATOM   571  C CD   . GLU A 1 35  ? -8.685  -3.925  -9.331  1.00 1.41 ? 35  GLU F CD   1 
ATOM   572  O OE1  . GLU A 1 35  ? -9.890  -3.925  -9.141  1.00 0.80 ? 35  GLU F OE1  1 
ATOM   573  O OE2  . GLU A 1 35  ? -8.158  -4.282  -10.372 1.00 2.32 ? 35  GLU F OE2  1 
ATOM   574  H H    . GLU A 1 35  ? -6.203  -4.986  -5.802  1.00 0.34 ? 35  GLU F H    1 
ATOM   575  H HA   . GLU A 1 35  ? -7.257  -2.310  -6.049  1.00 0.31 ? 35  GLU F HA   1 
ATOM   576  H HB2  . GLU A 1 35  ? -8.128  -5.053  -6.820  1.00 0.92 ? 35  GLU F HB2  1 
ATOM   577  H HB3  . GLU A 1 35  ? -9.348  -3.789  -6.774  1.00 1.04 ? 35  GLU F HB3  1 
ATOM   578  H HG2  . GLU A 1 35  ? -7.775  -2.369  -8.158  1.00 2.08 ? 35  GLU F HG2  1 
ATOM   579  H HG3  . GLU A 1 35  ? -6.773  -3.811  -8.355  1.00 2.01 ? 35  GLU F HG3  1 
ATOM   580  N N    . SER A 1 36  ? -8.892  -2.025  -4.186  1.00 0.30 ? 36  SER F N    1 
ATOM   581  C CA   . SER A 1 36  ? -9.795  -1.860  -3.018  1.00 0.33 ? 36  SER F CA   1 
ATOM   582  C C    . SER A 1 36  ? -11.219 -2.239  -3.414  1.00 0.37 ? 36  SER F C    1 
ATOM   583  O O    . SER A 1 36  ? -11.765 -1.727  -4.372  1.00 0.62 ? 36  SER F O    1 
ATOM   584  C CB   . SER A 1 36  ? -9.793  -0.401  -2.569  1.00 0.41 ? 36  SER F CB   1 
ATOM   585  O OG   . SER A 1 36  ? -8.502  -0.049  -2.097  1.00 0.45 ? 36  SER F OG   1 
ATOM   586  H H    . SER A 1 36  ? -8.631  -1.244  -4.713  1.00 0.31 ? 36  SER F H    1 
ATOM   587  H HA   . SER A 1 36  ? -9.462  -2.490  -2.206  1.00 0.33 ? 36  SER F HA   1 
ATOM   588  H HB2  . SER A 1 36  ? -10.065 0.234   -3.401  1.00 0.47 ? 36  SER F HB2  1 
ATOM   589  H HB3  . SER A 1 36  ? -10.510 -0.274  -1.779  1.00 0.45 ? 36  SER F HB3  1 
ATOM   590  H HG   . SER A 1 36  ? -8.606  0.411   -1.261  1.00 1.02 ? 36  SER F HG   1 
ATOM   591  N N    . GLU A 1 37  ? -11.834 -3.114  -2.675  1.00 0.38 ? 37  GLU F N    1 
ATOM   592  C CA   . GLU A 1 37  ? -13.233 -3.501  -2.996  1.00 0.43 ? 37  GLU F CA   1 
ATOM   593  C C    . GLU A 1 37  ? -14.180 -2.550  -2.269  1.00 0.48 ? 37  GLU F C    1 
ATOM   594  O O    . GLU A 1 37  ? -15.362 -2.802  -2.144  1.00 0.54 ? 37  GLU F O    1 
ATOM   595  C CB   . GLU A 1 37  ? -13.491 -4.919  -2.510  1.00 0.51 ? 37  GLU F CB   1 
ATOM   596  C CG   . GLU A 1 37  ? -12.675 -5.907  -3.346  1.00 0.50 ? 37  GLU F CG   1 
ATOM   597  C CD   . GLU A 1 37  ? -13.585 -7.038  -3.832  1.00 1.12 ? 37  GLU F CD   1 
ATOM   598  O OE1  . GLU A 1 37  ? -14.488 -7.400  -3.097  1.00 1.90 ? 37  GLU F OE1  1 
ATOM   599  O OE2  . GLU A 1 37  ? -13.361 -7.522  -4.929  1.00 1.41 ? 37  GLU F OE2  1 
ATOM   600  H H    . GLU A 1 37  ? -11.384 -3.503  -1.896  1.00 0.55 ? 37  GLU F H    1 
ATOM   601  H HA   . GLU A 1 37  ? -13.398 -3.442  -4.062  1.00 0.42 ? 37  GLU F HA   1 
ATOM   602  H HB2  . GLU A 1 37  ? -13.199 -4.995  -1.474  1.00 0.54 ? 37  GLU F HB2  1 
ATOM   603  H HB3  . GLU A 1 37  ? -14.541 -5.143  -2.606  1.00 0.60 ? 37  GLU F HB3  1 
ATOM   604  H HG2  . GLU A 1 37  ? -12.253 -5.394  -4.198  1.00 0.83 ? 37  GLU F HG2  1 
ATOM   605  H HG3  . GLU A 1 37  ? -11.879 -6.318  -2.744  1.00 0.79 ? 37  GLU F HG3  1 
ATOM   606  N N    . THR A 1 38  ? -13.662 -1.460  -1.781  1.00 0.50 ? 38  THR F N    1 
ATOM   607  C CA   . THR A 1 38  ? -14.515 -0.485  -1.051  1.00 0.60 ? 38  THR F CA   1 
ATOM   608  C C    . THR A 1 38  ? -15.274 0.363   -2.060  1.00 0.61 ? 38  THR F C    1 
ATOM   609  O O    . THR A 1 38  ? -16.447 0.640   -1.907  1.00 0.69 ? 38  THR F O    1 
ATOM   610  C CB   . THR A 1 38  ? -13.625 0.412   -0.182  1.00 0.64 ? 38  THR F CB   1 
ATOM   611  O OG1  . THR A 1 38  ? -14.405 0.986   0.857   1.00 0.75 ? 38  THR F OG1  1 
ATOM   612  C CG2  . THR A 1 38  ? -13.000 1.525   -1.030  1.00 0.63 ? 38  THR F CG2  1 
ATOM   613  H H    . THR A 1 38  ? -12.706 -1.283  -1.895  1.00 0.48 ? 38  THR F H    1 
ATOM   614  H HA   . THR A 1 38  ? -15.215 -1.016  -0.426  1.00 0.66 ? 38  THR F HA   1 
ATOM   615  H HB   . THR A 1 38  ? -12.837 -0.184  0.248   1.00 0.63 ? 38  THR F HB   1 
ATOM   616  H HG1  . THR A 1 38  ? -13.818 1.192   1.590   1.00 1.24 ? 38  THR F HG1  1 
ATOM   617  H HG21 . THR A 1 38  ? -12.434 1.087   -1.839  1.00 1.20 ? 38  THR F HG21 1 
ATOM   618  H HG22 . THR A 1 38  ? -13.782 2.151   -1.435  1.00 1.12 ? 38  THR F HG22 1 
ATOM   619  H HG23 . THR A 1 38  ? -12.345 2.122   -0.413  1.00 1.24 ? 38  THR F HG23 1 
ATOM   620  N N    . THR A 1 39  ? -14.604 0.777   -3.092  1.00 0.56 ? 39  THR F N    1 
ATOM   621  C CA   . THR A 1 39  ? -15.281 1.616   -4.121  1.00 0.61 ? 39  THR F CA   1 
ATOM   622  C C    . THR A 1 39  ? -15.491 0.794   -5.395  1.00 0.57 ? 39  THR F C    1 
ATOM   623  O O    . THR A 1 39  ? -15.239 -0.394  -5.423  1.00 0.54 ? 39  THR F O    1 
ATOM   624  C CB   . THR A 1 39  ? -14.422 2.853   -4.421  1.00 0.64 ? 39  THR F CB   1 
ATOM   625  O OG1  . THR A 1 39  ? -15.238 3.865   -4.991  1.00 1.06 ? 39  THR F OG1  1 
ATOM   626  C CG2  . THR A 1 39  ? -13.299 2.494   -5.396  1.00 0.67 ? 39  THR F CG2  1 
ATOM   627  H H    . THR A 1 39  ? -13.649 0.534   -3.186  1.00 0.51 ? 39  THR F H    1 
ATOM   628  H HA   . THR A 1 39  ? -16.241 1.934   -3.743  1.00 0.70 ? 39  THR F HA   1 
ATOM   629  H HB   . THR A 1 39  ? -13.989 3.216   -3.502  1.00 0.83 ? 39  THR F HB   1 
ATOM   630  H HG1  . THR A 1 39  ? -15.032 4.695   -4.553  1.00 1.10 ? 39  THR F HG1  1 
ATOM   631  H HG21 . THR A 1 39  ? -13.113 1.431   -5.355  1.00 1.28 ? 39  THR F HG21 1 
ATOM   632  H HG22 . THR A 1 39  ? -13.592 2.770   -6.398  1.00 1.29 ? 39  THR F HG22 1 
ATOM   633  H HG23 . THR A 1 39  ? -12.402 3.028   -5.123  1.00 1.22 ? 39  THR F HG23 1 
ATOM   634  N N    . LYS A 1 40  ? -15.948 1.418   -6.448  1.00 0.58 ? 40  LYS F N    1 
ATOM   635  C CA   . LYS A 1 40  ? -16.169 0.675   -7.718  1.00 0.57 ? 40  LYS F CA   1 
ATOM   636  C C    . LYS A 1 40  ? -14.980 -0.248  -7.956  1.00 0.50 ? 40  LYS F C    1 
ATOM   637  O O    . LYS A 1 40  ? -15.117 -1.357  -8.432  1.00 0.52 ? 40  LYS F O    1 
ATOM   638  C CB   . LYS A 1 40  ? -16.279 1.668   -8.875  1.00 0.61 ? 40  LYS F CB   1 
ATOM   639  C CG   . LYS A 1 40  ? -17.123 2.865   -8.441  1.00 0.68 ? 40  LYS F CG   1 
ATOM   640  C CD   . LYS A 1 40  ? -17.618 3.619   -9.679  1.00 1.23 ? 40  LYS F CD   1 
ATOM   641  C CE   . LYS A 1 40  ? -17.904 5.075   -9.309  1.00 1.83 ? 40  LYS F CE   1 
ATOM   642  N NZ   . LYS A 1 40  ? -18.993 5.604   -10.179 1.00 2.34 ? 40  LYS F NZ   1 
ATOM   643  H H    . LYS A 1 40  ? -16.141 2.374   -6.405  1.00 0.61 ? 40  LYS F H    1 
ATOM   644  H HA   . LYS A 1 40  ? -17.074 0.097   -7.645  1.00 0.62 ? 40  LYS F HA   1 
ATOM   645  H HB2  . LYS A 1 40  ? -15.292 2.008   -9.147  1.00 0.57 ? 40  LYS F HB2  1 
ATOM   646  H HB3  . LYS A 1 40  ? -16.743 1.186   -9.721  1.00 0.64 ? 40  LYS F HB3  1 
ATOM   647  H HG2  . LYS A 1 40  ? -17.970 2.520   -7.867  1.00 0.95 ? 40  LYS F HG2  1 
ATOM   648  H HG3  . LYS A 1 40  ? -16.521 3.524   -7.834  1.00 0.94 ? 40  LYS F HG3  1 
ATOM   649  H HD2  . LYS A 1 40  ? -16.860 3.584   -10.447 1.00 1.74 ? 40  LYS F HD2  1 
ATOM   650  H HD3  . LYS A 1 40  ? -18.522 3.155   -10.044 1.00 1.80 ? 40  LYS F HD3  1 
ATOM   651  H HE2  . LYS A 1 40  ? -18.213 5.130   -8.275  1.00 2.26 ? 40  LYS F HE2  1 
ATOM   652  H HE3  . LYS A 1 40  ? -17.011 5.665   -9.450  1.00 2.30 ? 40  LYS F HE3  1 
ATOM   653  H HZ1  . LYS A 1 40  ? -19.839 5.009   -10.078 1.00 2.78 ? 40  LYS F HZ1  1 
ATOM   654  H HZ2  . LYS A 1 40  ? -19.221 6.577   -9.897  1.00 2.70 ? 40  LYS F HZ2  1 
ATOM   655  H HZ3  . LYS A 1 40  ? -18.678 5.593   -11.171 1.00 2.61 ? 40  LYS F HZ3  1 
ATOM   656  N N    . GLY A 1 41  ? -13.812 0.212   -7.616  1.00 0.44 ? 41  GLY F N    1 
ATOM   657  C CA   . GLY A 1 41  ? -12.594 -0.615  -7.800  1.00 0.38 ? 41  GLY F CA   1 
ATOM   658  C C    . GLY A 1 41  ? -11.364 0.291   -7.795  1.00 0.36 ? 41  GLY F C    1 
ATOM   659  O O    . GLY A 1 41  ? -10.736 0.517   -8.810  1.00 0.38 ? 41  GLY F O    1 
ATOM   660  H H    . GLY A 1 41  ? -13.738 1.107   -7.232  1.00 0.45 ? 41  GLY F H    1 
ATOM   661  H HA2  . GLY A 1 41  ? -12.521 -1.326  -6.987  1.00 0.36 ? 41  GLY F HA2  1 
ATOM   662  H HA3  . GLY A 1 41  ? -12.655 -1.140  -8.739  1.00 0.41 ? 41  GLY F HA3  1 
ATOM   663  N N    . ALA A 1 42  ? -11.014 0.799   -6.649  1.00 0.35 ? 42  ALA F N    1 
ATOM   664  C CA   . ALA A 1 42  ? -9.822  1.680   -6.543  1.00 0.35 ? 42  ALA F CA   1 
ATOM   665  C C    . ALA A 1 42  ? -8.607  0.797   -6.320  1.00 0.32 ? 42  ALA F C    1 
ATOM   666  O O    . ALA A 1 42  ? -8.647  -0.391  -6.564  1.00 0.32 ? 42  ALA F O    1 
ATOM   667  C CB   . ALA A 1 42  ? -10.004 2.620   -5.349  1.00 0.38 ? 42  ALA F CB   1 
ATOM   668  H H    . ALA A 1 42  ? -11.531 0.587   -5.847  1.00 0.38 ? 42  ALA F H    1 
ATOM   669  H HA   . ALA A 1 42  ? -9.696  2.253   -7.447  1.00 0.37 ? 42  ALA F HA   1 
ATOM   670  H HB1  . ALA A 1 42  ? -10.780 2.233   -4.703  1.00 1.17 ? 42  ALA F HB1  1 
ATOM   671  H HB2  . ALA A 1 42  ? -9.079  2.685   -4.796  1.00 1.02 ? 42  ALA F HB2  1 
ATOM   672  H HB3  . ALA A 1 42  ? -10.283 3.602   -5.701  1.00 1.06 ? 42  ALA F HB3  1 
ATOM   673  N N    . TYR A 1 43  ? -7.532  1.348   -5.850  1.00 0.32 ? 43  TYR F N    1 
ATOM   674  C CA   . TYR A 1 43  ? -6.345  0.500   -5.601  1.00 0.31 ? 43  TYR F CA   1 
ATOM   675  C C    . TYR A 1 43  ? -6.056  0.489   -4.110  1.00 0.29 ? 43  TYR F C    1 
ATOM   676  O O    . TYR A 1 43  ? -6.834  0.978   -3.317  1.00 0.31 ? 43  TYR F O    1 
ATOM   677  C CB   . TYR A 1 43  ? -5.136  1.032   -6.355  1.00 0.34 ? 43  TYR F CB   1 
ATOM   678  C CG   . TYR A 1 43  ? -4.701  -0.011  -7.349  1.00 0.38 ? 43  TYR F CG   1 
ATOM   679  C CD1  . TYR A 1 43  ? -4.490  -1.333  -6.928  1.00 0.39 ? 43  TYR F CD1  1 
ATOM   680  C CD2  . TYR A 1 43  ? -4.527  0.335   -8.693  1.00 0.45 ? 43  TYR F CD2  1 
ATOM   681  C CE1  . TYR A 1 43  ? -4.106  -2.305  -7.863  1.00 0.47 ? 43  TYR F CE1  1 
ATOM   682  C CE2  . TYR A 1 43  ? -4.141  -0.633  -9.621  1.00 0.54 ? 43  TYR F CE2  1 
ATOM   683  C CZ   . TYR A 1 43  ? -3.932  -1.952  -9.211  1.00 0.55 ? 43  TYR F CZ   1 
ATOM   684  O OH   . TYR A 1 43  ? -3.558  -2.903  -10.135 1.00 0.65 ? 43  TYR F OH   1 
ATOM   685  H H    . TYR A 1 43  ? -7.511  2.307   -5.653  1.00 0.34 ? 43  TYR F H    1 
ATOM   686  H HA   . TYR A 1 43  ? -6.560  -0.506  -5.929  1.00 0.32 ? 43  TYR F HA   1 
ATOM   687  H HB2  . TYR A 1 43  ? -5.401  1.942   -6.872  1.00 0.36 ? 43  TYR F HB2  1 
ATOM   688  H HB3  . TYR A 1 43  ? -4.335  1.228   -5.658  1.00 0.35 ? 43  TYR F HB3  1 
ATOM   689  H HD1  . TYR A 1 43  ? -4.625  -1.602  -5.881  1.00 0.36 ? 43  TYR F HD1  1 
ATOM   690  H HD2  . TYR A 1 43  ? -4.686  1.353   -9.012  1.00 0.47 ? 43  TYR F HD2  1 
ATOM   691  H HE1  . TYR A 1 43  ? -3.942  -3.324  -7.546  1.00 0.50 ? 43  TYR F HE1  1 
ATOM   692  H HE2  . TYR A 1 43  ? -4.007  -0.364  -10.658 1.00 0.62 ? 43  TYR F HE2  1 
ATOM   693  H HH   . TYR A 1 43  ? -4.355  -3.254  -10.539 1.00 1.00 ? 43  TYR F HH   1 
ATOM   694  N N    . SER A 1 44  ? -4.959  -0.079  -3.710  1.00 0.28 ? 44  SER F N    1 
ATOM   695  C CA   . SER A 1 44  ? -4.661  -0.126  -2.259  1.00 0.27 ? 44  SER F CA   1 
ATOM   696  C C    . SER A 1 44  ? -3.181  -0.376  -2.020  1.00 0.27 ? 44  SER F C    1 
ATOM   697  O O    . SER A 1 44  ? -2.450  -0.800  -2.892  1.00 0.28 ? 44  SER F O    1 
ATOM   698  C CB   . SER A 1 44  ? -5.457  -1.260  -1.641  1.00 0.28 ? 44  SER F CB   1 
ATOM   699  O OG   . SER A 1 44  ? -5.076  -1.427  -0.283  1.00 1.32 ? 44  SER F OG   1 
ATOM   700  H H    . SER A 1 44  ? -4.345  -0.484  -4.358  1.00 0.29 ? 44  SER F H    1 
ATOM   701  H HA   . SER A 1 44  ? -4.946  0.801   -1.795  1.00 0.28 ? 44  SER F HA   1 
ATOM   702  H HB2  . SER A 1 44  ? -6.510  -1.030  -1.697  1.00 0.95 ? 44  SER F HB2  1 
ATOM   703  H HB3  . SER A 1 44  ? -5.250  -2.163  -2.190  1.00 0.93 ? 44  SER F HB3  1 
ATOM   704  H HG   . SER A 1 44  ? -5.848  -1.267  0.264   1.00 1.82 ? 44  SER F HG   1 
ATOM   705  N N    . LEU A 1 45  ? -2.749  -0.130  -0.824  1.00 0.27 ? 45  LEU F N    1 
ATOM   706  C CA   . LEU A 1 45  ? -1.322  -0.361  -0.476  1.00 0.28 ? 45  LEU F CA   1 
ATOM   707  C C    . LEU A 1 45  ? -1.253  -0.985  0.916   1.00 0.26 ? 45  LEU F C    1 
ATOM   708  O O    . LEU A 1 45  ? -1.140  -0.301  1.912   1.00 0.32 ? 45  LEU F O    1 
ATOM   709  C CB   . LEU A 1 45  ? -0.556  0.961   -0.479  1.00 0.34 ? 45  LEU F CB   1 
ATOM   710  C CG   . LEU A 1 45  ? 0.856   0.716   0.055   1.00 0.45 ? 45  LEU F CG   1 
ATOM   711  C CD1  . LEU A 1 45  ? 1.642   -0.123  -0.951  1.00 1.17 ? 45  LEU F CD1  1 
ATOM   712  C CD2  . LEU A 1 45  ? 1.563   2.051   0.264   1.00 1.24 ? 45  LEU F CD2  1 
ATOM   713  H H    . LEU A 1 45  ? -3.375  0.195   -0.146  1.00 0.29 ? 45  LEU F H    1 
ATOM   714  H HA   . LEU A 1 45  ? -0.885  -1.033  -1.196  1.00 0.28 ? 45  LEU F HA   1 
ATOM   715  H HB2  . LEU A 1 45  ? -0.499  1.343   -1.487  1.00 0.52 ? 45  LEU F HB2  1 
ATOM   716  H HB3  . LEU A 1 45  ? -1.064  1.675   0.151   1.00 0.50 ? 45  LEU F HB3  1 
ATOM   717  H HG   . LEU A 1 45  ? 0.798   0.188   0.996   1.00 1.18 ? 45  LEU F HG   1 
ATOM   718  H HD11 . LEU A 1 45  ? 0.965   -0.523  -1.691  1.00 1.80 ? 45  LEU F HD11 1 
ATOM   719  H HD12 . LEU A 1 45  ? 2.380   0.498   -1.438  1.00 1.77 ? 45  LEU F HD12 1 
ATOM   720  H HD13 . LEU A 1 45  ? 2.134   -0.935  -0.437  1.00 1.60 ? 45  LEU F HD13 1 
ATOM   721  H HD21 . LEU A 1 45  ? 1.229   2.755   -0.482  1.00 1.76 ? 45  LEU F HD21 1 
ATOM   722  H HD22 . LEU A 1 45  ? 1.330   2.429   1.248   1.00 1.79 ? 45  LEU F HD22 1 
ATOM   723  H HD23 . LEU A 1 45  ? 2.631   1.910   0.174   1.00 1.89 ? 45  LEU F HD23 1 
ATOM   724  N N    . SER A 1 46  ? -1.327  -2.283  0.990   1.00 0.26 ? 46  SER F N    1 
ATOM   725  C CA   . SER A 1 46  ? -1.274  -2.958  2.315   1.00 0.26 ? 46  SER F CA   1 
ATOM   726  C C    . SER A 1 46  ? 0.119   -2.791  2.915   1.00 0.28 ? 46  SER F C    1 
ATOM   727  O O    . SER A 1 46  ? 1.080   -2.537  2.218   1.00 0.39 ? 46  SER F O    1 
ATOM   728  C CB   . SER A 1 46  ? -1.586  -4.446  2.146   1.00 0.30 ? 46  SER F CB   1 
ATOM   729  O OG   . SER A 1 46  ? -2.202  -4.660  0.885   1.00 1.33 ? 46  SER F OG   1 
ATOM   730  H H    . SER A 1 46  ? -1.420  -2.810  0.173   1.00 0.30 ? 46  SER F H    1 
ATOM   731  H HA   . SER A 1 46  ? -2.003  -2.512  2.974   1.00 0.27 ? 46  SER F HA   1 
ATOM   732  H HB2  . SER A 1 46  ? -0.670  -5.015  2.202   1.00 0.98 ? 46  SER F HB2  1 
ATOM   733  H HB3  . SER A 1 46  ? -2.255  -4.765  2.931   1.00 0.97 ? 46  SER F HB3  1 
ATOM   734  H HG   . SER A 1 46  ? -2.548  -5.556  0.873   1.00 1.67 ? 46  SER F HG   1 
ATOM   735  N N    . ILE A 1 47  ? 0.233   -2.926  4.205   1.00 0.27 ? 47  ILE F N    1 
ATOM   736  C CA   . ILE A 1 47  ? 1.563   -2.769  4.852   1.00 0.32 ? 47  ILE F CA   1 
ATOM   737  C C    . ILE A 1 47  ? 1.733   -3.830  5.946   1.00 0.34 ? 47  ILE F C    1 
ATOM   738  O O    . ILE A 1 47  ? 0.778   -4.275  6.549   1.00 0.54 ? 47  ILE F O    1 
ATOM   739  C CB   . ILE A 1 47  ? 1.675   -1.355  5.452   1.00 0.38 ? 47  ILE F CB   1 
ATOM   740  C CG1  . ILE A 1 47  ? 1.124   -1.330  6.882   1.00 0.81 ? 47  ILE F CG1  1 
ATOM   741  C CG2  . ILE A 1 47  ? 0.874   -0.375  4.593   1.00 0.82 ? 47  ILE F CG2  1 
ATOM   742  C CD1  . ILE A 1 47  ? 1.347   0.058   7.489   1.00 0.80 ? 47  ILE F CD1  1 
ATOM   743  H H    . ILE A 1 47  ? -0.554  -3.124  4.747   1.00 0.29 ? 47  ILE F H    1 
ATOM   744  H HA   . ILE A 1 47  ? 2.335   -2.903  4.111   1.00 0.37 ? 47  ILE F HA   1 
ATOM   745  H HB   . ILE A 1 47  ? 2.712   -1.056  5.459   1.00 0.79 ? 47  ILE F HB   1 
ATOM   746  H HG12 . ILE A 1 47  ? 0.067   -1.549  6.866   1.00 1.59 ? 47  ILE F HG12 1 
ATOM   747  H HG13 . ILE A 1 47  ? 1.637   -2.069  7.480   1.00 1.28 ? 47  ILE F HG13 1 
ATOM   748  H HG21 . ILE A 1 47  ? 1.227   -0.415  3.574   1.00 1.44 ? 47  ILE F HG21 1 
ATOM   749  H HG22 . ILE A 1 47  ? -0.171  -0.645  4.621   1.00 1.38 ? 47  ILE F HG22 1 
ATOM   750  H HG23 . ILE A 1 47  ? 0.996   0.627   4.978   1.00 1.43 ? 47  ILE F HG23 1 
ATOM   751  H HD11 . ILE A 1 47  ? 1.127   0.813   6.749   1.00 1.23 ? 47  ILE F HD11 1 
ATOM   752  H HD12 . ILE A 1 47  ? 0.696   0.186   8.341   1.00 1.36 ? 47  ILE F HD12 1 
ATOM   753  H HD13 . ILE A 1 47  ? 2.375   0.151   7.805   1.00 1.38 ? 47  ILE F HD13 1 
ATOM   754  N N    . ARG A 1 48  ? 2.946   -4.229  6.210   1.00 0.33 ? 48  ARG F N    1 
ATOM   755  C CA   . ARG A 1 48  ? 3.186   -5.248  7.269   1.00 0.35 ? 48  ARG F CA   1 
ATOM   756  C C    . ARG A 1 48  ? 3.920   -4.583  8.431   1.00 0.38 ? 48  ARG F C    1 
ATOM   757  O O    . ARG A 1 48  ? 4.921   -3.922  8.242   1.00 0.50 ? 48  ARG F O    1 
ATOM   758  C CB   . ARG A 1 48  ? 4.043   -6.383  6.706   1.00 0.42 ? 48  ARG F CB   1 
ATOM   759  C CG   . ARG A 1 48  ? 3.572   -7.716  7.290   1.00 0.79 ? 48  ARG F CG   1 
ATOM   760  C CD   . ARG A 1 48  ? 4.164   -7.902  8.689   1.00 0.69 ? 48  ARG F CD   1 
ATOM   761  N NE   . ARG A 1 48  ? 4.893   -9.200  8.751   1.00 0.93 ? 48  ARG F NE   1 
ATOM   762  C CZ   . ARG A 1 48  ? 5.591   -9.510  9.809   1.00 0.71 ? 48  ARG F CZ   1 
ATOM   763  N NH1  . ARG A 1 48  ? 6.060   -8.568  10.583  1.00 1.43 ? 48  ARG F NH1  1 
ATOM   764  N NH2  . ARG A 1 48  ? 5.822   -10.762 10.094  1.00 0.96 ? 48  ARG F NH2  1 
ATOM   765  H H    . ARG A 1 48  ? 3.702   -3.850  5.716   1.00 0.46 ? 48  ARG F H    1 
ATOM   766  H HA   . ARG A 1 48  ? 2.242   -5.641  7.615   1.00 0.36 ? 48  ARG F HA   1 
ATOM   767  H HB2  . ARG A 1 48  ? 3.948   -6.407  5.631   1.00 0.47 ? 48  ARG F HB2  1 
ATOM   768  H HB3  . ARG A 1 48  ? 5.077   -6.219  6.971   1.00 0.64 ? 48  ARG F HB3  1 
ATOM   769  H HG2  . ARG A 1 48  ? 2.494   -7.721  7.352   1.00 1.57 ? 48  ARG F HG2  1 
ATOM   770  H HG3  . ARG A 1 48  ? 3.899   -8.524  6.652   1.00 1.56 ? 48  ARG F HG3  1 
ATOM   771  H HD2  . ARG A 1 48  ? 4.849   -7.093  8.900   1.00 1.19 ? 48  ARG F HD2  1 
ATOM   772  H HD3  . ARG A 1 48  ? 3.368   -7.901  9.419   1.00 1.24 ? 48  ARG F HD3  1 
ATOM   773  H HE   . ARG A 1 48  ? 4.846   -9.823  7.996   1.00 1.59 ? 48  ARG F HE   1 
ATOM   774  H HH11 . ARG A 1 48  ? 5.884   -7.608  10.365  1.00 1.91 ? 48  ARG F HH11 1 
ATOM   775  H HH12 . ARG A 1 48  ? 6.595   -8.807  11.393  1.00 1.77 ? 48  ARG F HH12 1 
ATOM   776  H HH21 . ARG A 1 48  ? 5.465   -11.483 9.501   1.00 1.57 ? 48  ARG F HH21 1 
ATOM   777  H HH22 . ARG A 1 48  ? 6.358   -11.000 10.903  1.00 1.08 ? 48  ARG F HH22 1 
ATOM   778  N N    . ASP A 1 49  ? 3.436   -4.739  9.631   1.00 0.39 ? 49  ASP F N    1 
ATOM   779  C CA   . ASP A 1 49  ? 4.125   -4.094  10.783  1.00 0.45 ? 49  ASP F CA   1 
ATOM   780  C C    . ASP A 1 49  ? 3.949   -4.936  12.050  1.00 0.45 ? 49  ASP F C    1 
ATOM   781  O O    . ASP A 1 49  ? 3.011   -4.756  12.802  1.00 0.88 ? 49  ASP F O    1 
ATOM   782  C CB   . ASP A 1 49  ? 3.530   -2.703  11.013  1.00 0.53 ? 49  ASP F CB   1 
ATOM   783  C CG   . ASP A 1 49  ? 4.118   -2.103  12.292  1.00 1.17 ? 49  ASP F CG   1 
ATOM   784  O OD1  . ASP A 1 49  ? 5.186   -2.537  12.690  1.00 1.81 ? 49  ASP F OD1  1 
ATOM   785  O OD2  . ASP A 1 49  ? 3.490   -1.218  12.851  1.00 1.63 ? 49  ASP F OD2  1 
ATOM   786  H H    . ASP A 1 49  ? 2.623   -5.270  9.773   1.00 0.44 ? 49  ASP F H    1 
ATOM   787  H HA   . ASP A 1 49  ? 5.178   -3.999  10.558  1.00 0.51 ? 49  ASP F HA   1 
ATOM   788  H HB2  . ASP A 1 49  ? 3.767   -2.067  10.174  1.00 0.65 ? 49  ASP F HB2  1 
ATOM   789  H HB3  . ASP A 1 49  ? 2.457   -2.783  11.113  1.00 0.98 ? 49  ASP F HB3  1 
ATOM   790  N N    . TRP A 1 50  ? 4.854   -5.842  12.303  1.00 0.50 ? 50  TRP F N    1 
ATOM   791  C CA   . TRP A 1 50  ? 4.753   -6.679  13.532  1.00 0.50 ? 50  TRP F CA   1 
ATOM   792  C C    . TRP A 1 50  ? 5.239   -5.849  14.727  1.00 0.58 ? 50  TRP F C    1 
ATOM   793  O O    . TRP A 1 50  ? 5.919   -4.855  14.563  1.00 0.64 ? 50  TRP F O    1 
ATOM   794  C CB   . TRP A 1 50  ? 5.619   -7.934  13.359  1.00 0.62 ? 50  TRP F CB   1 
ATOM   795  C CG   . TRP A 1 50  ? 5.899   -8.542  14.693  1.00 0.67 ? 50  TRP F CG   1 
ATOM   796  C CD1  . TRP A 1 50  ? 5.327   -9.662  15.182  1.00 0.65 ? 50  TRP F CD1  1 
ATOM   797  C CD2  . TRP A 1 50  ? 6.817   -8.077  15.709  1.00 0.80 ? 50  TRP F CD2  1 
ATOM   798  N NE1  . TRP A 1 50  ? 5.824   -9.900  16.451  1.00 0.73 ? 50  TRP F NE1  1 
ATOM   799  C CE2  . TRP A 1 50  ? 6.757   -8.953  16.815  1.00 0.85 ? 50  TRP F CE2  1 
ATOM   800  C CE3  . TRP A 1 50  ? 7.684   -6.983  15.771  1.00 0.92 ? 50  TRP F CE3  1 
ATOM   801  C CZ2  . TRP A 1 50  ? 7.540   -8.749  17.948  1.00 1.01 ? 50  TRP F CZ2  1 
ATOM   802  C CZ3  . TRP A 1 50  ? 8.478   -6.770  16.909  1.00 1.10 ? 50  TRP F CZ3  1 
ATOM   803  C CH2  . TRP A 1 50  ? 8.407   -7.654  17.996  1.00 1.14 ? 50  TRP F CH2  1 
ATOM   804  H H    . TRP A 1 50  ? 5.611   -5.960  11.691  1.00 0.86 ? 50  TRP F H    1 
ATOM   805  H HA   . TRP A 1 50  ? 3.724   -6.967  13.695  1.00 0.44 ? 50  TRP F HA   1 
ATOM   806  H HB2  . TRP A 1 50  ? 5.101   -8.649  12.739  1.00 0.63 ? 50  TRP F HB2  1 
ATOM   807  H HB3  . TRP A 1 50  ? 6.553   -7.662  12.888  1.00 0.72 ? 50  TRP F HB3  1 
ATOM   808  H HD1  . TRP A 1 50  ? 4.596   -10.262 14.672  1.00 0.62 ? 50  TRP F HD1  1 
ATOM   809  H HE1  . TRP A 1 50  ? 5.562   -10.643 17.034  1.00 0.74 ? 50  TRP F HE1  1 
ATOM   810  H HE3  . TRP A 1 50  ? 7.735   -6.303  14.935  1.00 0.90 ? 50  TRP F HE3  1 
ATOM   811  H HZ2  . TRP A 1 50  ? 7.481   -9.433  18.781  1.00 1.06 ? 50  TRP F HZ2  1 
ATOM   812  H HZ3  . TRP A 1 50  ? 9.147   -5.924  16.946  1.00 1.21 ? 50  TRP F HZ3  1 
ATOM   813  H HH2  . TRP A 1 50  ? 9.020   -7.490  18.868  1.00 1.29 ? 50  TRP F HH2  1 
ATOM   814  N N    . ASP A 1 51  ? 4.885   -6.235  15.923  1.00 0.64 ? 51  ASP F N    1 
ATOM   815  C CA   . ASP A 1 51  ? 5.321   -5.446  17.114  1.00 0.81 ? 51  ASP F CA   1 
ATOM   816  C C    . ASP A 1 51  ? 5.702   -6.387  18.264  1.00 0.91 ? 51  ASP F C    1 
ATOM   817  O O    . ASP A 1 51  ? 5.266   -7.518  18.326  1.00 0.83 ? 51  ASP F O    1 
ATOM   818  C CB   . ASP A 1 51  ? 4.174   -4.535  17.558  1.00 0.84 ? 51  ASP F CB   1 
ATOM   819  C CG   . ASP A 1 51  ? 4.718   -3.135  17.850  1.00 1.00 ? 51  ASP F CG   1 
ATOM   820  O OD1  . ASP A 1 51  ? 5.927   -2.983  17.869  1.00 1.16 ? 51  ASP F OD1  1 
ATOM   821  O OD2  . ASP A 1 51  ? 3.914   -2.239  18.050  1.00 1.24 ? 51  ASP F OD2  1 
ATOM   822  H H    . ASP A 1 51  ? 4.329   -7.031  16.036  1.00 0.61 ? 51  ASP F H    1 
ATOM   823  H HA   . ASP A 1 51  ? 6.175   -4.840  16.850  1.00 0.88 ? 51  ASP F HA   1 
ATOM   824  H HB2  . ASP A 1 51  ? 3.436   -4.477  16.771  1.00 0.78 ? 51  ASP F HB2  1 
ATOM   825  H HB3  . ASP A 1 51  ? 3.718   -4.939  18.449  1.00 0.91 ? 51  ASP F HB3  1 
ATOM   826  N N    . ASP A 1 52  ? 6.519   -5.920  19.172  1.00 1.10 ? 52  ASP F N    1 
ATOM   827  C CA   . ASP A 1 52  ? 6.944   -6.775  20.320  1.00 1.22 ? 52  ASP F CA   1 
ATOM   828  C C    . ASP A 1 52  ? 5.909   -6.701  21.447  1.00 1.25 ? 52  ASP F C    1 
ATOM   829  O O    . ASP A 1 52  ? 6.256   -6.581  22.605  1.00 1.44 ? 52  ASP F O    1 
ATOM   830  C CB   . ASP A 1 52  ? 8.299   -6.280  20.843  1.00 1.44 ? 52  ASP F CB   1 
ATOM   831  C CG   . ASP A 1 52  ? 8.103   -5.006  21.670  1.00 2.11 ? 52  ASP F CG   1 
ATOM   832  O OD1  . ASP A 1 52  ? 7.988   -3.948  21.073  1.00 2.71 ? 52  ASP F OD1  1 
ATOM   833  O OD2  . ASP A 1 52  ? 8.072   -5.111  22.885  1.00 2.58 ? 52  ASP F OD2  1 
ATOM   834  H H    . ASP A 1 52  ? 6.858   -5.003  19.097  1.00 1.17 ? 52  ASP F H    1 
ATOM   835  H HA   . ASP A 1 52  ? 7.040   -7.797  19.992  1.00 1.16 ? 52  ASP F HA   1 
ATOM   836  H HB2  . ASP A 1 52  ? 8.747   -7.044  21.460  1.00 1.72 ? 52  ASP F HB2  1 
ATOM   837  H HB3  . ASP A 1 52  ? 8.949   -6.065  20.009  1.00 1.79 ? 52  ASP F HB3  1 
ATOM   838  N N    . MET A 1 53  ? 4.645   -6.777  21.131  1.00 1.11 ? 53  MET F N    1 
ATOM   839  C CA   . MET A 1 53  ? 3.624   -6.714  22.206  1.00 1.21 ? 53  MET F CA   1 
ATOM   840  C C    . MET A 1 53  ? 2.284   -7.259  21.707  1.00 1.10 ? 53  MET F C    1 
ATOM   841  O O    . MET A 1 53  ? 1.246   -6.975  22.272  1.00 1.31 ? 53  MET F O    1 
ATOM   842  C CB   . MET A 1 53  ? 3.450   -5.266  22.675  1.00 1.43 ? 53  MET F CB   1 
ATOM   843  C CG   . MET A 1 53  ? 2.649   -4.474  21.637  1.00 1.75 ? 53  MET F CG   1 
ATOM   844  S SD   . MET A 1 53  ? 3.647   -3.087  21.044  1.00 1.61 ? 53  MET F SD   1 
ATOM   845  C CE   . MET A 1 53  ? 5.088   -4.059  20.546  1.00 1.71 ? 53  MET F CE   1 
ATOM   846  H H    . MET A 1 53  ? 4.373   -6.882  20.203  1.00 0.98 ? 53  MET F H    1 
ATOM   847  H HA   . MET A 1 53  ? 3.959   -7.313  23.029  1.00 1.27 ? 53  MET F HA   1 
ATOM   848  H HB2  . MET A 1 53  ? 2.925   -5.255  23.618  1.00 1.61 ? 53  MET F HB2  1 
ATOM   849  H HB3  . MET A 1 53  ? 4.421   -4.812  22.800  1.00 1.83 ? 53  MET F HB3  1 
ATOM   850  H HG2  . MET A 1 53  ? 2.397   -5.115  20.806  1.00 2.38 ? 53  MET F HG2  1 
ATOM   851  H HG3  . MET A 1 53  ? 1.744   -4.098  22.090  1.00 2.31 ? 53  MET F HG3  1 
ATOM   852  H HE1  . MET A 1 53  ? 4.758   -4.923  19.986  1.00 2.25 ? 53  MET F HE1  1 
ATOM   853  H HE2  . MET A 1 53  ? 5.735   -3.457  19.928  1.00 2.10 ? 53  MET F HE2  1 
ATOM   854  H HE3  . MET A 1 53  ? 5.628   -4.378  21.426  1.00 1.87 ? 53  MET F HE3  1 
ATOM   855  N N    . LYS A 1 54  ? 2.284   -8.039  20.662  1.00 0.95 ? 54  LYS F N    1 
ATOM   856  C CA   . LYS A 1 54  ? 0.994   -8.582  20.164  1.00 0.89 ? 54  LYS F CA   1 
ATOM   857  C C    . LYS A 1 54  ? 1.223   -9.572  19.019  1.00 0.73 ? 54  LYS F C    1 
ATOM   858  O O    . LYS A 1 54  ? 0.445   -10.483 18.820  1.00 0.81 ? 54  LYS F O    1 
ATOM   859  C CB   . LYS A 1 54  ? 0.114   -7.431  19.675  1.00 1.01 ? 54  LYS F CB   1 
ATOM   860  C CG   . LYS A 1 54  ? 0.926   -6.530  18.742  1.00 0.92 ? 54  LYS F CG   1 
ATOM   861  C CD   . LYS A 1 54  ? -0.017  -5.571  18.012  1.00 1.36 ? 54  LYS F CD   1 
ATOM   862  C CE   . LYS A 1 54  ? 0.370   -4.127  18.338  1.00 1.52 ? 54  LYS F CE   1 
ATOM   863  N NZ   . LYS A 1 54  ? -0.624  -3.198  17.729  1.00 1.58 ? 54  LYS F NZ   1 
ATOM   864  H H    . LYS A 1 54  ? 3.119   -8.266  20.214  1.00 1.02 ? 54  LYS F H    1 
ATOM   865  H HA   . LYS A 1 54  ? 0.501   -9.087  20.972  1.00 0.96 ? 54  LYS F HA   1 
ATOM   866  H HB2  . LYS A 1 54  ? -0.735  -7.830  19.140  1.00 1.05 ? 54  LYS F HB2  1 
ATOM   867  H HB3  . LYS A 1 54  ? -0.231  -6.856  20.521  1.00 1.25 ? 54  LYS F HB3  1 
ATOM   868  H HG2  . LYS A 1 54  ? 1.638   -5.962  19.321  1.00 1.13 ? 54  LYS F HG2  1 
ATOM   869  H HG3  . LYS A 1 54  ? 1.450   -7.138  18.021  1.00 0.92 ? 54  LYS F HG3  1 
ATOM   870  H HD2  . LYS A 1 54  ? 0.059   -5.733  16.947  1.00 1.86 ? 54  LYS F HD2  1 
ATOM   871  H HD3  . LYS A 1 54  ? -1.033  -5.752  18.331  1.00 2.00 ? 54  LYS F HD3  1 
ATOM   872  H HE2  . LYS A 1 54  ? 0.381   -3.991  19.410  1.00 2.18 ? 54  LYS F HE2  1 
ATOM   873  H HE3  . LYS A 1 54  ? 1.351   -3.918  17.938  1.00 1.97 ? 54  LYS F HE3  1 
ATOM   874  H HZ1  . LYS A 1 54  ? -1.576  -3.432  18.075  1.00 1.93 ? 54  LYS F HZ1  1 
ATOM   875  H HZ2  . LYS A 1 54  ? -0.389  -2.219  17.994  1.00 2.00 ? 54  LYS F HZ2  1 
ATOM   876  H HZ3  . LYS A 1 54  ? -0.599  -3.293  16.695  1.00 1.90 ? 54  LYS F HZ3  1 
ATOM   877  N N    . GLY A 1 55  ? 2.266   -9.404  18.254  1.00 0.62 ? 55  GLY F N    1 
ATOM   878  C CA   . GLY A 1 55  ? 2.502   -10.334 17.134  1.00 0.57 ? 55  GLY F CA   1 
ATOM   879  C C    . GLY A 1 55  ? 2.579   -9.535  15.839  1.00 0.50 ? 55  GLY F C    1 
ATOM   880  O O    . GLY A 1 55  ? 2.700   -8.327  15.851  1.00 0.50 ? 55  GLY F O    1 
ATOM   881  H H    . GLY A 1 55  ? 2.880   -8.672  18.406  1.00 0.66 ? 55  GLY F H    1 
ATOM   882  H HA2  . GLY A 1 55  ? 3.427   -10.867 17.286  1.00 0.65 ? 55  GLY F HA2  1 
ATOM   883  H HA3  . GLY A 1 55  ? 1.690   -11.027 17.082  1.00 0.62 ? 55  GLY F HA3  1 
ATOM   884  N N    . ASP A 1 56  ? 2.518   -10.195 14.724  1.00 0.53 ? 56  ASP F N    1 
ATOM   885  C CA   . ASP A 1 56  ? 2.601   -9.466  13.435  1.00 0.48 ? 56  ASP F CA   1 
ATOM   886  C C    . ASP A 1 56  ? 1.279   -8.741  13.180  1.00 0.44 ? 56  ASP F C    1 
ATOM   887  O O    . ASP A 1 56  ? 0.307   -8.939  13.882  1.00 0.48 ? 56  ASP F O    1 
ATOM   888  C CB   . ASP A 1 56  ? 2.864   -10.463 12.306  1.00 0.54 ? 56  ASP F CB   1 
ATOM   889  C CG   . ASP A 1 56  ? 3.721   -11.619 12.829  1.00 1.14 ? 56  ASP F CG   1 
ATOM   890  O OD1  . ASP A 1 56  ? 4.933   -11.477 12.834  1.00 1.42 ? 56  ASP F OD1  1 
ATOM   891  O OD2  . ASP A 1 56  ? 3.150   -12.626 13.215  1.00 2.06 ? 56  ASP F OD2  1 
ATOM   892  H H    . ASP A 1 56  ? 2.429   -11.169 14.733  1.00 0.63 ? 56  ASP F H    1 
ATOM   893  H HA   . ASP A 1 56  ? 3.412   -8.747  13.481  1.00 0.47 ? 56  ASP F HA   1 
ATOM   894  H HB2  . ASP A 1 56  ? 1.924   -10.848 11.940  1.00 0.89 ? 56  ASP F HB2  1 
ATOM   895  H HB3  . ASP A 1 56  ? 3.385   -9.967  11.506  1.00 0.91 ? 56  ASP F HB3  1 
ATOM   896  N N    . HIS A 1 57  ? 1.229   -7.912  12.177  1.00 0.39 ? 57  HIS F N    1 
ATOM   897  C CA   . HIS A 1 57  ? -0.028  -7.184  11.868  1.00 0.38 ? 57  HIS F CA   1 
ATOM   898  C C    . HIS A 1 57  ? 0.051   -6.668  10.438  1.00 0.32 ? 57  HIS F C    1 
ATOM   899  O O    . HIS A 1 57  ? 1.007   -6.915  9.730   1.00 0.30 ? 57  HIS F O    1 
ATOM   900  C CB   . HIS A 1 57  ? -0.203  -6.003  12.823  1.00 0.40 ? 57  HIS F CB   1 
ATOM   901  C CG   . HIS A 1 57  ? -1.049  -6.420  13.994  1.00 0.66 ? 57  HIS F CG   1 
ATOM   902  N ND1  . HIS A 1 57  ? -1.179  -5.637  15.130  1.00 1.41 ? 57  HIS F ND1  1 
ATOM   903  C CD2  . HIS A 1 57  ? -1.819  -7.535  14.217  1.00 1.02 ? 57  HIS F CD2  1 
ATOM   904  C CE1  . HIS A 1 57  ? -1.999  -6.285  15.977  1.00 1.54 ? 57  HIS F CE1  1 
ATOM   905  N NE2  . HIS A 1 57  ? -2.418  -7.447  15.471  1.00 1.18 ? 57  HIS F NE2  1 
ATOM   906  H H    . HIS A 1 57  ? 2.019   -7.772  11.617  1.00 0.39 ? 57  HIS F H    1 
ATOM   907  H HA   . HIS A 1 57  ? -0.869  -7.855  11.965  1.00 0.44 ? 57  HIS F HA   1 
ATOM   908  H HB2  . HIS A 1 57  ? 0.763   -5.677  13.172  1.00 0.54 ? 57  HIS F HB2  1 
ATOM   909  H HB3  . HIS A 1 57  ? -0.687  -5.189  12.303  1.00 0.43 ? 57  HIS F HB3  1 
ATOM   910  H HD1  . HIS A 1 57  ? -0.752  -4.769  15.287  1.00 1.97 ? 57  HIS F HD1  1 
ATOM   911  H HD2  . HIS A 1 57  ? -1.941  -8.356  13.526  1.00 1.62 ? 57  HIS F HD2  1 
ATOM   912  H HE1  . HIS A 1 57  ? -2.285  -5.910  16.949  1.00 2.16 ? 57  HIS F HE1  1 
ATOM   913  N N    . VAL A 1 58  ? -0.943  -5.957  10.003  1.00 0.30 ? 58  VAL F N    1 
ATOM   914  C CA   . VAL A 1 58  ? -0.918  -5.438  8.615   1.00 0.26 ? 58  VAL F CA   1 
ATOM   915  C C    . VAL A 1 58  ? -1.907  -4.275  8.479   1.00 0.27 ? 58  VAL F C    1 
ATOM   916  O O    . VAL A 1 58  ? -3.073  -4.392  8.800   1.00 0.49 ? 58  VAL F O    1 
ATOM   917  C CB   . VAL A 1 58  ? -1.284  -6.583  7.661   1.00 0.28 ? 58  VAL F CB   1 
ATOM   918  C CG1  . VAL A 1 58  ? -2.011  -6.050  6.420   1.00 0.93 ? 58  VAL F CG1  1 
ATOM   919  C CG2  . VAL A 1 58  ? -0.006  -7.289  7.218   1.00 0.89 ? 58  VAL F CG2  1 
ATOM   920  H H    . VAL A 1 58  ? -1.703  -5.771  10.587  1.00 0.34 ? 58  VAL F H    1 
ATOM   921  H HA   . VAL A 1 58  ? 0.077   -5.086  8.385   1.00 0.25 ? 58  VAL F HA   1 
ATOM   922  H HB   . VAL A 1 58  ? -1.914  -7.288  8.181   1.00 0.78 ? 58  VAL F HB   1 
ATOM   923  H HG11 . VAL A 1 58  ? -1.536  -5.138  6.090   1.00 1.56 ? 58  VAL F HG11 1 
ATOM   924  H HG12 . VAL A 1 58  ? -1.964  -6.785  5.631   1.00 1.52 ? 58  VAL F HG12 1 
ATOM   925  H HG13 . VAL A 1 58  ? -3.044  -5.850  6.666   1.00 1.49 ? 58  VAL F HG13 1 
ATOM   926  H HG21 . VAL A 1 58  ? 0.747   -6.552  6.984   1.00 1.25 ? 58  VAL F HG21 1 
ATOM   927  H HG22 . VAL A 1 58  ? 0.345   -7.924  8.018   1.00 1.51 ? 58  VAL F HG22 1 
ATOM   928  H HG23 . VAL A 1 58  ? -0.211  -7.889  6.343   1.00 1.65 ? 58  VAL F HG23 1 
ATOM   929  N N    . LYS A 1 59  ? -1.444  -3.165  7.983   1.00 0.34 ? 59  LYS F N    1 
ATOM   930  C CA   . LYS A 1 59  ? -2.340  -1.992  7.794   1.00 0.37 ? 59  LYS F CA   1 
ATOM   931  C C    . LYS A 1 59  ? -2.667  -1.875  6.309   1.00 0.33 ? 59  LYS F C    1 
ATOM   932  O O    . LYS A 1 59  ? -2.420  -2.782  5.542   1.00 0.41 ? 59  LYS F O    1 
ATOM   933  C CB   . LYS A 1 59  ? -1.628  -0.723  8.267   1.00 0.39 ? 59  LYS F CB   1 
ATOM   934  C CG   . LYS A 1 59  ? -2.606  0.147   9.060   1.00 0.68 ? 59  LYS F CG   1 
ATOM   935  C CD   . LYS A 1 59  ? -1.902  0.706   10.298  1.00 1.15 ? 59  LYS F CD   1 
ATOM   936  C CE   . LYS A 1 59  ? -2.939  1.015   11.379  1.00 1.53 ? 59  LYS F CE   1 
ATOM   937  N NZ   . LYS A 1 59  ? -2.330  0.816   12.723  1.00 2.05 ? 59  LYS F NZ   1 
ATOM   938  H H    . LYS A 1 59  ? -0.503  -3.106  7.719   1.00 0.54 ? 59  LYS F H    1 
ATOM   939  H HA   . LYS A 1 59  ? -3.252  -2.130  8.355   1.00 0.42 ? 59  LYS F HA   1 
ATOM   940  H HB2  . LYS A 1 59  ? -0.794  -0.992  8.898   1.00 0.55 ? 59  LYS F HB2  1 
ATOM   941  H HB3  . LYS A 1 59  ? -1.269  -0.172  7.411   1.00 0.66 ? 59  LYS F HB3  1 
ATOM   942  H HG2  . LYS A 1 59  ? -2.946  0.963   8.439   1.00 1.26 ? 59  LYS F HG2  1 
ATOM   943  H HG3  . LYS A 1 59  ? -3.452  -0.449  9.365   1.00 1.34 ? 59  LYS F HG3  1 
ATOM   944  H HD2  . LYS A 1 59  ? -1.198  -0.023  10.672  1.00 1.86 ? 59  LYS F HD2  1 
ATOM   945  H HD3  . LYS A 1 59  ? -1.376  1.612   10.034  1.00 1.79 ? 59  LYS F HD3  1 
ATOM   946  H HE2  . LYS A 1 59  ? -3.268  2.039   11.280  1.00 1.96 ? 59  LYS F HE2  1 
ATOM   947  H HE3  . LYS A 1 59  ? -3.786  0.353   11.265  1.00 2.03 ? 59  LYS F HE3  1 
ATOM   948  H HZ1  . LYS A 1 59  ? -1.327  0.565   12.616  1.00 2.40 ? 59  LYS F HZ1  1 
ATOM   949  H HZ2  . LYS A 1 59  ? -2.408  1.694   13.274  1.00 2.46 ? 59  LYS F HZ2  1 
ATOM   950  H HZ3  . LYS A 1 59  ? -2.829  0.049   13.220  1.00 2.46 ? 59  LYS F HZ3  1 
ATOM   951  N N    . HIS A 1 60  ? -3.215  -0.775  5.888   1.00 0.32 ? 60  HIS F N    1 
ATOM   952  C CA   . HIS A 1 60  ? -3.537  -0.628  4.440   1.00 0.29 ? 60  HIS F CA   1 
ATOM   953  C C    . HIS A 1 60  ? -3.688  0.848   4.082   1.00 0.31 ? 60  HIS F C    1 
ATOM   954  O O    . HIS A 1 60  ? -4.099  1.660   4.887   1.00 0.41 ? 60  HIS F O    1 
ATOM   955  C CB   . HIS A 1 60  ? -4.843  -1.351  4.106   1.00 0.34 ? 60  HIS F CB   1 
ATOM   956  C CG   . HIS A 1 60  ? -4.933  -2.638  4.878   1.00 0.32 ? 60  HIS F CG   1 
ATOM   957  N ND1  . HIS A 1 60  ? -4.378  -3.819  4.411   1.00 0.31 ? 60  HIS F ND1  1 
ATOM   958  C CD2  . HIS A 1 60  ? -5.511  -2.947  6.085   1.00 0.41 ? 60  HIS F CD2  1 
ATOM   959  C CE1  . HIS A 1 60  ? -4.630  -4.775  5.323   1.00 0.36 ? 60  HIS F CE1  1 
ATOM   960  N NE2  . HIS A 1 60  ? -5.318  -4.297  6.363   1.00 0.42 ? 60  HIS F NE2  1 
ATOM   961  H H    . HIS A 1 60  ? -3.411  -0.050  6.518   1.00 0.41 ? 60  HIS F H    1 
ATOM   962  H HA   . HIS A 1 60  ? -2.736  -1.053  3.854   1.00 0.27 ? 60  HIS F HA   1 
ATOM   963  H HB2  . HIS A 1 60  ? -5.676  -0.715  4.361   1.00 0.42 ? 60  HIS F HB2  1 
ATOM   964  H HB3  . HIS A 1 60  ? -4.870  -1.567  3.048   1.00 0.35 ? 60  HIS F HB3  1 
ATOM   965  H HD1  . HIS A 1 60  ? -3.890  -3.935  3.570   1.00 0.34 ? 60  HIS F HD1  1 
ATOM   966  H HD2  . HIS A 1 60  ? -6.035  -2.249  6.721   1.00 0.51 ? 60  HIS F HD2  1 
ATOM   967  H HE1  . HIS A 1 60  ? -4.315  -5.803  5.225   1.00 0.40 ? 60  HIS F HE1  1 
ATOM   968  N N    . TYR A 1 61  ? -3.371  1.188   2.868   1.00 0.27 ? 61  TYR F N    1 
ATOM   969  C CA   . TYR A 1 61  ? -3.505  2.601   2.421   1.00 0.31 ? 61  TYR F CA   1 
ATOM   970  C C    . TYR A 1 61  ? -4.297  2.626   1.112   1.00 0.30 ? 61  TYR F C    1 
ATOM   971  O O    . TYR A 1 61  ? -3.750  2.476   0.038   1.00 0.32 ? 61  TYR F O    1 
ATOM   972  C CB   . TYR A 1 61  ? -2.116  3.209   2.205   1.00 0.34 ? 61  TYR F CB   1 
ATOM   973  C CG   . TYR A 1 61  ? -1.568  3.688   3.528   1.00 0.43 ? 61  TYR F CG   1 
ATOM   974  C CD1  . TYR A 1 61  ? -0.850  2.810   4.348   1.00 0.70 ? 61  TYR F CD1  1 
ATOM   975  C CD2  . TYR A 1 61  ? -1.778  5.011   3.934   1.00 1.16 ? 61  TYR F CD2  1 
ATOM   976  C CE1  . TYR A 1 61  ? -0.344  3.254   5.575   1.00 0.79 ? 61  TYR F CE1  1 
ATOM   977  C CE2  . TYR A 1 61  ? -1.272  5.456   5.161   1.00 1.37 ? 61  TYR F CE2  1 
ATOM   978  C CZ   . TYR A 1 61  ? -0.554  4.577   5.981   1.00 0.92 ? 61  TYR F CZ   1 
ATOM   979  O OH   . TYR A 1 61  ? -0.056  5.016   7.191   1.00 1.19 ? 61  TYR F OH   1 
ATOM   980  H H    . TYR A 1 61  ? -3.055  0.504   2.241   1.00 0.28 ? 61  TYR F H    1 
ATOM   981  H HA   . TYR A 1 61  ? -4.037  3.166   3.174   1.00 0.34 ? 61  TYR F HA   1 
ATOM   982  H HB2  . TYR A 1 61  ? -1.455  2.463   1.792   1.00 0.44 ? 61  TYR F HB2  1 
ATOM   983  H HB3  . TYR A 1 61  ? -2.188  4.045   1.524   1.00 0.45 ? 61  TYR F HB3  1 
ATOM   984  H HD1  . TYR A 1 61  ? -0.688  1.789   4.035   1.00 1.25 ? 61  TYR F HD1  1 
ATOM   985  H HD2  . TYR A 1 61  ? -2.332  5.689   3.300   1.00 1.68 ? 61  TYR F HD2  1 
ATOM   986  H HE1  . TYR A 1 61  ? 0.210   2.577   6.208   1.00 1.24 ? 61  TYR F HE1  1 
ATOM   987  H HE2  . TYR A 1 61  ? -1.434  6.477   5.473   1.00 2.01 ? 61  TYR F HE2  1 
ATOM   988  H HH   . TYR A 1 61  ? 0.159   4.244   7.721   1.00 1.66 ? 61  TYR F HH   1 
ATOM   989  N N    . LYS A 1 62  ? -5.588  2.799   1.202   1.00 0.31 ? 62  LYS F N    1 
ATOM   990  C CA   . LYS A 1 62  ? -6.434  2.817   -0.024  1.00 0.30 ? 62  LYS F CA   1 
ATOM   991  C C    . LYS A 1 62  ? -5.856  3.795   -1.047  1.00 0.31 ? 62  LYS F C    1 
ATOM   992  O O    . LYS A 1 62  ? -5.755  4.981   -0.803  1.00 0.35 ? 62  LYS F O    1 
ATOM   993  C CB   . LYS A 1 62  ? -7.853  3.247   0.350   1.00 0.36 ? 62  LYS F CB   1 
ATOM   994  C CG   . LYS A 1 62  ? -8.746  3.217   -0.890  1.00 0.58 ? 62  LYS F CG   1 
ATOM   995  C CD   . LYS A 1 62  ? -8.976  4.645   -1.388  1.00 1.05 ? 62  LYS F CD   1 
ATOM   996  C CE   . LYS A 1 62  ? -10.043 5.319   -0.521  1.00 1.35 ? 62  LYS F CE   1 
ATOM   997  N NZ   . LYS A 1 62  ? -9.633  6.723   -0.232  1.00 1.86 ? 62  LYS F NZ   1 
ATOM   998  H H    . LYS A 1 62  ? -6.004  2.904   2.081   1.00 0.34 ? 62  LYS F H    1 
ATOM   999  H HA   . LYS A 1 62  ? -6.463  1.827   -0.453  1.00 0.30 ? 62  LYS F HA   1 
ATOM   1000 H HB2  . LYS A 1 62  ? -8.247  2.569   1.087   1.00 0.55 ? 62  LYS F HB2  1 
ATOM   1001 H HB3  . LYS A 1 62  ? -7.832  4.247   0.757   1.00 0.57 ? 62  LYS F HB3  1 
ATOM   1002 H HG2  . LYS A 1 62  ? -8.267  2.638   -1.665  1.00 1.03 ? 62  LYS F HG2  1 
ATOM   1003 H HG3  . LYS A 1 62  ? -9.695  2.766   -0.637  1.00 1.05 ? 62  LYS F HG3  1 
ATOM   1004 H HD2  . LYS A 1 62  ? -8.054  5.202   -1.323  1.00 1.42 ? 62  LYS F HD2  1 
ATOM   1005 H HD3  . LYS A 1 62  ? -9.310  4.620   -2.415  1.00 1.65 ? 62  LYS F HD3  1 
ATOM   1006 H HE2  . LYS A 1 62  ? -10.986 5.320   -1.048  1.00 1.67 ? 62  LYS F HE2  1 
ATOM   1007 H HE3  . LYS A 1 62  ? -10.149 4.777   0.406   1.00 1.75 ? 62  LYS F HE3  1 
ATOM   1008 H HZ1  . LYS A 1 62  ? -8.766  6.946   -0.763  1.00 2.33 ? 62  LYS F HZ1  1 
ATOM   1009 H HZ2  . LYS A 1 62  ? -10.392 7.372   -0.518  1.00 2.09 ? 62  LYS F HZ2  1 
ATOM   1010 H HZ3  . LYS A 1 62  ? -9.454  6.829   0.787   1.00 2.32 ? 62  LYS F HZ3  1 
ATOM   1011 N N    . ILE A 1 63  ? -5.482  3.301   -2.195  1.00 0.31 ? 63  ILE F N    1 
ATOM   1012 C CA   . ILE A 1 63  ? -4.916  4.193   -3.243  1.00 0.35 ? 63  ILE F CA   1 
ATOM   1013 C C    . ILE A 1 63  ? -6.050  4.715   -4.128  1.00 0.35 ? 63  ILE F C    1 
ATOM   1014 O O    . ILE A 1 63  ? -6.955  3.990   -4.490  1.00 0.57 ? 63  ILE F O    1 
ATOM   1015 C CB   . ILE A 1 63  ? -3.913  3.403   -4.098  1.00 0.38 ? 63  ILE F CB   1 
ATOM   1016 C CG1  . ILE A 1 63  ? -2.549  3.399   -3.405  1.00 0.42 ? 63  ILE F CG1  1 
ATOM   1017 C CG2  . ILE A 1 63  ? -3.762  4.049   -5.481  1.00 0.47 ? 63  ILE F CG2  1 
ATOM   1018 C CD1  . ILE A 1 63  ? -2.121  1.960   -3.126  1.00 0.98 ? 63  ILE F CD1  1 
ATOM   1019 H H    . ILE A 1 63  ? -5.576  2.342   -2.368  1.00 0.33 ? 63  ILE F H    1 
ATOM   1020 H HA   . ILE A 1 63  ? -4.412  5.025   -2.776  1.00 0.39 ? 63  ILE F HA   1 
ATOM   1021 H HB   . ILE A 1 63  ? -4.264  2.388   -4.213  1.00 0.40 ? 63  ILE F HB   1 
ATOM   1022 H HG12 . ILE A 1 63  ? -1.820  3.872   -4.045  1.00 1.07 ? 63  ILE F HG12 1 
ATOM   1023 H HG13 . ILE A 1 63  ? -2.617  3.941   -2.474  1.00 1.02 ? 63  ILE F HG13 1 
ATOM   1024 H HG21 . ILE A 1 63  ? -3.465  5.081   -5.367  1.00 1.00 ? 63  ILE F HG21 1 
ATOM   1025 H HG22 . ILE A 1 63  ? -3.011  3.517   -6.047  1.00 1.21 ? 63  ILE F HG22 1 
ATOM   1026 H HG23 . ILE A 1 63  ? -4.707  4.003   -6.004  1.00 1.12 ? 63  ILE F HG23 1 
ATOM   1027 H HD11 . ILE A 1 63  ? -2.747  1.283   -3.688  1.00 1.51 ? 63  ILE F HD11 1 
ATOM   1028 H HD12 . ILE A 1 63  ? -1.090  1.828   -3.422  1.00 1.59 ? 63  ILE F HD12 1 
ATOM   1029 H HD13 . ILE A 1 63  ? -2.223  1.754   -2.072  1.00 1.55 ? 63  ILE F HD13 1 
ATOM   1030 N N    . ARG A 1 64  ? -5.993  5.963   -4.492  1.00 0.37 ? 64  ARG F N    1 
ATOM   1031 C CA   . ARG A 1 64  ? -7.047  6.533   -5.371  1.00 0.44 ? 64  ARG F CA   1 
ATOM   1032 C C    . ARG A 1 64  ? -6.430  6.806   -6.739  1.00 0.37 ? 64  ARG F C    1 
ATOM   1033 O O    . ARG A 1 64  ? -5.272  6.518   -6.969  1.00 0.69 ? 64  ARG F O    1 
ATOM   1034 C CB   . ARG A 1 64  ? -7.571  7.839   -4.773  1.00 0.60 ? 64  ARG F CB   1 
ATOM   1035 C CG   . ARG A 1 64  ? -9.097  7.784   -4.680  1.00 1.09 ? 64  ARG F CG   1 
ATOM   1036 C CD   . ARG A 1 64  ? -9.520  6.497   -3.970  1.00 1.02 ? 64  ARG F CD   1 
ATOM   1037 N NE   . ARG A 1 64  ? -10.792 6.733   -3.230  1.00 1.36 ? 64  ARG F NE   1 
ATOM   1038 C CZ   . ARG A 1 64  ? -11.903 6.931   -3.886  1.00 1.54 ? 64  ARG F CZ   1 
ATOM   1039 N NH1  . ARG A 1 64  ? -11.960 6.682   -5.166  1.00 1.85 ? 64  ARG F NH1  1 
ATOM   1040 N NH2  . ARG A 1 64  ? -12.958 7.379   -3.260  1.00 2.17 ? 64  ARG F NH2  1 
ATOM   1041 H H    . ARG A 1 64  ? -5.244  6.524   -4.201  1.00 0.50 ? 64  ARG F H    1 
ATOM   1042 H HA   . ARG A 1 64  ? -7.858  5.826   -5.473  1.00 0.56 ? 64  ARG F HA   1 
ATOM   1043 H HB2  . ARG A 1 64  ? -7.154  7.978   -3.786  1.00 0.90 ? 64  ARG F HB2  1 
ATOM   1044 H HB3  . ARG A 1 64  ? -7.280  8.662   -5.406  1.00 0.90 ? 64  ARG F HB3  1 
ATOM   1045 H HG2  . ARG A 1 64  ? -9.455  8.637   -4.122  1.00 1.58 ? 64  ARG F HG2  1 
ATOM   1046 H HG3  . ARG A 1 64  ? -9.520  7.802   -5.674  1.00 1.71 ? 64  ARG F HG3  1 
ATOM   1047 H HD2  . ARG A 1 64  ? -9.666  5.715   -4.701  1.00 1.22 ? 64  ARG F HD2  1 
ATOM   1048 H HD3  . ARG A 1 64  ? -8.749  6.199   -3.275  1.00 1.21 ? 64  ARG F HD3  1 
ATOM   1049 H HE   . ARG A 1 64  ? -10.794 6.740   -2.251  1.00 1.83 ? 64  ARG F HE   1 
ATOM   1050 H HH11 . ARG A 1 64  ? -11.152 6.339   -5.645  1.00 2.00 ? 64  ARG F HH11 1 
ATOM   1051 H HH12 . ARG A 1 64  ? -12.812 6.834   -5.666  1.00 2.35 ? 64  ARG F HH12 1 
ATOM   1052 H HH21 . ARG A 1 64  ? -12.914 7.569   -2.280  1.00 2.60 ? 64  ARG F HH21 1 
ATOM   1053 H HH22 . ARG A 1 64  ? -13.809 7.530   -3.763  1.00 2.50 ? 64  ARG F HH22 1 
ATOM   1054 N N    . LYS A 1 65  ? -7.176  7.356   -7.651  1.00 0.52 ? 65  LYS F N    1 
ATOM   1055 C CA   . LYS A 1 65  ? -6.595  7.629   -8.992  1.00 0.48 ? 65  LYS F CA   1 
ATOM   1056 C C    . LYS A 1 65  ? -7.357  8.759   -9.676  1.00 0.49 ? 65  LYS F C    1 
ATOM   1057 O O    . LYS A 1 65  ? -8.569  8.757   -9.746  1.00 0.61 ? 65  LYS F O    1 
ATOM   1058 C CB   . LYS A 1 65  ? -6.680  6.367   -9.850  1.00 0.75 ? 65  LYS F CB   1 
ATOM   1059 C CG   . LYS A 1 65  ? -6.204  6.682   -11.270 1.00 0.86 ? 65  LYS F CG   1 
ATOM   1060 C CD   . LYS A 1 65  ? -6.599  5.537   -12.206 1.00 1.24 ? 65  LYS F CD   1 
ATOM   1061 C CE   . LYS A 1 65  ? -7.004  6.107   -13.566 1.00 1.93 ? 65  LYS F CE   1 
ATOM   1062 N NZ   . LYS A 1 65  ? -8.087  5.268   -14.153 1.00 2.57 ? 65  LYS F NZ   1 
ATOM   1063 H H    . LYS A 1 65  ? -8.109  7.585   -7.457  1.00 0.87 ? 65  LYS F H    1 
ATOM   1064 H HA   . LYS A 1 65  ? -5.560  7.917   -8.879  1.00 0.40 ? 65  LYS F HA   1 
ATOM   1065 H HB2  . LYS A 1 65  ? -6.052  5.599   -9.422  1.00 0.97 ? 65  LYS F HB2  1 
ATOM   1066 H HB3  . LYS A 1 65  ? -7.702  6.020   -9.881  1.00 1.10 ? 65  LYS F HB3  1 
ATOM   1067 H HG2  . LYS A 1 65  ? -6.667  7.598   -11.608 1.00 0.92 ? 65  LYS F HG2  1 
ATOM   1068 H HG3  . LYS A 1 65  ? -5.131  6.797   -11.274 1.00 1.06 ? 65  LYS F HG3  1 
ATOM   1069 H HD2  . LYS A 1 65  ? -5.759  4.868   -12.330 1.00 1.54 ? 65  LYS F HD2  1 
ATOM   1070 H HD3  . LYS A 1 65  ? -7.430  4.995   -11.780 1.00 1.63 ? 65  LYS F HD3  1 
ATOM   1071 H HE2  . LYS A 1 65  ? -7.358  7.119   -13.441 1.00 2.51 ? 65  LYS F HE2  1 
ATOM   1072 H HE3  . LYS A 1 65  ? -6.149  6.103   -14.226 1.00 2.30 ? 65  LYS F HE3  1 
ATOM   1073 H HZ1  . LYS A 1 65  ? -8.733  4.958   -13.400 1.00 3.04 ? 65  LYS F HZ1  1 
ATOM   1074 H HZ2  . LYS A 1 65  ? -8.615  5.828   -14.855 1.00 2.85 ? 65  LYS F HZ2  1 
ATOM   1075 H HZ3  . LYS A 1 65  ? -7.670  4.436   -14.615 1.00 2.96 ? 65  LYS F HZ3  1 
ATOM   1076 N N    . LEU A 1 66  ? -6.647  9.719   -10.198 1.00 0.49 ? 66  LEU F N    1 
ATOM   1077 C CA   . LEU A 1 66  ? -7.321  10.848  -10.898 1.00 0.67 ? 66  LEU F CA   1 
ATOM   1078 C C    . LEU A 1 66  ? -7.842  10.356  -12.241 1.00 0.80 ? 66  LEU F C    1 
ATOM   1079 O O    . LEU A 1 66  ? -7.236  9.525   -12.887 1.00 1.03 ? 66  LEU F O    1 
ATOM   1080 C CB   . LEU A 1 66  ? -6.321  11.985  -11.142 1.00 0.92 ? 66  LEU F CB   1 
ATOM   1081 C CG   . LEU A 1 66  ? -6.073  12.781  -9.855  1.00 1.02 ? 66  LEU F CG   1 
ATOM   1082 C CD1  . LEU A 1 66  ? -7.381  12.991  -9.093  1.00 1.44 ? 66  LEU F CD1  1 
ATOM   1083 C CD2  . LEU A 1 66  ? -5.095  12.020  -8.963  1.00 1.27 ? 66  LEU F CD2  1 
ATOM   1084 H H    . LEU A 1 66  ? -5.666  9.690   -10.137 1.00 0.47 ? 66  LEU F H    1 
ATOM   1085 H HA   . LEU A 1 66  ? -8.146  11.207  -10.312 1.00 0.72 ? 66  LEU F HA   1 
ATOM   1086 H HB2  . LEU A 1 66  ? -5.387  11.569  -11.489 1.00 0.95 ? 66  LEU F HB2  1 
ATOM   1087 H HB3  . LEU A 1 66  ? -6.716  12.648  -11.899 1.00 1.25 ? 66  LEU F HB3  1 
ATOM   1088 H HG   . LEU A 1 66  ? -5.650  13.741  -10.109 1.00 1.59 ? 66  LEU F HG   1 
ATOM   1089 H HD11 . LEU A 1 66  ? -8.208  12.992  -9.788  1.00 2.06 ? 66  LEU F HD11 1 
ATOM   1090 H HD12 . LEU A 1 66  ? -7.510  12.192  -8.377  1.00 1.71 ? 66  LEU F HD12 1 
ATOM   1091 H HD13 . LEU A 1 66  ? -7.347  13.937  -8.573  1.00 1.98 ? 66  LEU F HD13 1 
ATOM   1092 H HD21 . LEU A 1 66  ? -5.444  11.008  -8.830  1.00 1.75 ? 66  LEU F HD21 1 
ATOM   1093 H HD22 . LEU A 1 66  ? -4.120  12.009  -9.423  1.00 1.63 ? 66  LEU F HD22 1 
ATOM   1094 H HD23 . LEU A 1 66  ? -5.034  12.508  -8.001  1.00 1.83 ? 66  LEU F HD23 1 
ATOM   1095 N N    . ASP A 1 67  ? -8.951  10.876  -12.679 1.00 0.88 ? 67  ASP F N    1 
ATOM   1096 C CA   . ASP A 1 67  ? -9.486  10.456  -13.997 1.00 1.11 ? 67  ASP F CA   1 
ATOM   1097 C C    . ASP A 1 67  ? -8.581  11.045  -15.071 1.00 1.32 ? 67  ASP F C    1 
ATOM   1098 O O    . ASP A 1 67  ? -8.561  10.605  -16.203 1.00 1.60 ? 67  ASP F O    1 
ATOM   1099 C CB   . ASP A 1 67  ? -10.902 10.995  -14.168 1.00 1.20 ? 67  ASP F CB   1 
ATOM   1100 C CG   . ASP A 1 67  ? -11.904 9.840   -14.092 1.00 1.45 ? 67  ASP F CG   1 
ATOM   1101 O OD1  . ASP A 1 67  ? -11.524 8.783   -13.618 1.00 2.02 ? 67  ASP F OD1  1 
ATOM   1102 O OD2  . ASP A 1 67  ? -13.034 10.034  -14.510 1.00 1.62 ? 67  ASP F OD2  1 
ATOM   1103 H H    . ASP A 1 67  ? -9.418  11.556  -12.151 1.00 0.90 ? 67  ASP F H    1 
ATOM   1104 H HA   . ASP A 1 67  ? -9.484  9.381   -14.067 1.00 1.25 ? 67  ASP F HA   1 
ATOM   1105 H HB2  . ASP A 1 67  ? -11.108 11.705  -13.383 1.00 1.16 ? 67  ASP F HB2  1 
ATOM   1106 H HB3  . ASP A 1 67  ? -10.986 11.485  -15.127 1.00 1.31 ? 67  ASP F HB3  1 
ATOM   1107 N N    . ASN A 1 68  ? -7.814  12.034  -14.703 1.00 1.36 ? 68  ASN F N    1 
ATOM   1108 C CA   . ASN A 1 68  ? -6.880  12.658  -15.676 1.00 1.77 ? 68  ASN F CA   1 
ATOM   1109 C C    . ASN A 1 68  ? -5.585  11.851  -15.686 1.00 1.90 ? 68  ASN F C    1 
ATOM   1110 O O    . ASN A 1 68  ? -4.703  12.075  -16.491 1.00 2.29 ? 68  ASN F O    1 
ATOM   1111 C CB   . ASN A 1 68  ? -6.576  14.090  -15.238 1.00 1.96 ? 68  ASN F CB   1 
ATOM   1112 C CG   . ASN A 1 68  ? -7.877  14.891  -15.167 1.00 1.95 ? 68  ASN F CG   1 
ATOM   1113 O OD1  . ASN A 1 68  ? -8.419  15.282  -16.181 1.00 2.15 ? 68  ASN F OD1  1 
ATOM   1114 N ND2  . ASN A 1 68  ? -8.403  15.155  -14.002 1.00 2.02 ? 68  ASN F ND2  1 
ATOM   1115 H H    . ASN A 1 68  ? -7.841  12.355  -13.774 1.00 1.22 ? 68  ASN F H    1 
ATOM   1116 H HA   . ASN A 1 68  ? -7.321  12.660  -16.661 1.00 1.96 ? 68  ASN F HA   1 
ATOM   1117 H HB2  . ASN A 1 68  ? -6.107  14.073  -14.265 1.00 1.86 ? 68  ASN F HB2  1 
ATOM   1118 H HB3  . ASN A 1 68  ? -5.907  14.549  -15.951 1.00 2.32 ? 68  ASN F HB3  1 
ATOM   1119 H HD21 . ASN A 1 68  ? -7.965  14.841  -13.184 1.00 2.18 ? 68  ASN F HD21 1 
ATOM   1120 H HD22 . ASN A 1 68  ? -9.236  15.668  -13.946 1.00 2.10 ? 68  ASN F HD22 1 
ATOM   1121 N N    . GLY A 1 69  ? -5.465  10.914  -14.785 1.00 1.63 ? 69  GLY F N    1 
ATOM   1122 C CA   . GLY A 1 69  ? -4.235  10.094  -14.723 1.00 1.86 ? 69  GLY F CA   1 
ATOM   1123 C C    . GLY A 1 69  ? -3.359  10.596  -13.575 1.00 0.98 ? 69  GLY F C    1 
ATOM   1124 O O    . GLY A 1 69  ? -2.466  11.397  -13.768 1.00 1.35 ? 69  GLY F O    1 
ATOM   1125 H H    . GLY A 1 69  ? -6.182  10.757  -14.146 1.00 1.34 ? 69  GLY F H    1 
ATOM   1126 H HA2  . GLY A 1 69  ? -4.496  9.059   -14.554 1.00 2.48 ? 69  GLY F HA2  1 
ATOM   1127 H HA3  . GLY A 1 69  ? -3.708  10.187  -15.649 1.00 2.47 ? 69  GLY F HA3  1 
ATOM   1128 N N    . GLY A 1 70  ? -3.613  10.138  -12.381 1.00 0.68 ? 70  GLY F N    1 
ATOM   1129 C CA   . GLY A 1 70  ? -2.807  10.589  -11.226 1.00 0.86 ? 70  GLY F CA   1 
ATOM   1130 C C    . GLY A 1 70  ? -2.963  9.600   -10.066 1.00 0.72 ? 70  GLY F C    1 
ATOM   1131 O O    . GLY A 1 70  ? -3.785  9.785   -9.196  1.00 1.01 ? 70  GLY F O    1 
ATOM   1132 H H    . GLY A 1 70  ? -4.331  9.503   -12.245 1.00 1.28 ? 70  GLY F H    1 
ATOM   1133 H HA2  . GLY A 1 70  ? -1.784  10.646  -11.517 1.00 1.61 ? 70  GLY F HA2  1 
ATOM   1134 H HA3  . GLY A 1 70  ? -3.144  11.564  -10.915 1.00 1.37 ? 70  GLY F HA3  1 
ATOM   1135 N N    . TYR A 1 71  ? -2.185  8.549   -10.040 1.00 0.47 ? 71  TYR F N    1 
ATOM   1136 C CA   . TYR A 1 71  ? -2.309  7.570   -8.920  1.00 0.45 ? 71  TYR F CA   1 
ATOM   1137 C C    . TYR A 1 71  ? -1.766  8.203   -7.633  1.00 0.43 ? 71  TYR F C    1 
ATOM   1138 O O    . TYR A 1 71  ? -0.621  8.604   -7.568  1.00 0.68 ? 71  TYR F O    1 
ATOM   1139 C CB   . TYR A 1 71  ? -1.481  6.317   -9.237  1.00 0.59 ? 71  TYR F CB   1 
ATOM   1140 C CG   . TYR A 1 71  ? -2.346  5.243   -9.856  1.00 0.54 ? 71  TYR F CG   1 
ATOM   1141 C CD1  . TYR A 1 71  ? -3.645  5.015   -9.386  1.00 1.14 ? 71  TYR F CD1  1 
ATOM   1142 C CD2  . TYR A 1 71  ? -1.837  4.463   -10.900 1.00 1.19 ? 71  TYR F CD2  1 
ATOM   1143 C CE1  . TYR A 1 71  ? -4.430  4.009   -9.964  1.00 1.23 ? 71  TYR F CE1  1 
ATOM   1144 C CE2  . TYR A 1 71  ? -2.619  3.462   -11.479 1.00 1.12 ? 71  TYR F CE2  1 
ATOM   1145 C CZ   . TYR A 1 71  ? -3.918  3.233   -11.011 1.00 0.58 ? 71  TYR F CZ   1 
ATOM   1146 O OH   . TYR A 1 71  ? -4.692  2.242   -11.580 1.00 0.64 ? 71  TYR F OH   1 
ATOM   1147 H H    . TYR A 1 71  ? -1.520  8.403   -10.751 1.00 0.55 ? 71  TYR F H    1 
ATOM   1148 H HA   . TYR A 1 71  ? -3.348  7.304   -8.787  1.00 0.44 ? 71  TYR F HA   1 
ATOM   1149 H HB2  . TYR A 1 71  ? -0.692  6.579   -9.926  1.00 0.66 ? 71  TYR F HB2  1 
ATOM   1150 H HB3  . TYR A 1 71  ? -1.045  5.940   -8.323  1.00 0.72 ? 71  TYR F HB3  1 
ATOM   1151 H HD1  . TYR A 1 71  ? -4.040  5.613   -8.581  1.00 1.85 ? 71  TYR F HD1  1 
ATOM   1152 H HD2  . TYR A 1 71  ? -0.839  4.635   -11.260 1.00 1.98 ? 71  TYR F HD2  1 
ATOM   1153 H HE1  . TYR A 1 71  ? -5.431  3.832   -9.602  1.00 2.02 ? 71  TYR F HE1  1 
ATOM   1154 H HE2  . TYR A 1 71  ? -2.218  2.866   -12.286 1.00 1.82 ? 71  TYR F HE2  1 
ATOM   1155 H HH   . TYR A 1 71  ? -5.132  2.614   -12.348 1.00 1.01 ? 71  TYR F HH   1 
ATOM   1156 N N    . TYR A 1 72  ? -2.567  8.293   -6.605  1.00 0.30 ? 72  TYR F N    1 
ATOM   1157 C CA   . TYR A 1 72  ? -2.070  8.899   -5.333  1.00 0.27 ? 72  TYR F CA   1 
ATOM   1158 C C    . TYR A 1 72  ? -2.740  8.228   -4.133  1.00 0.29 ? 72  TYR F C    1 
ATOM   1159 O O    . TYR A 1 72  ? -3.949  8.168   -4.046  1.00 0.35 ? 72  TYR F O    1 
ATOM   1160 C CB   . TYR A 1 72  ? -2.413  10.394  -5.296  1.00 0.30 ? 72  TYR F CB   1 
ATOM   1161 C CG   . TYR A 1 72  ? -3.912  10.573  -5.239  1.00 0.30 ? 72  TYR F CG   1 
ATOM   1162 C CD1  . TYR A 1 72  ? -4.573  10.612  -4.006  1.00 1.00 ? 72  TYR F CD1  1 
ATOM   1163 C CD2  . TYR A 1 72  ? -4.641  10.692  -6.423  1.00 1.12 ? 72  TYR F CD2  1 
ATOM   1164 C CE1  . TYR A 1 72  ? -5.958  10.769  -3.957  1.00 1.05 ? 72  TYR F CE1  1 
ATOM   1165 C CE2  . TYR A 1 72  ? -6.031  10.850  -6.378  1.00 1.12 ? 72  TYR F CE2  1 
ATOM   1166 C CZ   . TYR A 1 72  ? -6.691  10.888  -5.143  1.00 0.41 ? 72  TYR F CZ   1 
ATOM   1167 O OH   . TYR A 1 72  ? -8.061  11.042  -5.097  1.00 0.50 ? 72  TYR F OH   1 
ATOM   1168 H H    . TYR A 1 72  ? -3.488  7.960   -6.666  1.00 0.42 ? 72  TYR F H    1 
ATOM   1169 H HA   . TYR A 1 72  ? -0.996  8.783   -5.270  1.00 0.28 ? 72  TYR F HA   1 
ATOM   1170 H HB2  . TYR A 1 72  ? -1.967  10.843  -4.422  1.00 0.34 ? 72  TYR F HB2  1 
ATOM   1171 H HB3  . TYR A 1 72  ? -2.030  10.871  -6.177  1.00 0.36 ? 72  TYR F HB3  1 
ATOM   1172 H HD1  . TYR A 1 72  ? -4.015  10.523  -3.090  1.00 1.75 ? 72  TYR F HD1  1 
ATOM   1173 H HD2  . TYR A 1 72  ? -4.132  10.668  -7.372  1.00 1.89 ? 72  TYR F HD2  1 
ATOM   1174 H HE1  . TYR A 1 72  ? -6.460  10.792  -3.001  1.00 1.82 ? 72  TYR F HE1  1 
ATOM   1175 H HE2  . TYR A 1 72  ? -6.593  10.937  -7.296  1.00 1.87 ? 72  TYR F HE2  1 
ATOM   1176 H HH   . TYR A 1 72  ? -8.255  11.982  -5.131  1.00 1.03 ? 72  TYR F HH   1 
ATOM   1177 N N    . ILE A 1 73  ? -1.981  7.769   -3.176  1.00 0.29 ? 73  ILE F N    1 
ATOM   1178 C CA   . ILE A 1 73  ? -2.627  7.180   -1.972  1.00 0.36 ? 73  ILE F CA   1 
ATOM   1179 C C    . ILE A 1 73  ? -3.092  8.364   -1.134  1.00 0.37 ? 73  ILE F C    1 
ATOM   1180 O O    . ILE A 1 73  ? -4.073  8.308   -0.420  1.00 0.43 ? 73  ILE F O    1 
ATOM   1181 C CB   . ILE A 1 73  ? -1.634  6.325   -1.176  1.00 0.40 ? 73  ILE F CB   1 
ATOM   1182 C CG1  . ILE A 1 73  ? -0.613  5.697   -2.132  1.00 0.77 ? 73  ILE F CG1  1 
ATOM   1183 C CG2  . ILE A 1 73  ? -2.401  5.223   -0.443  1.00 0.87 ? 73  ILE F CG2  1 
ATOM   1184 C CD1  . ILE A 1 73  ? 0.249   4.683   -1.376  1.00 0.63 ? 73  ILE F CD1  1 
ATOM   1185 H H    . ILE A 1 73  ? -1.006  7.855   -3.228  1.00 0.30 ? 73  ILE F H    1 
ATOM   1186 H HA   . ILE A 1 73  ? -3.482  6.590   -2.269  1.00 0.41 ? 73  ILE F HA   1 
ATOM   1187 H HB   . ILE A 1 73  ? -1.123  6.941   -0.451  1.00 0.46 ? 73  ILE F HB   1 
ATOM   1188 H HG12 . ILE A 1 73  ? -1.132  5.200   -2.937  1.00 1.42 ? 73  ILE F HG12 1 
ATOM   1189 H HG13 . ILE A 1 73  ? 0.020   6.472   -2.538  1.00 1.21 ? 73  ILE F HG13 1 
ATOM   1190 H HG21 . ILE A 1 73  ? -3.257  4.926   -1.032  1.00 1.43 ? 73  ILE F HG21 1 
ATOM   1191 H HG22 . ILE A 1 73  ? -1.758  4.371   -0.287  1.00 1.40 ? 73  ILE F HG22 1 
ATOM   1192 H HG23 . ILE A 1 73  ? -2.738  5.597   0.514   1.00 1.39 ? 73  ILE F HG23 1 
ATOM   1193 H HD11 . ILE A 1 73  ? -0.389  4.023   -0.804  1.00 1.35 ? 73  ILE F HD11 1 
ATOM   1194 H HD12 . ILE A 1 73  ? 0.825   4.104   -2.082  1.00 1.02 ? 73  ILE F HD12 1 
ATOM   1195 H HD13 . ILE A 1 73  ? 0.917   5.205   -0.708  1.00 1.15 ? 73  ILE F HD13 1 
ATOM   1196 N N    . THR A 1 74  ? -2.399  9.460   -1.281  1.00 0.34 ? 74  THR F N    1 
ATOM   1197 C CA   . THR A 1 74  ? -2.769  10.710  -0.577  1.00 0.38 ? 74  THR F CA   1 
ATOM   1198 C C    . THR A 1 74  ? -2.791  11.805  -1.634  1.00 0.37 ? 74  THR F C    1 
ATOM   1199 O O    . THR A 1 74  ? -1.985  11.817  -2.542  1.00 0.33 ? 74  THR F O    1 
ATOM   1200 C CB   . THR A 1 74  ? -1.757  11.046  0.524   1.00 0.40 ? 74  THR F CB   1 
ATOM   1201 O OG1  . THR A 1 74  ? -1.426  12.424  0.463   1.00 0.43 ? 74  THR F OG1  1 
ATOM   1202 C CG2  . THR A 1 74  ? -0.486  10.212  0.352   1.00 0.37 ? 74  THR F CG2  1 
ATOM   1203 H H    . THR A 1 74  ? -1.641  9.469   -1.898  1.00 0.31 ? 74  THR F H    1 
ATOM   1204 H HA   . THR A 1 74  ? -3.755  10.604  -0.151  1.00 0.45 ? 74  THR F HA   1 
ATOM   1205 H HB   . THR A 1 74  ? -2.200  10.833  1.480   1.00 0.47 ? 74  THR F HB   1 
ATOM   1206 H HG1  . THR A 1 74  ? -1.327  12.744  1.362   1.00 0.84 ? 74  THR F HG1  1 
ATOM   1207 H HG21 . THR A 1 74  ? -0.753  9.186   0.152   1.00 1.12 ? 74  THR F HG21 1 
ATOM   1208 H HG22 . THR A 1 74  ? 0.089   10.603  -0.475  1.00 1.06 ? 74  THR F HG22 1 
ATOM   1209 H HG23 . THR A 1 74  ? 0.103   10.263  1.256   1.00 1.04 ? 74  THR F HG23 1 
ATOM   1210 N N    . THR A 1 75  ? -3.728  12.693  -1.558  1.00 0.46 ? 75  THR F N    1 
ATOM   1211 C CA   . THR A 1 75  ? -3.823  13.756  -2.602  1.00 0.52 ? 75  THR F CA   1 
ATOM   1212 C C    . THR A 1 75  ? -2.590  14.659  -2.575  1.00 0.54 ? 75  THR F C    1 
ATOM   1213 O O    . THR A 1 75  ? -2.411  15.501  -3.433  1.00 0.63 ? 75  THR F O    1 
ATOM   1214 C CB   . THR A 1 75  ? -5.085  14.574  -2.366  1.00 0.65 ? 75  THR F CB   1 
ATOM   1215 O OG1  . THR A 1 75  ? -4.965  15.299  -1.150  1.00 0.70 ? 75  THR F OG1  1 
ATOM   1216 C CG2  . THR A 1 75  ? -6.275  13.618  -2.286  1.00 0.72 ? 75  THR F CG2  1 
ATOM   1217 H H    . THR A 1 75  ? -4.387  12.644  -0.835  1.00 0.51 ? 75  THR F H    1 
ATOM   1218 H HA   . THR A 1 75  ? -3.888  13.285  -3.572  1.00 0.49 ? 75  THR F HA   1 
ATOM   1219 H HB   . THR A 1 75  ? -5.232  15.257  -3.188  1.00 0.77 ? 75  THR F HB   1 
ATOM   1220 H HG1  . THR A 1 75  ? -5.002  16.235  -1.358  1.00 1.20 ? 75  THR F HG1  1 
ATOM   1221 H HG21 . THR A 1 75  ? -5.933  12.606  -2.480  1.00 1.22 ? 75  THR F HG21 1 
ATOM   1222 H HG22 . THR A 1 75  ? -6.711  13.667  -1.300  1.00 1.18 ? 75  THR F HG22 1 
ATOM   1223 H HG23 . THR A 1 75  ? -7.012  13.898  -3.023  1.00 1.38 ? 75  THR F HG23 1 
ATOM   1224 N N    . ARG A 1 76  ? -1.732  14.487  -1.613  1.00 0.50 ? 76  ARG F N    1 
ATOM   1225 C CA   . ARG A 1 76  ? -0.511  15.328  -1.554  1.00 0.57 ? 76  ARG F CA   1 
ATOM   1226 C C    . ARG A 1 76  ? 0.421   14.950  -2.710  1.00 0.58 ? 76  ARG F C    1 
ATOM   1227 O O    . ARG A 1 76  ? 1.309   15.698  -3.068  1.00 0.71 ? 76  ARG F O    1 
ATOM   1228 C CB   . ARG A 1 76  ? 0.206   15.096  -0.222  1.00 0.60 ? 76  ARG F CB   1 
ATOM   1229 C CG   . ARG A 1 76  ? 1.543   15.839  -0.226  1.00 1.12 ? 76  ARG F CG   1 
ATOM   1230 C CD   . ARG A 1 76  ? 1.933   16.195  1.210   1.00 1.51 ? 76  ARG F CD   1 
ATOM   1231 N NE   . ARG A 1 76  ? 2.049   17.675  1.340   1.00 2.13 ? 76  ARG F NE   1 
ATOM   1232 C CZ   . ARG A 1 76  ? 3.171   18.209  1.738   1.00 2.77 ? 76  ARG F CZ   1 
ATOM   1233 N NH1  . ARG A 1 76  ? 3.507   18.159  2.998   1.00 3.37 ? 76  ARG F NH1  1 
ATOM   1234 N NH2  . ARG A 1 76  ? 3.958   18.793  0.876   1.00 3.31 ? 76  ARG F NH2  1 
ATOM   1235 H H    . ARG A 1 76  ? -1.885  13.802  -0.938  1.00 0.47 ? 76  ARG F H    1 
ATOM   1236 H HA   . ARG A 1 76  ? -0.785  16.369  -1.639  1.00 0.66 ? 76  ARG F HA   1 
ATOM   1237 H HB2  . ARG A 1 76  ? -0.408  15.465  0.586   1.00 0.78 ? 76  ARG F HB2  1 
ATOM   1238 H HB3  . ARG A 1 76  ? 0.382   14.039  -0.088  1.00 0.76 ? 76  ARG F HB3  1 
ATOM   1239 H HG2  . ARG A 1 76  ? 2.305   15.208  -0.660  1.00 1.69 ? 76  ARG F HG2  1 
ATOM   1240 H HG3  . ARG A 1 76  ? 1.451   16.743  -0.809  1.00 1.73 ? 76  ARG F HG3  1 
ATOM   1241 H HD2  . ARG A 1 76  ? 1.176   15.831  1.889   1.00 1.89 ? 76  ARG F HD2  1 
ATOM   1242 H HD3  . ARG A 1 76  ? 2.881   15.737  1.450   1.00 1.91 ? 76  ARG F HD3  1 
ATOM   1243 H HE   . ARG A 1 76  ? 1.282   18.247  1.129   1.00 2.46 ? 76  ARG F HE   1 
ATOM   1244 H HH11 . ARG A 1 76  ? 2.906   17.712  3.659   1.00 3.45 ? 76  ARG F HH11 1 
ATOM   1245 H HH12 . ARG A 1 76  ? 4.367   18.569  3.302   1.00 4.02 ? 76  ARG F HH12 1 
ATOM   1246 H HH21 . ARG A 1 76  ? 3.699   18.831  -0.090  1.00 3.43 ? 76  ARG F HH21 1 
ATOM   1247 H HH22 . ARG A 1 76  ? 4.818   19.203  1.180   1.00 3.90 ? 76  ARG F HH22 1 
ATOM   1248 N N    . ALA A 1 77  ? 0.234   13.793  -3.299  1.00 0.49 ? 77  ALA F N    1 
ATOM   1249 C CA   . ALA A 1 77  ? 1.130   13.394  -4.425  1.00 0.58 ? 77  ALA F CA   1 
ATOM   1250 C C    . ALA A 1 77  ? 0.485   12.289  -5.277  1.00 0.47 ? 77  ALA F C    1 
ATOM   1251 O O    . ALA A 1 77  ? 0.056   11.269  -4.776  1.00 0.43 ? 77  ALA F O    1 
ATOM   1252 C CB   . ALA A 1 77  ? 2.452   12.879  -3.856  1.00 0.68 ? 77  ALA F CB   1 
ATOM   1253 H H    . ALA A 1 77  ? -0.483  13.194  -2.998  1.00 0.41 ? 77  ALA F H    1 
ATOM   1254 H HA   . ALA A 1 77  ? 1.324   14.254  -5.047  1.00 0.72 ? 77  ALA F HA   1 
ATOM   1255 H HB1  . ALA A 1 77  ? 2.261   12.326  -2.948  1.00 1.19 ? 77  ALA F HB1  1 
ATOM   1256 H HB2  . ALA A 1 77  ? 2.929   12.232  -4.578  1.00 1.23 ? 77  ALA F HB2  1 
ATOM   1257 H HB3  . ALA A 1 77  ? 3.100   13.715  -3.638  1.00 1.25 ? 77  ALA F HB3  1 
ATOM   1258 N N    . GLN A 1 78  ? 0.445   12.487  -6.569  1.00 0.50 ? 78  GLN F N    1 
ATOM   1259 C CA   . GLN A 1 78  ? -0.130  11.467  -7.487  1.00 0.46 ? 78  GLN F CA   1 
ATOM   1260 C C    . GLN A 1 78  ? 0.942   11.085  -8.512  1.00 0.50 ? 78  GLN F C    1 
ATOM   1261 O O    . GLN A 1 78  ? 2.011   11.659  -8.543  1.00 0.55 ? 78  GLN F O    1 
ATOM   1262 C CB   . GLN A 1 78  ? -1.349  12.040  -8.221  1.00 0.52 ? 78  GLN F CB   1 
ATOM   1263 C CG   . GLN A 1 78  ? -1.183  13.548  -8.418  1.00 0.78 ? 78  GLN F CG   1 
ATOM   1264 C CD   . GLN A 1 78  ? -1.898  14.305  -7.293  1.00 0.89 ? 78  GLN F CD   1 
ATOM   1265 O OE1  . GLN A 1 78  ? -2.212  15.470  -7.437  1.00 1.84 ? 78  GLN F OE1  1 
ATOM   1266 N NE2  . GLN A 1 78  ? -2.169  13.693  -6.172  1.00 0.98 ? 78  GLN F NE2  1 
ATOM   1267 H H    . GLN A 1 78  ? 0.814   13.303  -6.940  1.00 0.60 ? 78  GLN F H    1 
ATOM   1268 H HA   . GLN A 1 78  ? -0.417  10.592  -6.924  1.00 0.41 ? 78  GLN F HA   1 
ATOM   1269 H HB2  . GLN A 1 78  ? -1.431  11.566  -9.184  1.00 0.98 ? 78  GLN F HB2  1 
ATOM   1270 H HB3  . GLN A 1 78  ? -2.244  11.850  -7.652  1.00 0.71 ? 78  GLN F HB3  1 
ATOM   1271 H HG2  . GLN A 1 78  ? -0.137  13.796  -8.410  1.00 1.45 ? 78  GLN F HG2  1 
ATOM   1272 H HG3  . GLN A 1 78  ? -1.612  13.834  -9.367  1.00 1.49 ? 78  GLN F HG3  1 
ATOM   1273 H HE21 . GLN A 1 78  ? -1.918  12.755  -6.050  1.00 1.31 ? 78  GLN F HE21 1 
ATOM   1274 H HE22 . GLN A 1 78  ? -2.625  14.174  -5.450  1.00 1.43 ? 78  GLN F HE22 1 
ATOM   1275 N N    . PHE A 1 79  ? 0.672   10.119  -9.346  1.00 0.53 ? 79  PHE F N    1 
ATOM   1276 C CA   . PHE A 1 79  ? 1.687   9.708   -10.359 1.00 0.59 ? 79  PHE F CA   1 
ATOM   1277 C C    . PHE A 1 79  ? 0.982   9.284   -11.639 1.00 0.71 ? 79  PHE F C    1 
ATOM   1278 O O    . PHE A 1 79  ? -0.185  9.527   -11.821 1.00 1.10 ? 79  PHE F O    1 
ATOM   1279 C CB   . PHE A 1 79  ? 2.507   8.540   -9.812  1.00 0.54 ? 79  PHE F CB   1 
ATOM   1280 C CG   . PHE A 1 79  ? 3.445   9.064   -8.754  1.00 0.49 ? 79  PHE F CG   1 
ATOM   1281 C CD1  . PHE A 1 79  ? 2.943   9.431   -7.503  1.00 1.06 ? 79  PHE F CD1  1 
ATOM   1282 C CD2  . PHE A 1 79  ? 4.811   9.199   -9.029  1.00 0.80 ? 79  PHE F CD2  1 
ATOM   1283 C CE1  . PHE A 1 79  ? 3.801   9.932   -6.524  1.00 1.16 ? 79  PHE F CE1  1 
ATOM   1284 C CE2  . PHE A 1 79  ? 5.673   9.700   -8.046  1.00 0.73 ? 79  PHE F CE2  1 
ATOM   1285 C CZ   . PHE A 1 79  ? 5.168   10.067  -6.793  1.00 0.59 ? 79  PHE F CZ   1 
ATOM   1286 H H    . PHE A 1 79  ? -0.194  9.664   -9.308  1.00 0.55 ? 79  PHE F H    1 
ATOM   1287 H HA   . PHE A 1 79  ? 2.344   10.537  -10.572 1.00 0.62 ? 79  PHE F HA   1 
ATOM   1288 H HB2  . PHE A 1 79  ? 1.843   7.806   -9.379  1.00 0.54 ? 79  PHE F HB2  1 
ATOM   1289 H HB3  . PHE A 1 79  ? 3.075   8.090   -10.612 1.00 0.59 ? 79  PHE F HB3  1 
ATOM   1290 H HD1  . PHE A 1 79  ? 1.888   9.325   -7.294  1.00 1.60 ? 79  PHE F HD1  1 
ATOM   1291 H HD2  . PHE A 1 79  ? 5.199   8.915   -9.995  1.00 1.40 ? 79  PHE F HD2  1 
ATOM   1292 H HE1  . PHE A 1 79  ? 3.407   10.216  -5.560  1.00 1.79 ? 79  PHE F HE1  1 
ATOM   1293 H HE2  . PHE A 1 79  ? 6.728   9.804   -8.255  1.00 1.23 ? 79  PHE F HE2  1 
ATOM   1294 H HZ   . PHE A 1 79  ? 5.834   10.456  -6.035  1.00 0.68 ? 79  PHE F HZ   1 
ATOM   1295 N N    . GLU A 1 80  ? 1.676   8.668   -12.540 1.00 0.58 ? 80  GLU F N    1 
ATOM   1296 C CA   . GLU A 1 80  ? 1.014   8.260   -13.802 1.00 0.65 ? 80  GLU F CA   1 
ATOM   1297 C C    . GLU A 1 80  ? 0.592   6.792   -13.727 1.00 0.63 ? 80  GLU F C    1 
ATOM   1298 O O    . GLU A 1 80  ? -0.382  6.392   -14.333 1.00 0.69 ? 80  GLU F O    1 
ATOM   1299 C CB   . GLU A 1 80  ? 1.985   8.465   -14.963 1.00 0.73 ? 80  GLU F CB   1 
ATOM   1300 C CG   . GLU A 1 80  ? 3.283   7.703   -14.686 1.00 0.67 ? 80  GLU F CG   1 
ATOM   1301 C CD   . GLU A 1 80  ? 4.452   8.689   -14.633 1.00 1.25 ? 80  GLU F CD   1 
ATOM   1302 O OE1  . GLU A 1 80  ? 4.527   9.535   -15.509 1.00 1.92 ? 80  GLU F OE1  1 
ATOM   1303 O OE2  . GLU A 1 80  ? 5.251   8.580   -13.718 1.00 1.70 ? 80  GLU F OE2  1 
ATOM   1304 H H    . GLU A 1 80  ? 2.627   8.486   -12.399 1.00 0.68 ? 80  GLU F H    1 
ATOM   1305 H HA   . GLU A 1 80  ? 0.137   8.873   -13.951 1.00 0.71 ? 80  GLU F HA   1 
ATOM   1306 H HB2  . GLU A 1 80  ? 1.538   8.101   -15.876 1.00 0.81 ? 80  GLU F HB2  1 
ATOM   1307 H HB3  . GLU A 1 80  ? 2.203   9.516   -15.060 1.00 0.85 ? 80  GLU F HB3  1 
ATOM   1308 H HG2  . GLU A 1 80  ? 3.204   7.188   -13.741 1.00 0.92 ? 80  GLU F HG2  1 
ATOM   1309 H HG3  . GLU A 1 80  ? 3.453   6.986   -15.474 1.00 1.04 ? 80  GLU F HG3  1 
ATOM   1310 N N    . THR A 1 81  ? 1.313   5.980   -13.006 1.00 0.57 ? 81  THR F N    1 
ATOM   1311 C CA   . THR A 1 81  ? 0.932   4.541   -12.926 1.00 0.58 ? 81  THR F CA   1 
ATOM   1312 C C    . THR A 1 81  ? 1.364   3.980   -11.574 1.00 0.51 ? 81  THR F C    1 
ATOM   1313 O O    . THR A 1 81  ? 1.860   4.693   -10.723 1.00 0.45 ? 81  THR F O    1 
ATOM   1314 C CB   . THR A 1 81  ? 1.621   3.770   -14.061 1.00 0.62 ? 81  THR F CB   1 
ATOM   1315 O OG1  . THR A 1 81  ? 2.114   2.531   -13.582 1.00 0.60 ? 81  THR F OG1  1 
ATOM   1316 C CG2  . THR A 1 81  ? 2.790   4.583   -14.576 1.00 0.61 ? 81  THR F CG2  1 
ATOM   1317 H H    . THR A 1 81  ? 2.110   6.309   -12.528 1.00 0.54 ? 81  THR F H    1 
ATOM   1318 H HA   . THR A 1 81  ? -0.139  4.448   -13.027 1.00 0.64 ? 81  THR F HA   1 
ATOM   1319 H HB   . THR A 1 81  ? 0.922   3.599   -14.865 1.00 0.70 ? 81  THR F HB   1 
ATOM   1320 H HG1  . THR A 1 81  ? 3.065   2.626   -13.447 1.00 0.58 ? 81  THR F HG1  1 
ATOM   1321 H HG21 . THR A 1 81  ? 3.443   4.800   -13.743 1.00 1.20 ? 81  THR F HG21 1 
ATOM   1322 H HG22 . THR A 1 81  ? 3.325   4.016   -15.320 1.00 1.22 ? 81  THR F HG22 1 
ATOM   1323 H HG23 . THR A 1 81  ? 2.429   5.503   -15.004 1.00 1.14 ? 81  THR F HG23 1 
ATOM   1324 N N    . LEU A 1 82  ? 1.175   2.712   -11.365 1.00 0.55 ? 82  LEU F N    1 
ATOM   1325 C CA   . LEU A 1 82  ? 1.569   2.114   -10.064 1.00 0.52 ? 82  LEU F CA   1 
ATOM   1326 C C    . LEU A 1 82  ? 3.051   1.765   -10.105 1.00 0.51 ? 82  LEU F C    1 
ATOM   1327 O O    . LEU A 1 82  ? 3.725   1.772   -9.100  1.00 0.51 ? 82  LEU F O    1 
ATOM   1328 C CB   . LEU A 1 82  ? 0.723   0.873   -9.797  1.00 0.59 ? 82  LEU F CB   1 
ATOM   1329 C CG   . LEU A 1 82  ? -0.736  1.310   -9.662  1.00 0.48 ? 82  LEU F CG   1 
ATOM   1330 C CD1  . LEU A 1 82  ? -1.635  0.345   -10.424 1.00 0.74 ? 82  LEU F CD1  1 
ATOM   1331 C CD2  . LEU A 1 82  ? -1.140  1.328   -8.187  1.00 0.78 ? 82  LEU F CD2  1 
ATOM   1332 H H    . LEU A 1 82  ? 0.775   2.156   -12.062 1.00 0.60 ? 82  LEU F H    1 
ATOM   1333 H HA   . LEU A 1 82  ? 1.397   2.834   -9.283  1.00 0.49 ? 82  LEU F HA   1 
ATOM   1334 H HB2  . LEU A 1 82  ? 0.822   0.180   -10.620 1.00 0.84 ? 82  LEU F HB2  1 
ATOM   1335 H HB3  . LEU A 1 82  ? 1.048   0.401   -8.883  1.00 0.66 ? 82  LEU F HB3  1 
ATOM   1336 H HG   . LEU A 1 82  ? -0.850  2.303   -10.074 1.00 0.58 ? 82  LEU F HG   1 
ATOM   1337 H HD11 . LEU A 1 82  ? -1.155  0.064   -11.350 1.00 1.19 ? 82  LEU F HD11 1 
ATOM   1338 H HD12 . LEU A 1 82  ? -1.810  -0.539  -9.822  1.00 1.42 ? 82  LEU F HD12 1 
ATOM   1339 H HD13 . LEU A 1 82  ? -2.575  0.833   -10.640 1.00 1.34 ? 82  LEU F HD13 1 
ATOM   1340 H HD21 . LEU A 1 82  ? -0.323  1.710   -7.595  1.00 1.22 ? 82  LEU F HD21 1 
ATOM   1341 H HD22 . LEU A 1 82  ? -2.005  1.963   -8.061  1.00 1.36 ? 82  LEU F HD22 1 
ATOM   1342 H HD23 . LEU A 1 82  ? -1.380  0.325   -7.868  1.00 1.40 ? 82  LEU F HD23 1 
ATOM   1343 N N    . GLN A 1 83  ? 3.567   1.491   -11.266 1.00 0.53 ? 83  GLN F N    1 
ATOM   1344 C CA   . GLN A 1 83  ? 5.013   1.184   -11.380 1.00 0.53 ? 83  GLN F CA   1 
ATOM   1345 C C    . GLN A 1 83  ? 5.793   2.495   -11.226 1.00 0.50 ? 83  GLN F C    1 
ATOM   1346 O O    . GLN A 1 83  ? 6.856   2.541   -10.635 1.00 0.47 ? 83  GLN F O    1 
ATOM   1347 C CB   . GLN A 1 83  ? 5.302   0.573   -12.754 1.00 0.57 ? 83  GLN F CB   1 
ATOM   1348 C CG   . GLN A 1 83  ? 6.261   -0.608  -12.595 1.00 0.92 ? 83  GLN F CG   1 
ATOM   1349 C CD   . GLN A 1 83  ? 7.569   -0.307  -13.328 1.00 1.40 ? 83  GLN F CD   1 
ATOM   1350 O OE1  . GLN A 1 83  ? 8.448   0.335   -12.788 1.00 2.12 ? 83  GLN F OE1  1 
ATOM   1351 N NE2  . GLN A 1 83  ? 7.736   -0.744  -14.546 1.00 2.00 ? 83  GLN F NE2  1 
ATOM   1352 H H    . GLN A 1 83  ? 3.006   1.505   -12.062 1.00 0.55 ? 83  GLN F H    1 
ATOM   1353 H HA   . GLN A 1 83  ? 5.299   0.493   -10.607 1.00 0.54 ? 83  GLN F HA   1 
ATOM   1354 H HB2  . GLN A 1 83  ? 4.378   0.231   -13.197 1.00 0.85 ? 83  GLN F HB2  1 
ATOM   1355 H HB3  . GLN A 1 83  ? 5.753   1.319   -13.391 1.00 0.66 ? 83  GLN F HB3  1 
ATOM   1356 H HG2  . GLN A 1 83  ? 6.465   -0.768  -11.546 1.00 1.35 ? 83  GLN F HG2  1 
ATOM   1357 H HG3  . GLN A 1 83  ? 5.810   -1.496  -13.013 1.00 1.48 ? 83  GLN F HG3  1 
ATOM   1358 H HE21 . GLN A 1 83  ? 7.027   -1.262  -14.982 1.00 2.35 ? 83  GLN F HE21 1 
ATOM   1359 H HE22 . GLN A 1 83  ? 8.571   -0.557  -15.025 1.00 2.51 ? 83  GLN F HE22 1 
ATOM   1360 N N    . GLN A 1 84  ? 5.260   3.569   -11.748 1.00 0.52 ? 84  GLN F N    1 
ATOM   1361 C CA   . GLN A 1 84  ? 5.956   4.882   -11.629 1.00 0.51 ? 84  GLN F CA   1 
ATOM   1362 C C    . GLN A 1 84  ? 5.858   5.387   -10.189 1.00 0.48 ? 84  GLN F C    1 
ATOM   1363 O O    . GLN A 1 84  ? 6.774   5.997   -9.673  1.00 0.51 ? 84  GLN F O    1 
ATOM   1364 C CB   . GLN A 1 84  ? 5.318   5.909   -12.578 1.00 0.53 ? 84  GLN F CB   1 
ATOM   1365 C CG   . GLN A 1 84  ? 5.766   5.686   -14.042 1.00 0.60 ? 84  GLN F CG   1 
ATOM   1366 C CD   . GLN A 1 84  ? 7.128   4.989   -14.111 1.00 0.86 ? 84  GLN F CD   1 
ATOM   1367 O OE1  . GLN A 1 84  ? 8.148   5.629   -14.275 1.00 1.50 ? 84  GLN F OE1  1 
ATOM   1368 N NE2  . GLN A 1 84  ? 7.182   3.690   -13.991 1.00 1.45 ? 84  GLN F NE2  1 
ATOM   1369 H H    . GLN A 1 84  ? 4.399   3.511   -12.211 1.00 0.57 ? 84  GLN F H    1 
ATOM   1370 H HA   . GLN A 1 84  ? 6.988   4.757   -11.879 1.00 0.54 ? 84  GLN F HA   1 
ATOM   1371 H HB2  . GLN A 1 84  ? 4.246   5.827   -12.515 1.00 0.52 ? 84  GLN F HB2  1 
ATOM   1372 H HB3  . GLN A 1 84  ? 5.610   6.897   -12.270 1.00 0.56 ? 84  GLN F HB3  1 
ATOM   1373 H HG2  . GLN A 1 84  ? 5.040   5.078   -14.551 1.00 0.87 ? 84  GLN F HG2  1 
ATOM   1374 H HG3  . GLN A 1 84  ? 5.836   6.643   -14.538 1.00 0.77 ? 84  GLN F HG3  1 
ATOM   1375 H HE21 . GLN A 1 84  ? 6.357   3.177   -13.859 1.00 2.01 ? 84  GLN F HE21 1 
ATOM   1376 H HE22 . GLN A 1 84  ? 8.043   3.229   -14.032 1.00 1.71 ? 84  GLN F HE22 1 
ATOM   1377 N N    . LEU A 1 85  ? 4.765   5.133   -9.528  1.00 0.44 ? 85  LEU F N    1 
ATOM   1378 C CA   . LEU A 1 85  ? 4.638   5.598   -8.114  1.00 0.43 ? 85  LEU F CA   1 
ATOM   1379 C C    . LEU A 1 85  ? 5.424   4.663   -7.218  1.00 0.47 ? 85  LEU F C    1 
ATOM   1380 O O    . LEU A 1 85  ? 5.978   5.070   -6.237  1.00 0.55 ? 85  LEU F O    1 
ATOM   1381 C CB   . LEU A 1 85  ? 3.155   5.651   -7.703  1.00 0.43 ? 85  LEU F CB   1 
ATOM   1382 C CG   . LEU A 1 85  ? 2.760   4.395   -6.918  1.00 0.40 ? 85  LEU F CG   1 
ATOM   1383 C CD1  . LEU A 1 85  ? 2.820   4.688   -5.419  1.00 0.41 ? 85  LEU F CD1  1 
ATOM   1384 C CD2  . LEU A 1 85  ? 1.351   3.982   -7.305  1.00 0.47 ? 85  LEU F CD2  1 
ATOM   1385 H H    . LEU A 1 85  ? 4.038   4.632   -9.956  1.00 0.45 ? 85  LEU F H    1 
ATOM   1386 H HA   . LEU A 1 85  ? 5.075   6.578   -8.014  1.00 0.46 ? 85  LEU F HA   1 
ATOM   1387 H HB2  . LEU A 1 85  ? 2.989   6.522   -7.087  1.00 0.46 ? 85  LEU F HB2  1 
ATOM   1388 H HB3  . LEU A 1 85  ? 2.544   5.721   -8.591  1.00 0.49 ? 85  LEU F HB3  1 
ATOM   1389 H HG   . LEU A 1 85  ? 3.436   3.593   -7.153  1.00 0.42 ? 85  LEU F HG   1 
ATOM   1390 H HD11 . LEU A 1 85  ? 2.426   5.675   -5.227  1.00 1.11 ? 85  LEU F HD11 1 
ATOM   1391 H HD12 . LEU A 1 85  ? 2.233   3.955   -4.885  1.00 1.12 ? 85  LEU F HD12 1 
ATOM   1392 H HD13 . LEU A 1 85  ? 3.847   4.638   -5.086  1.00 1.06 ? 85  LEU F HD13 1 
ATOM   1393 H HD21 . LEU A 1 85  ? 1.092   4.448   -8.243  1.00 1.16 ? 85  LEU F HD21 1 
ATOM   1394 H HD22 . LEU A 1 85  ? 1.316   2.909   -7.415  1.00 1.16 ? 85  LEU F HD22 1 
ATOM   1395 H HD23 . LEU A 1 85  ? 0.659   4.293   -6.539  1.00 1.03 ? 85  LEU F HD23 1 
ATOM   1396 N N    . VAL A 1 86  ? 5.507   3.418   -7.548  1.00 0.44 ? 86  VAL F N    1 
ATOM   1397 C CA   . VAL A 1 86  ? 6.308   2.534   -6.690  1.00 0.49 ? 86  VAL F CA   1 
ATOM   1398 C C    . VAL A 1 86  ? 7.760   2.934   -6.922  1.00 0.49 ? 86  VAL F C    1 
ATOM   1399 O O    . VAL A 1 86  ? 8.645   2.678   -6.130  1.00 0.54 ? 86  VAL F O    1 
ATOM   1400 C CB   . VAL A 1 86  ? 6.084   1.076   -7.069  1.00 0.57 ? 86  VAL F CB   1 
ATOM   1401 C CG1  . VAL A 1 86  ? 4.600   0.745   -6.918  1.00 0.65 ? 86  VAL F CG1  1 
ATOM   1402 C CG2  . VAL A 1 86  ? 6.510   0.866   -8.517  1.00 0.61 ? 86  VAL F CG2  1 
ATOM   1403 H H    . VAL A 1 86  ? 5.077   3.085   -8.356  1.00 0.42 ? 86  VAL F H    1 
ATOM   1404 H HA   . VAL A 1 86  ? 6.031   2.702   -5.666  1.00 0.50 ? 86  VAL F HA   1 
ATOM   1405 H HB   . VAL A 1 86  ? 6.667   0.438   -6.422  1.00 0.63 ? 86  VAL F HB   1 
ATOM   1406 H HG11 . VAL A 1 86  ? 4.024   1.658   -6.937  1.00 1.19 ? 86  VAL F HG11 1 
ATOM   1407 H HG12 . VAL A 1 86  ? 4.290   0.108   -7.733  1.00 1.20 ? 86  VAL F HG12 1 
ATOM   1408 H HG13 . VAL A 1 86  ? 4.437   0.235   -5.980  1.00 1.28 ? 86  VAL F HG13 1 
ATOM   1409 H HG21 . VAL A 1 86  ? 7.534   1.189   -8.640  1.00 1.14 ? 86  VAL F HG21 1 
ATOM   1410 H HG22 . VAL A 1 86  ? 6.426   -0.179  -8.772  1.00 1.25 ? 86  VAL F HG22 1 
ATOM   1411 H HG23 . VAL A 1 86  ? 5.871   1.448   -9.159  1.00 1.19 ? 86  VAL F HG23 1 
ATOM   1412 N N    . GLN A 1 87  ? 7.993   3.591   -8.022  1.00 0.46 ? 87  GLN F N    1 
ATOM   1413 C CA   . GLN A 1 87  ? 9.358   4.054   -8.352  1.00 0.50 ? 87  GLN F CA   1 
ATOM   1414 C C    . GLN A 1 87  ? 9.725   5.232   -7.458  1.00 0.50 ? 87  GLN F C    1 
ATOM   1415 O O    . GLN A 1 87  ? 10.833  5.348   -6.973  1.00 0.54 ? 87  GLN F O    1 
ATOM   1416 C CB   . GLN A 1 87  ? 9.378   4.530   -9.796  1.00 0.51 ? 87  GLN F CB   1 
ATOM   1417 C CG   . GLN A 1 87  ? 10.811  4.867   -10.196 1.00 0.57 ? 87  GLN F CG   1 
ATOM   1418 C CD   . GLN A 1 87  ? 10.900  5.009   -11.716 1.00 1.29 ? 87  GLN F CD   1 
ATOM   1419 O OE1  . GLN A 1 87  ? 10.423  4.163   -12.446 1.00 1.94 ? 87  GLN F OE1  1 
ATOM   1420 N NE2  . GLN A 1 87  ? 11.496  6.051   -12.229 1.00 1.95 ? 87  GLN F NE2  1 
ATOM   1421 H H    . GLN A 1 87  ? 7.256   3.787   -8.638  1.00 0.44 ? 87  GLN F H    1 
ATOM   1422 H HA   . GLN A 1 87  ? 10.055  3.251   -8.220  1.00 0.54 ? 87  GLN F HA   1 
ATOM   1423 H HB2  . GLN A 1 87  ? 8.989   3.759   -10.432 1.00 0.52 ? 87  GLN F HB2  1 
ATOM   1424 H HB3  . GLN A 1 87  ? 8.765   5.413   -9.890  1.00 0.50 ? 87  GLN F HB3  1 
ATOM   1425 H HG2  . GLN A 1 87  ? 11.097  5.798   -9.729  1.00 0.86 ? 87  GLN F HG2  1 
ATOM   1426 H HG3  . GLN A 1 87  ? 11.471  4.080   -9.866  1.00 0.92 ? 87  GLN F HG3  1 
ATOM   1427 H HE21 . GLN A 1 87  ? 11.881  6.734   -11.640 1.00 2.21 ? 87  GLN F HE21 1 
ATOM   1428 H HE22 . GLN A 1 87  ? 11.559  6.151   -13.202 1.00 2.53 ? 87  GLN F HE22 1 
ATOM   1429 N N    . HIS A 1 88  ? 8.794   6.116   -7.262  1.00 0.47 ? 88  HIS F N    1 
ATOM   1430 C CA   . HIS A 1 88  ? 9.049   7.314   -6.431  1.00 0.49 ? 88  HIS F CA   1 
ATOM   1431 C C    . HIS A 1 88  ? 8.995   6.942   -4.956  1.00 0.49 ? 88  HIS F C    1 
ATOM   1432 O O    . HIS A 1 88  ? 9.781   7.401   -4.148  1.00 0.54 ? 88  HIS F O    1 
ATOM   1433 C CB   . HIS A 1 88  ? 7.971   8.351   -6.726  1.00 0.47 ? 88  HIS F CB   1 
ATOM   1434 C CG   . HIS A 1 88  ? 8.486   9.725   -6.403  1.00 0.53 ? 88  HIS F CG   1 
ATOM   1435 N ND1  . HIS A 1 88  ? 9.338   10.414  -7.252  1.00 1.26 ? 88  HIS F ND1  1 
ATOM   1436 C CD2  . HIS A 1 88  ? 8.280   10.554  -5.327  1.00 1.19 ? 88  HIS F CD2  1 
ATOM   1437 C CE1  . HIS A 1 88  ? 9.610   11.601  -6.680  1.00 1.04 ? 88  HIS F CE1  1 
ATOM   1438 N NE2  . HIS A 1 88  ? 8.991   11.737  -5.504  1.00 0.80 ? 88  HIS F NE2  1 
ATOM   1439 H H    . HIS A 1 88  ? 7.922   5.997   -7.677  1.00 0.45 ? 88  HIS F H    1 
ATOM   1440 H HA   . HIS A 1 88  ? 10.011  7.717   -6.674  1.00 0.53 ? 88  HIS F HA   1 
ATOM   1441 H HB2  . HIS A 1 88  ? 7.704   8.298   -7.769  1.00 0.46 ? 88  HIS F HB2  1 
ATOM   1442 H HB3  . HIS A 1 88  ? 7.101   8.138   -6.125  1.00 0.48 ? 88  HIS F HB3  1 
ATOM   1443 H HD1  . HIS A 1 88  ? 9.679   10.095  -8.114  1.00 2.09 ? 88  HIS F HD1  1 
ATOM   1444 H HD2  . HIS A 1 88  ? 7.661   10.322  -4.473  1.00 2.16 ? 88  HIS F HD2  1 
ATOM   1445 H HE1  . HIS A 1 88  ? 10.252  12.351  -7.117  1.00 1.69 ? 88  HIS F HE1  1 
ATOM   1446 N N    . TYR A 1 89  ? 8.064   6.116   -4.599  1.00 0.47 ? 89  TYR F N    1 
ATOM   1447 C CA   . TYR A 1 89  ? 7.944   5.719   -3.177  1.00 0.51 ? 89  TYR F CA   1 
ATOM   1448 C C    . TYR A 1 89  ? 9.131   4.829   -2.806  1.00 0.57 ? 89  TYR F C    1 
ATOM   1449 O O    . TYR A 1 89  ? 9.496   4.702   -1.655  1.00 0.63 ? 89  TYR F O    1 
ATOM   1450 C CB   . TYR A 1 89  ? 6.641   4.948   -2.946  1.00 0.49 ? 89  TYR F CB   1 
ATOM   1451 C CG   . TYR A 1 89  ? 5.454   5.878   -3.016  1.00 0.50 ? 89  TYR F CG   1 
ATOM   1452 C CD1  . TYR A 1 89  ? 5.259   6.670   -4.147  1.00 0.53 ? 89  TYR F CD1  1 
ATOM   1453 C CD2  . TYR A 1 89  ? 4.538   5.931   -1.958  1.00 0.67 ? 89  TYR F CD2  1 
ATOM   1454 C CE1  . TYR A 1 89  ? 4.154   7.516   -4.229  1.00 0.56 ? 89  TYR F CE1  1 
ATOM   1455 C CE2  . TYR A 1 89  ? 3.430   6.782   -2.037  1.00 0.71 ? 89  TYR F CE2  1 
ATOM   1456 C CZ   . TYR A 1 89  ? 3.237   7.576   -3.174  1.00 0.57 ? 89  TYR F CZ   1 
ATOM   1457 O OH   . TYR A 1 89  ? 2.142   8.413   -3.255  1.00 0.63 ? 89  TYR F OH   1 
ATOM   1458 H H    . TYR A 1 89  ? 7.445   5.763   -5.266  1.00 0.44 ? 89  TYR F H    1 
ATOM   1459 H HA   . TYR A 1 89  ? 7.950   6.606   -2.573  1.00 0.54 ? 89  TYR F HA   1 
ATOM   1460 H HB2  . TYR A 1 89  ? 6.537   4.187   -3.700  1.00 0.47 ? 89  TYR F HB2  1 
ATOM   1461 H HB3  . TYR A 1 89  ? 6.673   4.488   -1.976  1.00 0.54 ? 89  TYR F HB3  1 
ATOM   1462 H HD1  . TYR A 1 89  ? 5.962   6.631   -4.957  1.00 0.67 ? 89  TYR F HD1  1 
ATOM   1463 H HD2  . TYR A 1 89  ? 4.690   5.320   -1.079  1.00 0.86 ? 89  TYR F HD2  1 
ATOM   1464 H HE1  . TYR A 1 89  ? 4.011   8.123   -5.108  1.00 0.70 ? 89  TYR F HE1  1 
ATOM   1465 H HE2  . TYR A 1 89  ? 2.723   6.826   -1.221  1.00 0.91 ? 89  TYR F HE2  1 
ATOM   1466 H HH   . TYR A 1 89  ? 2.310   9.174   -2.694  1.00 0.91 ? 89  TYR F HH   1 
ATOM   1467 N N    . SER A 1 90  ? 9.738   4.216   -3.782  1.00 0.59 ? 90  SER F N    1 
ATOM   1468 C CA   . SER A 1 90  ? 10.901  3.337   -3.506  1.00 0.68 ? 90  SER F CA   1 
ATOM   1469 C C    . SER A 1 90  ? 11.978  4.159   -2.814  1.00 0.68 ? 90  SER F C    1 
ATOM   1470 O O    . SER A 1 90  ? 12.714  3.670   -1.978  1.00 0.77 ? 90  SER F O    1 
ATOM   1471 C CB   . SER A 1 90  ? 11.446  2.778   -4.822  1.00 0.76 ? 90  SER F CB   1 
ATOM   1472 O OG   . SER A 1 90  ? 11.313  1.364   -4.827  1.00 0.89 ? 90  SER F OG   1 
ATOM   1473 H H    . SER A 1 90  ? 9.432   4.340   -4.693  1.00 0.58 ? 90  SER F H    1 
ATOM   1474 H HA   . SER A 1 90  ? 10.592  2.527   -2.869  1.00 0.74 ? 90  SER F HA   1 
ATOM   1475 H HB2  . SER A 1 90  ? 10.889  3.194   -5.648  1.00 0.72 ? 90  SER F HB2  1 
ATOM   1476 H HB3  . SER A 1 90  ? 12.488  3.042   -4.921  1.00 0.84 ? 90  SER F HB3  1 
ATOM   1477 H HG   . SER A 1 90  ? 12.176  0.987   -5.014  1.00 1.26 ? 90  SER F HG   1 
ATOM   1478 N N    . GLU A 1 91  ? 12.068  5.412   -3.152  1.00 0.66 ? 91  GLU F N    1 
ATOM   1479 C CA   . GLU A 1 91  ? 13.086  6.282   -2.516  1.00 0.73 ? 91  GLU F CA   1 
ATOM   1480 C C    . GLU A 1 91  ? 12.421  7.097   -1.408  1.00 0.69 ? 91  GLU F C    1 
ATOM   1481 O O    . GLU A 1 91  ? 13.087  7.704   -0.592  1.00 0.75 ? 91  GLU F O    1 
ATOM   1482 C CB   . GLU A 1 91  ? 13.677  7.229   -3.563  1.00 0.82 ? 91  GLU F CB   1 
ATOM   1483 C CG   . GLU A 1 91  ? 13.917  6.463   -4.866  1.00 1.32 ? 91  GLU F CG   1 
ATOM   1484 C CD   . GLU A 1 91  ? 15.273  6.866   -5.450  1.00 1.83 ? 91  GLU F CD   1 
ATOM   1485 O OE1  . GLU A 1 91  ? 15.767  7.919   -5.080  1.00 1.79 ? 91  GLU F OE1  1 
ATOM   1486 O OE2  . GLU A 1 91  ? 15.794  6.114   -6.258  1.00 2.58 ? 91  GLU F OE2  1 
ATOM   1487 H H    . GLU A 1 91  ? 11.458  5.782   -3.824  1.00 0.64 ? 91  GLU F H    1 
ATOM   1488 H HA   . GLU A 1 91  ? 13.871  5.673   -2.096  1.00 0.81 ? 91  GLU F HA   1 
ATOM   1489 H HB2  . GLU A 1 91  ? 12.988  8.040   -3.745  1.00 0.92 ? 91  GLU F HB2  1 
ATOM   1490 H HB3  . GLU A 1 91  ? 14.614  7.627   -3.201  1.00 1.02 ? 91  GLU F HB3  1 
ATOM   1491 H HG2  . GLU A 1 91  ? 13.912  5.402   -4.665  1.00 1.50 ? 91  GLU F HG2  1 
ATOM   1492 H HG3  . GLU A 1 91  ? 13.136  6.701   -5.572  1.00 1.48 ? 91  GLU F HG3  1 
ATOM   1493 N N    . ARG A 1 92  ? 11.113  7.125   -1.367  1.00 0.62 ? 92  ARG F N    1 
ATOM   1494 C CA   . ARG A 1 92  ? 10.441  7.922   -0.292  1.00 0.61 ? 92  ARG F CA   1 
ATOM   1495 C C    . ARG A 1 92  ? 9.116   7.274   0.115   1.00 0.54 ? 92  ARG F C    1 
ATOM   1496 O O    . ARG A 1 92  ? 8.529   6.516   -0.624  1.00 0.57 ? 92  ARG F O    1 
ATOM   1497 C CB   . ARG A 1 92  ? 10.173  9.338   -0.806  1.00 0.64 ? 92  ARG F CB   1 
ATOM   1498 C CG   . ARG A 1 92  ? 11.367  9.815   -1.636  1.00 0.85 ? 92  ARG F CG   1 
ATOM   1499 C CD   . ARG A 1 92  ? 11.202  11.301  -1.959  1.00 1.09 ? 92  ARG F CD   1 
ATOM   1500 N NE   . ARG A 1 92  ? 12.409  11.788  -2.685  1.00 1.29 ? 92  ARG F NE   1 
ATOM   1501 C CZ   . ARG A 1 92  ? 12.992  12.895  -2.312  1.00 1.66 ? 92  ARG F CZ   1 
ATOM   1502 N NH1  . ARG A 1 92  ? 12.366  14.034  -2.433  1.00 2.12 ? 92  ARG F NH1  1 
ATOM   1503 N NH2  . ARG A 1 92  ? 14.200  12.862  -1.820  1.00 2.43 ? 92  ARG F NH2  1 
ATOM   1504 H H    . ARG A 1 92  ? 10.576  6.631   -2.042  1.00 0.61 ? 92  ARG F H    1 
ATOM   1505 H HA   . ARG A 1 92  ? 11.090  7.976   0.570   1.00 0.67 ? 92  ARG F HA   1 
ATOM   1506 H HB2  . ARG A 1 92  ? 9.285   9.335   -1.421  1.00 0.74 ? 92  ARG F HB2  1 
ATOM   1507 H HB3  . ARG A 1 92  ? 10.028  10.004  0.031   1.00 0.71 ? 92  ARG F HB3  1 
ATOM   1508 H HG2  . ARG A 1 92  ? 12.277  9.666   -1.075  1.00 0.98 ? 92  ARG F HG2  1 
ATOM   1509 H HG3  . ARG A 1 92  ? 11.414  9.250   -2.555  1.00 1.07 ? 92  ARG F HG3  1 
ATOM   1510 H HD2  . ARG A 1 92  ? 10.329  11.440  -2.578  1.00 1.54 ? 92  ARG F HD2  1 
ATOM   1511 H HD3  . ARG A 1 92  ? 11.086  11.857  -1.040  1.00 1.53 ? 92  ARG F HD3  1 
ATOM   1512 H HE   . ARG A 1 92  ? 12.765  11.277  -3.441  1.00 1.85 ? 92  ARG F HE   1 
ATOM   1513 H HH11 . ARG A 1 92  ? 11.440  14.058  -2.810  1.00 2.35 ? 92  ARG F HH11 1 
ATOM   1514 H HH12 . ARG A 1 92  ? 12.813  14.882  -2.148  1.00 2.70 ? 92  ARG F HH12 1 
ATOM   1515 H HH21 . ARG A 1 92  ? 14.679  11.990  -1.728  1.00 2.81 ? 92  ARG F HH21 1 
ATOM   1516 H HH22 . ARG A 1 92  ? 14.646  13.711  -1.535  1.00 2.97 ? 92  ARG F HH22 1 
ATOM   1517 N N    . ALA A 1 93  ? 8.629   7.577   1.289   1.00 0.54 ? 93  ALA F N    1 
ATOM   1518 C CA   . ALA A 1 93  ? 7.332   6.987   1.727   1.00 0.54 ? 93  ALA F CA   1 
ATOM   1519 C C    . ALA A 1 93  ? 6.196   7.746   1.040   1.00 0.51 ? 93  ALA F C    1 
ATOM   1520 O O    . ALA A 1 93  ? 5.178   7.179   0.706   1.00 0.60 ? 93  ALA F O    1 
ATOM   1521 C CB   . ALA A 1 93  ? 7.187   7.116   3.247   1.00 0.59 ? 93  ALA F CB   1 
ATOM   1522 H H    . ALA A 1 93  ? 9.109   8.200   1.874   1.00 0.61 ? 93  ALA F H    1 
ATOM   1523 H HA   . ALA A 1 93  ? 7.295   5.946   1.444   1.00 0.62 ? 93  ALA F HA   1 
ATOM   1524 H HB1  . ALA A 1 93  ? 8.084   6.753   3.726   1.00 1.22 ? 93  ALA F HB1  1 
ATOM   1525 H HB2  . ALA A 1 93  ? 7.033   8.152   3.509   1.00 1.19 ? 93  ALA F HB2  1 
ATOM   1526 H HB3  . ALA A 1 93  ? 6.339   6.531   3.579   1.00 1.11 ? 93  ALA F HB3  1 
ATOM   1527 N N    . ALA A 1 94  ? 6.382   9.027   0.837   1.00 0.57 ? 94  ALA F N    1 
ATOM   1528 C CA   . ALA A 1 94  ? 5.344   9.875   0.177   1.00 0.71 ? 94  ALA F CA   1 
ATOM   1529 C C    . ALA A 1 94  ? 4.462   10.510  1.247   1.00 0.75 ? 94  ALA F C    1 
ATOM   1530 O O    . ALA A 1 94  ? 3.808   11.507  1.012   1.00 0.94 ? 94  ALA F O    1 
ATOM   1531 C CB   . ALA A 1 94  ? 4.483   9.042   -0.774  1.00 0.80 ? 94  ALA F CB   1 
ATOM   1532 H H    . ALA A 1 94  ? 7.218   9.442   1.130   1.00 0.62 ? 94  ALA F H    1 
ATOM   1533 H HA   . ALA A 1 94  ? 5.835   10.659  -0.383  1.00 0.82 ? 94  ALA F HA   1 
ATOM   1534 H HB1  . ALA A 1 94  ? 5.058   8.201   -1.136  1.00 1.34 ? 94  ALA F HB1  1 
ATOM   1535 H HB2  . ALA A 1 94  ? 3.611   8.683   -0.248  1.00 1.37 ? 94  ALA F HB2  1 
ATOM   1536 H HB3  . ALA A 1 94  ? 4.174   9.653   -1.609  1.00 1.22 ? 94  ALA F HB3  1 
ATOM   1537 N N    . GLY A 1 95  ? 4.446   9.955   2.428   1.00 0.67 ? 95  GLY F N    1 
ATOM   1538 C CA   . GLY A 1 95  ? 3.611   10.554  3.501   1.00 0.82 ? 95  GLY F CA   1 
ATOM   1539 C C    . GLY A 1 95  ? 2.983   9.463   4.373   1.00 0.73 ? 95  GLY F C    1 
ATOM   1540 O O    . GLY A 1 95  ? 2.566   9.718   5.485   1.00 0.82 ? 95  GLY F O    1 
ATOM   1541 H H    . GLY A 1 95  ? 4.986   9.157   2.608   1.00 0.61 ? 95  GLY F H    1 
ATOM   1542 H HA2  . GLY A 1 95  ? 4.228   11.191  4.119   1.00 0.94 ? 95  GLY F HA2  1 
ATOM   1543 H HA3  . GLY A 1 95  ? 2.831   11.144  3.050   1.00 0.95 ? 95  GLY F HA3  1 
ATOM   1544 N N    . LEU A 1 96  ? 2.895   8.252   3.889   1.00 0.67 ? 96  LEU F N    1 
ATOM   1545 C CA   . LEU A 1 96  ? 2.277   7.183   4.717   1.00 0.69 ? 96  LEU F CA   1 
ATOM   1546 C C    . LEU A 1 96  ? 3.288   6.668   5.748   1.00 0.76 ? 96  LEU F C    1 
ATOM   1547 O O    . LEU A 1 96  ? 4.451   7.017   5.726   1.00 0.93 ? 96  LEU F O    1 
ATOM   1548 C CB   . LEU A 1 96  ? 1.801   6.042   3.814   1.00 0.66 ? 96  LEU F CB   1 
ATOM   1549 C CG   . LEU A 1 96  ? 2.976   5.167   3.383   1.00 0.70 ? 96  LEU F CG   1 
ATOM   1550 C CD1  . LEU A 1 96  ? 2.469   4.105   2.413   1.00 0.69 ? 96  LEU F CD1  1 
ATOM   1551 C CD2  . LEU A 1 96  ? 4.040   6.010   2.685   1.00 1.09 ? 96  LEU F CD2  1 
ATOM   1552 H H    . LEU A 1 96  ? 3.222   8.049   2.988   1.00 0.71 ? 96  LEU F H    1 
ATOM   1553 H HA   . LEU A 1 96  ? 1.427   7.596   5.239   1.00 0.78 ? 96  LEU F HA   1 
ATOM   1554 H HB2  . LEU A 1 96  ? 1.090   5.434   4.357   1.00 0.77 ? 96  LEU F HB2  1 
ATOM   1555 H HB3  . LEU A 1 96  ? 1.323   6.454   2.939   1.00 0.70 ? 96  LEU F HB3  1 
ATOM   1556 H HG   . LEU A 1 96  ? 3.407   4.696   4.246   1.00 1.00 ? 96  LEU F HG   1 
ATOM   1557 H HD11 . LEU A 1 96  ? 1.703   4.535   1.782   1.00 1.30 ? 96  LEU F HD11 1 
ATOM   1558 H HD12 . LEU A 1 96  ? 3.287   3.758   1.799   1.00 1.14 ? 96  LEU F HD12 1 
ATOM   1559 H HD13 . LEU A 1 96  ? 2.056   3.276   2.968   1.00 1.34 ? 96  LEU F HD13 1 
ATOM   1560 H HD21 . LEU A 1 96  ? 3.579   6.579   1.892   1.00 1.53 ? 96  LEU F HD21 1 
ATOM   1561 H HD22 . LEU A 1 96  ? 4.489   6.684   3.397   1.00 1.55 ? 96  LEU F HD22 1 
ATOM   1562 H HD23 . LEU A 1 96  ? 4.799   5.362   2.271   1.00 1.65 ? 96  LEU F HD23 1 
ATOM   1563 N N    . SER A 1 97  ? 2.835   5.859   6.666   1.00 0.90 ? 97  SER F N    1 
ATOM   1564 C CA   . SER A 1 97  ? 3.738   5.330   7.730   1.00 1.00 ? 97  SER F CA   1 
ATOM   1565 C C    . SER A 1 97  ? 5.055   4.844   7.128   1.00 0.87 ? 97  SER F C    1 
ATOM   1566 O O    . SER A 1 97  ? 6.123   5.146   7.622   1.00 1.01 ? 97  SER F O    1 
ATOM   1567 C CB   . SER A 1 97  ? 3.049   4.166   8.445   1.00 1.41 ? 97  SER F CB   1 
ATOM   1568 O OG   . SER A 1 97  ? 3.237   4.294   9.847   1.00 1.83 ? 97  SER F OG   1 
ATOM   1569 H H    . SER A 1 97  ? 1.890   5.610   6.666   1.00 1.09 ? 97  SER F H    1 
ATOM   1570 H HA   . SER A 1 97  ? 3.943   6.111   8.443   1.00 1.17 ? 97  SER F HA   1 
ATOM   1571 H HB2  . SER A 1 97  ? 1.993   4.180   8.221   1.00 1.70 ? 97  SER F HB2  1 
ATOM   1572 H HB3  . SER A 1 97  ? 3.477   3.233   8.108   1.00 1.96 ? 97  SER F HB3  1 
ATOM   1573 H HG   . SER A 1 97  ? 3.116   3.428   10.243  1.00 1.96 ? 97  SER F HG   1 
ATOM   1574 N N    . SER A 1 98  ? 4.991   4.090   6.072   1.00 0.99 ? 98  SER F N    1 
ATOM   1575 C CA   . SER A 1 98  ? 6.248   3.582   5.452   1.00 1.27 ? 98  SER F CA   1 
ATOM   1576 C C    . SER A 1 98  ? 6.092   3.544   3.934   1.00 1.18 ? 98  SER F C    1 
ATOM   1577 O O    . SER A 1 98  ? 4.999   3.606   3.410   1.00 1.54 ? 98  SER F O    1 
ATOM   1578 C CB   . SER A 1 98  ? 6.546   2.175   5.972   1.00 1.85 ? 98  SER F CB   1 
ATOM   1579 O OG   . SER A 1 98  ? 7.849   2.145   6.534   1.00 2.47 ? 98  SER F OG   1 
ATOM   1580 H H    . SER A 1 98  ? 4.121   3.855   5.691   1.00 1.10 ? 98  SER F H    1 
ATOM   1581 H HA   . SER A 1 98  ? 7.065   4.239   5.711   1.00 1.44 ? 98  SER F HA   1 
ATOM   1582 H HB2  . SER A 1 98  ? 5.822   1.908   6.727   1.00 2.24 ? 98  SER F HB2  1 
ATOM   1583 H HB3  . SER A 1 98  ? 6.490   1.471   5.155   1.00 2.17 ? 98  SER F HB3  1 
ATOM   1584 H HG   . SER A 1 98  ? 7.796   1.699   7.383   1.00 2.83 ? 98  SER F HG   1 
ATOM   1585 N N    . ARG A 1 99  ? 7.178   3.450   3.224   1.00 1.08 ? 99  ARG F N    1 
ATOM   1586 C CA   . ARG A 1 99  ? 7.093   3.420   1.740   1.00 1.11 ? 99  ARG F CA   1 
ATOM   1587 C C    . ARG A 1 99  ? 6.746   2.011   1.254   1.00 1.04 ? 99  ARG F C    1 
ATOM   1588 O O    . ARG A 1 99  ? 6.607   1.084   2.027   1.00 1.57 ? 99  ARG F O    1 
ATOM   1589 C CB   . ARG A 1 99  ? 8.437   3.844   1.146   1.00 1.26 ? 99  ARG F CB   1 
ATOM   1590 C CG   . ARG A 1 99  ? 9.466   2.732   1.364   1.00 1.50 ? 99  ARG F CG   1 
ATOM   1591 C CD   . ARG A 1 99  ? 10.805  3.151   0.754   1.00 1.67 ? 99  ARG F CD   1 
ATOM   1592 N NE   . ARG A 1 99  ? 11.918  2.519   1.517   1.00 2.27 ? 99  ARG F NE   1 
ATOM   1593 C CZ   . ARG A 1 99  ? 12.841  3.264   2.062   1.00 2.80 ? 99  ARG F CZ   1 
ATOM   1594 N NH1  . ARG A 1 99  ? 12.515  4.382   2.649   1.00 3.28 ? 99  ARG F NH1  1 
ATOM   1595 N NH2  . ARG A 1 99  ? 14.091  2.890   2.017   1.00 3.37 ? 99  ARG F NH2  1 
ATOM   1596 H H    . ARG A 1 99  ? 8.052   3.406   3.666   1.00 1.28 ? 99  ARG F H    1 
ATOM   1597 H HA   . ARG A 1 99  ? 6.328   4.109   1.412   1.00 1.30 ? 99  ARG F HA   1 
ATOM   1598 H HB2  . ARG A 1 99  ? 8.323   4.027   0.088   1.00 1.76 ? 99  ARG F HB2  1 
ATOM   1599 H HB3  . ARG A 1 99  ? 8.777   4.747   1.632   1.00 1.60 ? 99  ARG F HB3  1 
ATOM   1600 H HG2  . ARG A 1 99  ? 9.590   2.558   2.422   1.00 1.93 ? 99  ARG F HG2  1 
ATOM   1601 H HG3  . ARG A 1 99  ? 9.121   1.826   0.888   1.00 1.98 ? 99  ARG F HG3  1 
ATOM   1602 H HD2  . ARG A 1 99  ? 10.848  2.830   -0.276  1.00 1.72 ? 99  ARG F HD2  1 
ATOM   1603 H HD3  . ARG A 1 99  ? 10.902  4.226   0.802   1.00 1.86 ? 99  ARG F HD3  1 
ATOM   1604 H HE   . ARG A 1 99  ? 11.957  1.544   1.610   1.00 2.56 ? 99  ARG F HE   1 
ATOM   1605 H HH11 . ARG A 1 99  ? 11.557  4.669   2.683   1.00 3.33 ? 99  ARG F HH11 1 
ATOM   1606 H HH12 . ARG A 1 99  ? 13.222  4.953   3.066   1.00 3.89 ? 99  ARG F HH12 1 
ATOM   1607 H HH21 . ARG A 1 99  ? 14.341  2.033   1.566   1.00 3.57 ? 99  ARG F HH21 1 
ATOM   1608 H HH22 . ARG A 1 99  ? 14.798  3.461   2.435   1.00 3.88 ? 99  ARG F HH22 1 
ATOM   1609 N N    . LEU A 1 100 ? 6.600   1.866   -0.034  1.00 0.77 ? 100 LEU F N    1 
ATOM   1610 C CA   . LEU A 1 100 ? 6.257   0.533   -0.632  1.00 0.68 ? 100 LEU F CA   1 
ATOM   1611 C C    . LEU A 1 100 ? 7.195   -0.544  -0.066  1.00 0.58 ? 100 LEU F C    1 
ATOM   1612 O O    . LEU A 1 100 ? 7.994   -0.281  0.808   1.00 0.71 ? 100 LEU F O    1 
ATOM   1613 C CB   . LEU A 1 100 ? 6.395   0.576   -2.169  1.00 0.68 ? 100 LEU F CB   1 
ATOM   1614 C CG   . LEU A 1 100 ? 7.240   1.781   -2.600  1.00 0.77 ? 100 LEU F CG   1 
ATOM   1615 C CD1  . LEU A 1 100 ? 8.614   1.695   -1.937  1.00 1.63 ? 100 LEU F CD1  1 
ATOM   1616 C CD2  . LEU A 1 100 ? 7.400   1.799   -4.114  1.00 1.24 ? 100 LEU F CD2  1 
ATOM   1617 H H    . LEU A 1 100 ? 6.711   2.645   -0.605  1.00 1.06 ? 100 LEU F H    1 
ATOM   1618 H HA   . LEU A 1 100 ? 5.239   0.284   -0.377  1.00 0.84 ? 100 LEU F HA   1 
ATOM   1619 H HB2  . LEU A 1 100 ? 6.870   -0.331  -2.510  1.00 0.75 ? 100 LEU F HB2  1 
ATOM   1620 H HB3  . LEU A 1 100 ? 5.413   0.653   -2.612  1.00 0.92 ? 100 LEU F HB3  1 
ATOM   1621 H HG   . LEU A 1 100 ? 6.748   2.688   -2.297  1.00 1.56 ? 100 LEU F HG   1 
ATOM   1622 H HD11 . LEU A 1 100 ? 8.512   1.260   -0.953  1.00 2.09 ? 100 LEU F HD11 1 
ATOM   1623 H HD12 . LEU A 1 100 ? 9.266   1.079   -2.538  1.00 2.14 ? 100 LEU F HD12 1 
ATOM   1624 H HD13 . LEU A 1 100 ? 9.033   2.684   -1.851  1.00 2.29 ? 100 LEU F HD13 1 
ATOM   1625 H HD21 . LEU A 1 100 ? 6.569   1.282   -4.571  1.00 1.83 ? 100 LEU F HD21 1 
ATOM   1626 H HD22 . LEU A 1 100 ? 7.416   2.829   -4.461  1.00 1.83 ? 100 LEU F HD22 1 
ATOM   1627 H HD23 . LEU A 1 100 ? 8.323   1.313   -4.387  1.00 1.78 ? 100 LEU F HD23 1 
ATOM   1628 N N    . VAL A 1 101 ? 7.098   -1.758  -0.555  1.00 0.53 ? 101 VAL F N    1 
ATOM   1629 C CA   . VAL A 1 101 ? 7.978   -2.848  -0.033  1.00 0.57 ? 101 VAL F CA   1 
ATOM   1630 C C    . VAL A 1 101 ? 9.394   -2.318  0.193   1.00 0.68 ? 101 VAL F C    1 
ATOM   1631 O O    . VAL A 1 101 ? 10.002  -1.739  -0.685  1.00 0.95 ? 101 VAL F O    1 
ATOM   1632 C CB   . VAL A 1 101 ? 8.024   -4.014  -1.026  1.00 0.72 ? 101 VAL F CB   1 
ATOM   1633 C CG1  . VAL A 1 101 ? 7.033   -5.091  -0.584  1.00 1.20 ? 101 VAL F CG1  1 
ATOM   1634 C CG2  . VAL A 1 101 ? 7.663   -3.534  -2.435  1.00 1.60 ? 101 VAL F CG2  1 
ATOM   1635 H H    . VAL A 1 101 ? 6.444   -1.955  -1.257  1.00 0.60 ? 101 VAL F H    1 
ATOM   1636 H HA   . VAL A 1 101 ? 7.583   -3.202  0.907   1.00 0.64 ? 101 VAL F HA   1 
ATOM   1637 H HB   . VAL A 1 101 ? 9.018   -4.428  -1.038  1.00 1.49 ? 101 VAL F HB   1 
ATOM   1638 H HG11 . VAL A 1 101 ? 7.097   -5.221  0.487   1.00 1.76 ? 101 VAL F HG11 1 
ATOM   1639 H HG12 . VAL A 1 101 ? 6.031   -4.788  -0.850  1.00 1.85 ? 101 VAL F HG12 1 
ATOM   1640 H HG13 . VAL A 1 101 ? 7.270   -6.023  -1.075  1.00 1.72 ? 101 VAL F HG13 1 
ATOM   1641 H HG21 . VAL A 1 101 ? 7.804   -2.466  -2.500  1.00 2.09 ? 101 VAL F HG21 1 
ATOM   1642 H HG22 . VAL A 1 101 ? 8.300   -4.025  -3.156  1.00 2.16 ? 101 VAL F HG22 1 
ATOM   1643 H HG23 . VAL A 1 101 ? 6.632   -3.776  -2.643  1.00 2.19 ? 101 VAL F HG23 1 
ATOM   1644 N N    . VAL A 1 102 ? 9.921   -2.508  1.374   1.00 0.84 ? 102 VAL F N    1 
ATOM   1645 C CA   . VAL A 1 102 ? 11.293  -2.013  1.670   1.00 1.02 ? 102 VAL F CA   1 
ATOM   1646 C C    . VAL A 1 102 ? 12.338  -3.019  1.150   1.00 1.37 ? 102 VAL F C    1 
ATOM   1647 O O    . VAL A 1 102 ? 13.198  -2.654  0.375   1.00 2.09 ? 102 VAL F O    1 
ATOM   1648 C CB   . VAL A 1 102 ? 11.434  -1.794  3.188   1.00 1.38 ? 102 VAL F CB   1 
ATOM   1649 C CG1  . VAL A 1 102 ? 12.894  -1.962  3.624   1.00 2.38 ? 102 VAL F CG1  1 
ATOM   1650 C CG2  . VAL A 1 102 ? 10.966  -0.381  3.535   1.00 1.84 ? 102 VAL F CG2  1 
ATOM   1651 H H    . VAL A 1 102 ? 9.408   -2.972  2.069   1.00 1.03 ? 102 VAL F H    1 
ATOM   1652 H HA   . VAL A 1 102 ? 11.437  -1.069  1.164   1.00 1.03 ? 102 VAL F HA   1 
ATOM   1653 H HB   . VAL A 1 102 ? 10.816  -2.502  3.713   1.00 1.60 ? 102 VAL F HB   1 
ATOM   1654 H HG11 . VAL A 1 102 ? 13.547  -1.677  2.813   1.00 2.91 ? 102 VAL F HG11 1 
ATOM   1655 H HG12 . VAL A 1 102 ? 13.088  -1.335  4.480   1.00 2.89 ? 102 VAL F HG12 1 
ATOM   1656 H HG13 . VAL A 1 102 ? 13.075  -2.994  3.885   1.00 2.73 ? 102 VAL F HG13 1 
ATOM   1657 H HG21 . VAL A 1 102 ? 10.910  0.212   2.634   1.00 2.30 ? 102 VAL F HG21 1 
ATOM   1658 H HG22 . VAL A 1 102 ? 9.990   -0.430  3.996   1.00 2.25 ? 102 VAL F HG22 1 
ATOM   1659 H HG23 . VAL A 1 102 ? 11.666  0.072   4.221   1.00 2.32 ? 102 VAL F HG23 1 
ATOM   1660 N N    . PRO A 1 103 ? 12.236  -4.254  1.583   1.00 1.69 ? 103 PRO F N    1 
ATOM   1661 C CA   . PRO A 1 103 ? 13.171  -5.314  1.161   1.00 2.26 ? 103 PRO F CA   1 
ATOM   1662 C C    . PRO A 1 103 ? 12.816  -5.811  -0.243  1.00 2.05 ? 103 PRO F C    1 
ATOM   1663 O O    . PRO A 1 103 ? 12.137  -5.143  -0.996  1.00 2.47 ? 103 PRO F O    1 
ATOM   1664 C CB   . PRO A 1 103 ? 12.953  -6.421  2.193   1.00 3.34 ? 103 PRO F CB   1 
ATOM   1665 C CG   . PRO A 1 103 ? 11.542  -6.191  2.783   1.00 3.50 ? 103 PRO F CG   1 
ATOM   1666 C CD   . PRO A 1 103 ? 11.194  -4.713  2.526   1.00 2.38 ? 103 PRO F CD   1 
ATOM   1667 H HA   . PRO A 1 103 ? 14.189  -4.965  1.201   1.00 2.69 ? 103 PRO F HA   1 
ATOM   1668 H HB2  . PRO A 1 103 ? 13.003  -7.389  1.716   1.00 3.67 ? 103 PRO F HB2  1 
ATOM   1669 H HB3  . PRO A 1 103 ? 13.698  -6.353  2.973   1.00 4.00 ? 103 PRO F HB3  1 
ATOM   1670 H HG2  . PRO A 1 103 ? 10.826  -6.831  2.289   1.00 3.86 ? 103 PRO F HG2  1 
ATOM   1671 H HG3  . PRO A 1 103 ? 11.548  -6.391  3.844   1.00 4.29 ? 103 PRO F HG3  1 
ATOM   1672 H HD2  . PRO A 1 103 ? 10.215  -4.627  2.082   1.00 2.51 ? 103 PRO F HD2  1 
ATOM   1673 H HD3  . PRO A 1 103 ? 11.246  -4.158  3.447   1.00 2.51 ? 103 PRO F HD3  1 
ATOM   1674 N N    . SER A 1 104 ? 13.267  -6.984  -0.595  1.00 2.36 ? 104 SER F N    1 
ATOM   1675 C CA   . SER A 1 104 ? 12.954  -7.530  -1.944  1.00 2.97 ? 104 SER F CA   1 
ATOM   1676 C C    . SER A 1 104 ? 12.311  -8.910  -1.792  1.00 2.98 ? 104 SER F C    1 
ATOM   1677 O O    . SER A 1 104 ? 12.911  -9.829  -1.269  1.00 3.54 ? 104 SER F O    1 
ATOM   1678 C CB   . SER A 1 104 ? 14.244  -7.654  -2.758  1.00 3.74 ? 104 SER F CB   1 
ATOM   1679 O OG   . SER A 1 104 ? 14.811  -6.367  -2.947  1.00 4.33 ? 104 SER F OG   1 
ATOM   1680 H H    . SER A 1 104 ? 13.810  -7.507  0.030   1.00 2.70 ? 104 SER F H    1 
ATOM   1681 H HA   . SER A 1 104 ? 12.269  -6.867  -2.452  1.00 3.34 ? 104 SER F HA   1 
ATOM   1682 H HB2  . SER A 1 104 ? 14.945  -8.283  -2.229  1.00 4.05 ? 104 SER F HB2  1 
ATOM   1683 H HB3  . SER A 1 104 ? 14.021  -8.094  -3.720  1.00 3.99 ? 104 SER F HB3  1 
ATOM   1684 H HG   . SER A 1 104 ? 15.765  -6.460  -2.956  1.00 4.56 ? 104 SER F HG   1 
ATOM   1685 N N    . HIS A 1 105 ? 11.095  -9.062  -2.241  1.00 2.74 ? 105 HIS F N    1 
ATOM   1686 C CA   . HIS A 1 105 ? 10.412  -10.381 -2.118  1.00 3.27 ? 105 HIS F CA   1 
ATOM   1687 C C    . HIS A 1 105 ? 11.389  -11.501 -2.484  1.00 3.94 ? 105 HIS F C    1 
ATOM   1688 O O    . HIS A 1 105 ? 11.284  -12.611 -2.003  1.00 4.63 ? 105 HIS F O    1 
ATOM   1689 C CB   . HIS A 1 105 ? 9.212   -10.424 -3.065  1.00 3.26 ? 105 HIS F CB   1 
ATOM   1690 C CG   . HIS A 1 105 ? 9.697   -10.495 -4.486  1.00 3.14 ? 105 HIS F CG   1 
ATOM   1691 N ND1  . HIS A 1 105 ? 9.355   -11.536 -5.334  1.00 3.58 ? 105 HIS F ND1  1 
ATOM   1692 C CD2  . HIS A 1 105 ? 10.502  -9.662  -5.223  1.00 3.33 ? 105 HIS F CD2  1 
ATOM   1693 C CE1  . HIS A 1 105 ? 9.947   -11.306 -6.520  1.00 3.99 ? 105 HIS F CE1  1 
ATOM   1694 N NE2  . HIS A 1 105 ? 10.658  -10.175 -6.507  1.00 3.95 ? 105 HIS F NE2  1 
ATOM   1695 H H    . HIS A 1 105 ? 10.629  -8.307  -2.656  1.00 2.49 ? 105 HIS F H    1 
ATOM   1696 H HA   . HIS A 1 105 ? 10.073  -10.518 -1.102  1.00 3.57 ? 105 HIS F HA   1 
ATOM   1697 H HB2  . HIS A 1 105 ? 8.612   -11.295 -2.846  1.00 3.72 ? 105 HIS F HB2  1 
ATOM   1698 H HB3  . HIS A 1 105 ? 8.616   -9.534  -2.932  1.00 3.45 ? 105 HIS F HB3  1 
ATOM   1699 H HD1  . HIS A 1 105 ? 8.786   -12.302 -5.110  1.00 3.88 ? 105 HIS F HD1  1 
ATOM   1700 H HD2  . HIS A 1 105 ? 10.946  -8.745  -4.861  1.00 3.41 ? 105 HIS F HD2  1 
ATOM   1701 H HE1  . HIS A 1 105 ? 9.858   -11.956 -7.379  1.00 4.60 ? 105 HIS F HE1  1 
ATOM   1702 N N    . LYS A 1 106 ? 12.339  -11.216 -3.333  1.00 4.15 ? 106 LYS F N    1 
ATOM   1703 C CA   . LYS A 1 106 ? 13.322  -12.255 -3.734  1.00 5.05 ? 106 LYS F CA   1 
ATOM   1704 C C    . LYS A 1 106 ? 13.768  -13.046 -2.501  1.00 5.59 ? 106 LYS F C    1 
ATOM   1705 O O    . LYS A 1 106 ? 13.998  -12.427 -1.476  1.00 5.57 ? 106 LYS F O    1 
ATOM   1706 C CB   . LYS A 1 106 ? 14.531  -11.574 -4.376  1.00 5.66 ? 106 LYS F CB   1 
ATOM   1707 C CG   . LYS A 1 106 ? 15.368  -10.886 -3.296  1.00 6.58 ? 106 LYS F CG   1 
ATOM   1708 C CD   . LYS A 1 106 ? 16.611  -10.262 -3.935  1.00 7.28 ? 106 LYS F CD   1 
ATOM   1709 C CE   . LYS A 1 106 ? 17.492  -11.368 -4.518  1.00 8.02 ? 106 LYS F CE   1 
ATOM   1710 N NZ   . LYS A 1 106 ? 17.856  -12.332 -3.442  1.00 8.85 ? 106 LYS F NZ   1 
ATOM   1711 O OXT  . LYS A 1 106 ? 13.871  -14.257 -2.605  1.00 6.30 ? 106 LYS F OXT  1 
ATOM   1712 H H    . LYS A 1 106 ? 12.406  -10.317 -3.711  1.00 3.96 ? 106 LYS F H    1 
ATOM   1713 H HA   . LYS A 1 106 ? 12.864  -12.922 -4.446  1.00 5.28 ? 106 LYS F HA   1 
ATOM   1714 H HB2  . LYS A 1 106 ? 15.130  -12.313 -4.880  1.00 5.53 ? 106 LYS F HB2  1 
ATOM   1715 H HB3  . LYS A 1 106 ? 14.192  -10.840 -5.091  1.00 5.87 ? 106 LYS F HB3  1 
ATOM   1716 H HG2  . LYS A 1 106 ? 14.780  -10.113 -2.823  1.00 6.86 ? 106 LYS F HG2  1 
ATOM   1717 H HG3  . LYS A 1 106 ? 15.671  -11.613 -2.556  1.00 6.69 ? 106 LYS F HG3  1 
ATOM   1718 H HD2  . LYS A 1 106 ? 16.310  -9.588  -4.724  1.00 7.55 ? 106 LYS F HD2  1 
ATOM   1719 H HD3  . LYS A 1 106 ? 17.164  -9.716  -3.186  1.00 7.25 ? 106 LYS F HD3  1 
ATOM   1720 H HE2  . LYS A 1 106 ? 16.954  -11.885 -5.299  1.00 8.11 ? 106 LYS F HE2  1 
ATOM   1721 H HE3  . LYS A 1 106 ? 18.391  -10.932 -4.929  1.00 8.10 ? 106 LYS F HE3  1 
ATOM   1722 H HZ1  . LYS A 1 106 ? 17.511  -11.978 -2.528  1.00 9.16 ? 106 LYS F HZ1  1 
ATOM   1723 H HZ2  . LYS A 1 106 ? 17.420  -13.254 -3.641  1.00 9.14 ? 106 LYS F HZ2  1 
ATOM   1724 H HZ3  . LYS A 1 106 ? 18.891  -12.437 -3.407  1.00 9.04 ? 106 LYS F HZ3  1 
ATOM   1725 N N    . GLU B 2 1   ? -15.361 4.523   12.398  1.00 5.73 ? 201 GLU P N    1 
ATOM   1726 C CA   . GLU B 2 1   ? -14.937 3.278   11.698  1.00 5.09 ? 201 GLU P CA   1 
ATOM   1727 C C    . GLU B 2 1   ? -14.120 3.643   10.456  1.00 4.19 ? 201 GLU P C    1 
ATOM   1728 O O    . GLU B 2 1   ? -14.665 3.811   9.384   1.00 3.95 ? 201 GLU P O    1 
ATOM   1729 C CB   . GLU B 2 1   ? -16.176 2.482   11.278  1.00 5.35 ? 201 GLU P CB   1 
ATOM   1730 C CG   . GLU B 2 1   ? -17.276 3.449   10.835  1.00 5.97 ? 201 GLU P CG   1 
ATOM   1731 C CD   . GLU B 2 1   ? -18.549 2.661   10.517  1.00 6.51 ? 201 GLU P CD   1 
ATOM   1732 O OE1  . GLU B 2 1   ? -19.156 2.156   11.447  1.00 7.26 ? 201 GLU P OE1  1 
ATOM   1733 O OE2  . GLU B 2 1   ? -18.894 2.577   9.350   1.00 6.44 ? 201 GLU P OE2  1 
ATOM   1734 H H1   . GLU B 2 1   ? -15.819 5.164   11.718  1.00 6.00 ? 201 GLU P H1   1 
ATOM   1735 H H2   . GLU B 2 1   ? -16.030 4.285   13.157  1.00 6.17 ? 201 GLU P H2   1 
ATOM   1736 H H3   . GLU B 2 1   ? -14.528 4.990   12.809  1.00 5.80 ? 201 GLU P H3   1 
ATOM   1737 H HA   . GLU B 2 1   ? -14.333 2.678   12.364  1.00 5.49 ? 201 GLU P HA   1 
ATOM   1738 H HB2  . GLU B 2 1   ? -15.920 1.825   10.459  1.00 5.48 ? 201 GLU P HB2  1 
ATOM   1739 H HB3  . GLU B 2 1   ? -16.528 1.897   12.114  1.00 5.43 ? 201 GLU P HB3  1 
ATOM   1740 H HG2  . GLU B 2 1   ? -17.476 4.154   11.629  1.00 6.01 ? 201 GLU P HG2  1 
ATOM   1741 H HG3  . GLU B 2 1   ? -16.954 3.981   9.953   1.00 6.38 ? 201 GLU P HG3  1 
ATOM   1742 N N    . PRO B 2 2   ? -12.829 3.755   10.642  1.00 4.13 ? 202 PRO P N    1 
ATOM   1743 C CA   . PRO B 2 2   ? -11.897 4.100   9.554   1.00 3.63 ? 202 PRO P CA   1 
ATOM   1744 C C    . PRO B 2 2   ? -11.626 2.876   8.674   1.00 2.65 ? 202 PRO P C    1 
ATOM   1745 O O    . PRO B 2 2   ? -11.499 1.769   9.157   1.00 2.98 ? 202 PRO P O    1 
ATOM   1746 C CB   . PRO B 2 2   ? -10.628 4.534   10.293  1.00 4.59 ? 202 PRO P CB   1 
ATOM   1747 C CG   . PRO B 2 2   ? -10.698 3.885   11.697  1.00 5.29 ? 202 PRO P CG   1 
ATOM   1748 C CD   . PRO B 2 2   ? -12.180 3.547   11.952  1.00 5.05 ? 202 PRO P CD   1 
ATOM   1749 H HA   . PRO B 2 2   ? -12.280 4.919   8.967   1.00 3.82 ? 202 PRO P HA   1 
ATOM   1750 H HB2  . PRO B 2 2   ? -9.753  4.183   9.763   1.00 4.45 ? 202 PRO P HB2  1 
ATOM   1751 H HB3  . PRO B 2 2   ? -10.602 5.607   10.390  1.00 5.26 ? 202 PRO P HB3  1 
ATOM   1752 H HG2  . PRO B 2 2   ? -10.101 2.985   11.719  1.00 5.32 ? 202 PRO P HG2  1 
ATOM   1753 H HG3  . PRO B 2 2   ? -10.350 4.581   12.445  1.00 6.19 ? 202 PRO P HG3  1 
ATOM   1754 H HD2  . PRO B 2 2   ? -12.282 2.519   12.270  1.00 5.16 ? 202 PRO P HD2  1 
ATOM   1755 H HD3  . PRO B 2 2   ? -12.600 4.217   12.686  1.00 5.75 ? 202 PRO P HD3  1 
ATOM   1756 N N    . GLN B 2 3   ? -11.533 3.068   7.386   1.00 2.04 ? 203 GLN P N    1 
ATOM   1757 C CA   . GLN B 2 3   ? -11.270 1.917   6.479   1.00 1.65 ? 203 GLN P CA   1 
ATOM   1758 C C    . GLN B 2 3   ? -9.846  2.017   5.929   1.00 1.41 ? 203 GLN P C    1 
ATOM   1759 O O    . GLN B 2 3   ? -9.300  1.062   5.415   1.00 2.14 ? 203 GLN P O    1 
ATOM   1760 C CB   . GLN B 2 3   ? -12.267 1.942   5.319   1.00 2.31 ? 203 GLN P CB   1 
ATOM   1761 C CG   . GLN B 2 3   ? -13.690 1.817   5.866   1.00 3.09 ? 203 GLN P CG   1 
ATOM   1762 C CD   . GLN B 2 3   ? -14.464 3.104   5.575   1.00 3.87 ? 203 GLN P CD   1 
ATOM   1763 O OE1  . GLN B 2 3   ? -14.303 3.700   4.528   1.00 4.29 ? 203 GLN P OE1  1 
ATOM   1764 N NE2  . GLN B 2 3   ? -15.305 3.561   6.463   1.00 4.57 ? 203 GLN P NE2  1 
ATOM   1765 H H    . GLN B 2 3   ? -11.637 3.971   7.017   1.00 2.45 ? 203 GLN P H    1 
ATOM   1766 H HA   . GLN B 2 3   ? -11.379 0.993   7.029   1.00 2.00 ? 203 GLN P HA   1 
ATOM   1767 H HB2  . GLN B 2 3   ? -12.168 2.872   4.779   1.00 2.60 ? 203 GLN P HB2  1 
ATOM   1768 H HB3  . GLN B 2 3   ? -12.067 1.116   4.653   1.00 2.69 ? 203 GLN P HB3  1 
ATOM   1769 H HG2  . GLN B 2 3   ? -14.187 0.982   5.392   1.00 3.42 ? 203 GLN P HG2  1 
ATOM   1770 H HG3  . GLN B 2 3   ? -13.653 1.655   6.933   1.00 3.36 ? 203 GLN P HG3  1 
ATOM   1771 H HE21 . GLN B 2 3   ? -15.434 3.081   7.307   1.00 4.64 ? 203 GLN P HE21 1 
ATOM   1772 H HE22 . GLN B 2 3   ? -15.804 4.385   6.286   1.00 5.25 ? 203 GLN P HE22 1 
HETATM 1773 N N    . PTR B 2 4   ? -9.240  3.168   6.032   1.00 0.81 ? 204 PTR P N    1 
HETATM 1774 C CA   . PTR B 2 4   ? -7.852  3.329   5.513   1.00 0.55 ? 204 PTR P CA   1 
HETATM 1775 C C    . PTR B 2 4   ? -7.219  4.580   6.125   1.00 0.57 ? 204 PTR P C    1 
HETATM 1776 O O    . PTR B 2 4   ? -7.897  5.534   6.453   1.00 0.83 ? 204 PTR P O    1 
HETATM 1777 C CB   . PTR B 2 4   ? -7.891  3.470   3.990   1.00 0.43 ? 204 PTR P CB   1 
HETATM 1778 C CG   . PTR B 2 4   ? -8.152  2.120   3.366   1.00 0.36 ? 204 PTR P CG   1 
HETATM 1779 C CD1  . PTR B 2 4   ? -7.108  1.196   3.234   1.00 1.01 ? 204 PTR P CD1  1 
HETATM 1780 C CD2  . PTR B 2 4   ? -9.437  1.792   2.917   1.00 0.96 ? 204 PTR P CD2  1 
HETATM 1781 C CE1  . PTR B 2 4   ? -7.349  -0.055  2.654   1.00 1.04 ? 204 PTR P CE1  1 
HETATM 1782 C CE2  . PTR B 2 4   ? -9.678  0.542   2.337   1.00 0.95 ? 204 PTR P CE2  1 
HETATM 1783 C CZ   . PTR B 2 4   ? -8.635  -0.382  2.206   1.00 0.42 ? 204 PTR P CZ   1 
HETATM 1784 O OH   . PTR B 2 4   ? -8.882  -1.661  1.613   1.00 0.51 ? 204 PTR P OH   1 
HETATM 1785 P P    . PTR B 2 4   ? -10.321 -2.347  1.753   1.00 0.67 ? 204 PTR P P    1 
HETATM 1786 O O1P  . PTR B 2 4   ? -11.297 -1.624  0.907   1.00 1.55 ? 204 PTR P O1P  1 
HETATM 1787 O O2P  . PTR B 2 4   ? -10.757 -2.292  3.166   1.00 1.44 ? 204 PTR P O2P  1 
HETATM 1788 O O3P  . PTR B 2 4   ? -10.239 -3.759  1.315   1.00 1.74 ? 204 PTR P O3P  1 
HETATM 1789 H H    . PTR B 2 4   ? -9.698  3.928   6.450   1.00 1.16 ? 204 PTR P H    1 
HETATM 1790 H HA   . PTR B 2 4   ? -7.267  2.461   5.780   1.00 0.62 ? 204 PTR P HA   1 
HETATM 1791 H HB2  . PTR B 2 4   ? -6.943  3.851   3.640   1.00 0.45 ? 204 PTR P HB2  1 
HETATM 1792 H HB3  . PTR B 2 4   ? -8.679  4.154   3.712   1.00 0.60 ? 204 PTR P HB3  1 
HETATM 1793 H HD1  . PTR B 2 4   ? -6.115  1.450   3.579   1.00 1.69 ? 204 PTR P HD1  1 
HETATM 1794 H HD2  . PTR B 2 4   ? -10.241 2.506   3.013   1.00 1.66 ? 204 PTR P HD2  1 
HETATM 1795 H HE1  . PTR B 2 4   ? -6.543  -0.768  2.552   1.00 1.74 ? 204 PTR P HE1  1 
HETATM 1796 H HE2  . PTR B 2 4   ? -10.670 0.289   1.990   1.00 1.63 ? 204 PTR P HE2  1 
ATOM   1797 N N    . GLU B 2 5   ? -5.923  4.585   6.281   1.00 0.60 ? 205 GLU P N    1 
ATOM   1798 C CA   . GLU B 2 5   ? -5.248  5.776   6.871   1.00 0.64 ? 205 GLU P CA   1 
ATOM   1799 C C    . GLU B 2 5   ? -4.996  6.813   5.775   1.00 0.63 ? 205 GLU P C    1 
ATOM   1800 O O    . GLU B 2 5   ? -4.252  6.577   4.844   1.00 0.89 ? 205 GLU P O    1 
ATOM   1801 C CB   . GLU B 2 5   ? -3.914  5.351   7.489   1.00 0.77 ? 205 GLU P CB   1 
ATOM   1802 C CG   . GLU B 2 5   ? -4.169  4.355   8.621   1.00 0.99 ? 205 GLU P CG   1 
ATOM   1803 C CD   . GLU B 2 5   ? -3.401  4.794   9.870   1.00 1.38 ? 205 GLU P CD   1 
ATOM   1804 O OE1  . GLU B 2 5   ? -2.304  5.307   9.718   1.00 1.87 ? 205 GLU P OE1  1 
ATOM   1805 O OE2  . GLU B 2 5   ? -3.922  4.609   10.957  1.00 1.91 ? 205 GLU P OE2  1 
ATOM   1806 H H    . GLU B 2 5   ? -5.394  3.806   6.011   1.00 0.80 ? 205 GLU P H    1 
ATOM   1807 H HA   . GLU B 2 5   ? -5.879  6.205   7.635   1.00 0.68 ? 205 GLU P HA   1 
ATOM   1808 H HB2  . GLU B 2 5   ? -3.298  4.888   6.731   1.00 0.90 ? 205 GLU P HB2  1 
ATOM   1809 H HB3  . GLU B 2 5   ? -3.407  6.220   7.883   1.00 1.03 ? 205 GLU P HB3  1 
ATOM   1810 H HG2  . GLU B 2 5   ? -5.226  4.324   8.841   1.00 1.22 ? 205 GLU P HG2  1 
ATOM   1811 H HG3  . GLU B 2 5   ? -3.833  3.375   8.321   1.00 1.32 ? 205 GLU P HG3  1 
ATOM   1812 N N    . GLU B 2 6   ? -5.610  7.959   5.878   1.00 0.65 ? 206 GLU P N    1 
ATOM   1813 C CA   . GLU B 2 6   ? -5.405  9.009   4.841   1.00 0.69 ? 206 GLU P CA   1 
ATOM   1814 C C    . GLU B 2 6   ? -4.432  10.066  5.367   1.00 0.73 ? 206 GLU P C    1 
ATOM   1815 O O    . GLU B 2 6   ? -4.739  10.803  6.283   1.00 0.87 ? 206 GLU P O    1 
ATOM   1816 C CB   . GLU B 2 6   ? -6.746  9.669   4.512   1.00 0.81 ? 206 GLU P CB   1 
ATOM   1817 C CG   . GLU B 2 6   ? -7.804  8.588   4.281   1.00 1.24 ? 206 GLU P CG   1 
ATOM   1818 C CD   . GLU B 2 6   ? -9.127  9.245   3.884   1.00 1.72 ? 206 GLU P CD   1 
ATOM   1819 O OE1  . GLU B 2 6   ? -9.109  10.421  3.563   1.00 2.00 ? 206 GLU P OE1  1 
ATOM   1820 O OE2  . GLU B 2 6   ? -10.137 8.559   3.908   1.00 2.28 ? 206 GLU P OE2  1 
ATOM   1821 H H    . GLU B 2 6   ? -6.207  8.130   6.636   1.00 0.84 ? 206 GLU P H    1 
ATOM   1822 H HA   . GLU B 2 6   ? -4.998  8.558   3.947   1.00 0.70 ? 206 GLU P HA   1 
ATOM   1823 H HB2  . GLU B 2 6   ? -7.048  10.299  5.335   1.00 1.17 ? 206 GLU P HB2  1 
ATOM   1824 H HB3  . GLU B 2 6   ? -6.645  10.267  3.619   1.00 1.28 ? 206 GLU P HB3  1 
ATOM   1825 H HG2  . GLU B 2 6   ? -7.477  7.927   3.491   1.00 1.72 ? 206 GLU P HG2  1 
ATOM   1826 H HG3  . GLU B 2 6   ? -7.944  8.021   5.190   1.00 1.72 ? 206 GLU P HG3  1 
ATOM   1827 N N    . ILE B 2 7   ? -3.262  10.145  4.797   1.00 0.82 ? 207 ILE P N    1 
ATOM   1828 C CA   . ILE B 2 7   ? -2.272  11.154  5.265   1.00 0.92 ? 207 ILE P CA   1 
ATOM   1829 C C    . ILE B 2 7   ? -2.955  12.524  5.379   1.00 1.03 ? 207 ILE P C    1 
ATOM   1830 O O    . ILE B 2 7   ? -3.458  13.041  4.400   1.00 1.65 ? 207 ILE P O    1 
ATOM   1831 C CB   . ILE B 2 7   ? -1.124  11.242  4.256   1.00 0.89 ? 207 ILE P CB   1 
ATOM   1832 C CG1  . ILE B 2 7   ? -0.248  9.992   4.373   1.00 0.90 ? 207 ILE P CG1  1 
ATOM   1833 C CG2  . ILE B 2 7   ? -0.277  12.484  4.545   1.00 1.17 ? 207 ILE P CG2  1 
ATOM   1834 C CD1  . ILE B 2 7   ? -0.512  9.069   3.182   1.00 0.81 ? 207 ILE P CD1  1 
ATOM   1835 H H    . ILE B 2 7   ? -3.035  9.541   4.058   1.00 0.94 ? 207 ILE P H    1 
ATOM   1836 H HA   . ILE B 2 7   ? -1.882  10.853  6.224   1.00 1.07 ? 207 ILE P HA   1 
ATOM   1837 H HB   . ILE B 2 7   ? -1.528  11.307  3.255   1.00 1.01 ? 207 ILE P HB   1 
ATOM   1838 H HG12 . ILE B 2 7   ? 0.793   10.282  4.381   1.00 1.10 ? 207 ILE P HG12 1 
ATOM   1839 H HG13 . ILE B 2 7   ? -0.484  9.472   5.289   1.00 1.12 ? 207 ILE P HG13 1 
ATOM   1840 H HG21 . ILE B 2 7   ? -0.383  12.757  5.584   1.00 1.49 ? 207 ILE P HG21 1 
ATOM   1841 H HG22 . ILE B 2 7   ? 0.760   12.270  4.334   1.00 1.76 ? 207 ILE P HG22 1 
ATOM   1842 H HG23 . ILE B 2 7   ? -0.611  13.300  3.922   1.00 1.61 ? 207 ILE P HG23 1 
ATOM   1843 H HD11 . ILE B 2 7   ? -1.194  9.550   2.497   1.00 1.13 ? 207 ILE P HD11 1 
ATOM   1844 H HD12 . ILE B 2 7   ? 0.419   8.860   2.675   1.00 1.29 ? 207 ILE P HD12 1 
ATOM   1845 H HD13 . ILE B 2 7   ? -0.946  8.145   3.533   1.00 1.38 ? 207 ILE P HD13 1 
ATOM   1846 N N    . PRO B 2 8   ? -2.954  13.076  6.568   1.00 1.35 ? 208 PRO P N    1 
ATOM   1847 C CA   . PRO B 2 8   ? -3.572  14.389  6.831   1.00 1.49 ? 208 PRO P CA   1 
ATOM   1848 C C    . PRO B 2 8   ? -2.654  15.517  6.349   1.00 2.03 ? 208 PRO P C    1 
ATOM   1849 O O    . PRO B 2 8   ? -1.670  15.284  5.675   1.00 2.74 ? 208 PRO P O    1 
ATOM   1850 C CB   . PRO B 2 8   ? -3.719  14.419  8.354   1.00 2.51 ? 208 PRO P CB   1 
ATOM   1851 C CG   . PRO B 2 8   ? -2.688  13.410  8.912   1.00 3.19 ? 208 PRO P CG   1 
ATOM   1852 C CD   . PRO B 2 8   ? -2.343  12.450  7.758   1.00 2.33 ? 208 PRO P CD   1 
ATOM   1853 H HA   . PRO B 2 8   ? -4.540  14.458  6.364   1.00 1.43 ? 208 PRO P HA   1 
ATOM   1854 H HB2  . PRO B 2 8   ? -3.512  15.413  8.726   1.00 2.84 ? 208 PRO P HB2  1 
ATOM   1855 H HB3  . PRO B 2 8   ? -4.716  14.116  8.637   1.00 2.84 ? 208 PRO P HB3  1 
ATOM   1856 H HG2  . PRO B 2 8   ? -1.802  13.933  9.242   1.00 3.76 ? 208 PRO P HG2  1 
ATOM   1857 H HG3  . PRO B 2 8   ? -3.119  12.855  9.731   1.00 3.89 ? 208 PRO P HG3  1 
ATOM   1858 H HD2  . PRO B 2 8   ? -1.271  12.373  7.641   1.00 2.66 ? 208 PRO P HD2  1 
ATOM   1859 H HD3  . PRO B 2 8   ? -2.776  11.478  7.932   1.00 2.52 ? 208 PRO P HD3  1 
ATOM   1860 N N    . ILE B 2 9   ? -2.968  16.736  6.691   1.00 2.23 ? 209 ILE P N    1 
ATOM   1861 C CA   . ILE B 2 9   ? -2.116  17.877  6.254   1.00 3.29 ? 209 ILE P CA   1 
ATOM   1862 C C    . ILE B 2 9   ? -2.644  19.167  6.881   1.00 3.45 ? 209 ILE P C    1 
ATOM   1863 O O    . ILE B 2 9   ? -2.540  20.235  6.312   1.00 4.34 ? 209 ILE P O    1 
ATOM   1864 C CB   . ILE B 2 9   ? -2.160  17.995  4.729   1.00 3.94 ? 209 ILE P CB   1 
ATOM   1865 C CG1  . ILE B 2 9   ? -1.102  19.000  4.267   1.00 4.83 ? 209 ILE P CG1  1 
ATOM   1866 C CG2  . ILE B 2 9   ? -3.544  18.477  4.293   1.00 4.53 ? 209 ILE P CG2  1 
ATOM   1867 C CD1  . ILE B 2 9   ? 0.108   18.247  3.710   1.00 5.56 ? 209 ILE P CD1  1 
ATOM   1868 H H    . ILE B 2 9   ? -3.768  16.903  7.236   1.00 1.94 ? 209 ILE P H    1 
ATOM   1869 H HA   . ILE B 2 9   ? -1.098  17.710  6.574   1.00 3.86 ? 209 ILE P HA   1 
ATOM   1870 H HB   . ILE B 2 9   ? -1.960  17.028  4.288   1.00 3.89 ? 209 ILE P HB   1 
ATOM   1871 H HG12 . ILE B 2 9   ? -1.521  19.631  3.496   1.00 5.17 ? 209 ILE P HG12 1 
ATOM   1872 H HG13 . ILE B 2 9   ? -0.792  19.607  5.102   1.00 5.02 ? 209 ILE P HG13 1 
ATOM   1873 H HG21 . ILE B 2 9   ? -4.293  18.073  4.960   1.00 4.69 ? 209 ILE P HG21 1 
ATOM   1874 H HG22 . ILE B 2 9   ? -3.577  19.555  4.325   1.00 4.81 ? 209 ILE P HG22 1 
ATOM   1875 H HG23 . ILE B 2 9   ? -3.742  18.140  3.286   1.00 4.96 ? 209 ILE P HG23 1 
ATOM   1876 H HD11 . ILE B 2 9   ? -0.149  17.208  3.566   1.00 5.69 ? 209 ILE P HD11 1 
ATOM   1877 H HD12 . ILE B 2 9   ? 0.396   18.680  2.763   1.00 6.00 ? 209 ILE P HD12 1 
ATOM   1878 H HD13 . ILE B 2 9   ? 0.930   18.323  4.406   1.00 5.89 ? 209 ILE P HD13 1 
ATOM   1879 N N    . TYR B 2 10  ? -3.213  19.072  8.050   1.00 2.82 ? 210 TYR P N    1 
ATOM   1880 C CA   . TYR B 2 10  ? -3.753  20.284  8.718   1.00 3.15 ? 210 TYR P CA   1 
ATOM   1881 C C    . TYR B 2 10  ? -2.675  20.898  9.614   1.00 3.78 ? 210 TYR P C    1 
ATOM   1882 O O    . TYR B 2 10  ? -1.566  20.408  9.691   1.00 4.19 ? 210 TYR P O    1 
ATOM   1883 C CB   . TYR B 2 10  ? -4.962  19.891  9.568   1.00 2.86 ? 210 TYR P CB   1 
ATOM   1884 C CG   . TYR B 2 10  ? -4.663  18.614  10.317  1.00 3.08 ? 210 TYR P CG   1 
ATOM   1885 C CD1  . TYR B 2 10  ? -3.631  18.582  11.262  1.00 3.61 ? 210 TYR P CD1  1 
ATOM   1886 C CD2  . TYR B 2 10  ? -5.420  17.462  10.066  1.00 3.56 ? 210 TYR P CD2  1 
ATOM   1887 C CE1  . TYR B 2 10  ? -3.354  17.398  11.957  1.00 4.41 ? 210 TYR P CE1  1 
ATOM   1888 C CE2  . TYR B 2 10  ? -5.143  16.279  10.760  1.00 4.39 ? 210 TYR P CE2  1 
ATOM   1889 C CZ   . TYR B 2 10  ? -4.111  16.247  11.705  1.00 4.74 ? 210 TYR P CZ   1 
ATOM   1890 O OH   . TYR B 2 10  ? -3.837  15.080  12.390  1.00 5.83 ? 210 TYR P OH   1 
ATOM   1891 H H    . TYR B 2 10  ? -3.289  18.202  8.489   1.00 2.38 ? 210 TYR P H    1 
ATOM   1892 H HA   . TYR B 2 10  ? -4.056  21.004  7.973   1.00 3.67 ? 210 TYR P HA   1 
ATOM   1893 H HB2  . TYR B 2 10  ? -5.172  20.675  10.271  1.00 2.91 ? 210 TYR P HB2  1 
ATOM   1894 H HB3  . TYR B 2 10  ? -5.819  19.740  8.928   1.00 3.25 ? 210 TYR P HB3  1 
ATOM   1895 H HD1  . TYR B 2 10  ? -3.049  19.470  11.455  1.00 3.83 ? 210 TYR P HD1  1 
ATOM   1896 H HD2  . TYR B 2 10  ? -6.215  17.487  9.336   1.00 3.74 ? 210 TYR P HD2  1 
ATOM   1897 H HE1  . TYR B 2 10  ? -2.559  17.374  12.686  1.00 5.09 ? 210 TYR P HE1  1 
ATOM   1898 H HE2  . TYR B 2 10  ? -5.725  15.390  10.567  1.00 5.07 ? 210 TYR P HE2  1 
ATOM   1899 H HH   . TYR B 2 10  ? -2.932  14.828  12.198  1.00 6.11 ? 210 TYR P HH   1 
ATOM   1900 N N    . LEU B 2 11  ? -2.992  21.966  10.294  1.00 4.19 ? 211 LEU P N    1 
ATOM   1901 C CA   . LEU B 2 11  ? -1.985  22.609  11.184  1.00 5.15 ? 211 LEU P CA   1 
ATOM   1902 C C    . LEU B 2 11  ? -1.843  21.792  12.469  1.00 5.53 ? 211 LEU P C    1 
ATOM   1903 O O    . LEU B 2 11  ? -2.854  21.543  13.105  1.00 5.35 ? 211 LEU P O    1 
ATOM   1904 C CB   . LEU B 2 11  ? -2.443  24.027  11.530  1.00 5.62 ? 211 LEU P CB   1 
ATOM   1905 C CG   . LEU B 2 11  ? -1.472  25.041  10.922  1.00 6.44 ? 211 LEU P CG   1 
ATOM   1906 C CD1  . LEU B 2 11  ? -1.913  26.458  11.295  1.00 6.92 ? 211 LEU P CD1  1 
ATOM   1907 C CD2  . LEU B 2 11  ? -0.064  24.787  11.463  1.00 7.14 ? 211 LEU P CD2  1 
ATOM   1908 O OXT  . LEU B 2 11  ? -0.726  21.427  12.795  1.00 6.33 ? 211 LEU P OXT  1 
ATOM   1909 H H    . LEU B 2 11  ? -3.892  22.346  10.218  1.00 4.03 ? 211 LEU P H    1 
ATOM   1910 H HA   . LEU B 2 11  ? -1.032  22.652  10.678  1.00 5.61 ? 211 LEU P HA   1 
ATOM   1911 H HB2  . LEU B 2 11  ? -3.434  24.193  11.132  1.00 5.31 ? 211 LEU P HB2  1 
ATOM   1912 H HB3  . LEU B 2 11  ? -2.460  24.148  12.603  1.00 6.01 ? 211 LEU P HB3  1 
ATOM   1913 H HG   . LEU B 2 11  ? -1.468  24.936  9.847   1.00 6.56 ? 211 LEU P HG   1 
ATOM   1914 H HD11 . LEU B 2 11  ? -2.693  26.407  12.040  1.00 7.20 ? 211 LEU P HD11 1 
ATOM   1915 H HD12 . LEU B 2 11  ? -1.071  27.004  11.691  1.00 6.90 ? 211 LEU P HD12 1 
ATOM   1916 H HD13 . LEU B 2 11  ? -2.288  26.961  10.416  1.00 7.33 ? 211 LEU P HD13 1 
ATOM   1917 H HD21 . LEU B 2 11  ? -0.122  24.528  12.511  1.00 7.47 ? 211 LEU P HD21 1 
ATOM   1918 H HD22 . LEU B 2 11  ? 0.391   23.974  10.916  1.00 7.34 ? 211 LEU P HD22 1 
ATOM   1919 H HD23 . LEU B 2 11  ? 0.534   25.678  11.346  1.00 7.42 ? 211 LEU P HD23 1 
# 
